data_3F1I
# 
_entry.id   3F1I 
# 
_audit_conform.dict_name       mmcif_pdbx.dic 
_audit_conform.dict_version    5.383 
_audit_conform.dict_location   http://mmcif.pdb.org/dictionaries/ascii/mmcif_pdbx.dic 
# 
loop_
_database_2.database_id 
_database_2.database_code 
_database_2.pdbx_database_accession 
_database_2.pdbx_DOI 
PDB   3F1I         pdb_00003f1i 10.2210/pdb3f1i/pdb 
RCSB  RCSB050028   ?            ?                   
WWPDB D_1000050028 ?            ?                   
# 
loop_
_pdbx_audit_revision_history.ordinal 
_pdbx_audit_revision_history.data_content_type 
_pdbx_audit_revision_history.major_revision 
_pdbx_audit_revision_history.minor_revision 
_pdbx_audit_revision_history.revision_date 
1 'Structure model' 1 0 2009-03-24 
2 'Structure model' 1 1 2011-07-13 
3 'Structure model' 1 2 2023-12-27 
# 
_pdbx_audit_revision_details.ordinal             1 
_pdbx_audit_revision_details.revision_ordinal    1 
_pdbx_audit_revision_details.data_content_type   'Structure model' 
_pdbx_audit_revision_details.provider            repository 
_pdbx_audit_revision_details.type                'Initial release' 
_pdbx_audit_revision_details.description         ? 
_pdbx_audit_revision_details.details             ? 
# 
loop_
_pdbx_audit_revision_group.ordinal 
_pdbx_audit_revision_group.revision_ordinal 
_pdbx_audit_revision_group.data_content_type 
_pdbx_audit_revision_group.group 
1 2 'Structure model' Advisory                    
2 2 'Structure model' 'Version format compliance' 
3 3 'Structure model' 'Data collection'           
4 3 'Structure model' 'Database references'       
# 
loop_
_pdbx_audit_revision_category.ordinal 
_pdbx_audit_revision_category.revision_ordinal 
_pdbx_audit_revision_category.data_content_type 
_pdbx_audit_revision_category.category 
1 3 'Structure model' chem_comp_atom 
2 3 'Structure model' chem_comp_bond 
3 3 'Structure model' database_2     
# 
loop_
_pdbx_audit_revision_item.ordinal 
_pdbx_audit_revision_item.revision_ordinal 
_pdbx_audit_revision_item.data_content_type 
_pdbx_audit_revision_item.item 
1 3 'Structure model' '_database_2.pdbx_DOI'                
2 3 'Structure model' '_database_2.pdbx_database_accession' 
# 
_pdbx_database_status.entry_id                        3F1I 
_pdbx_database_status.deposit_site                    RCSB 
_pdbx_database_status.process_site                    RCSB 
_pdbx_database_status.recvd_initial_deposition_date   2008-10-28 
_pdbx_database_status.status_code                     REL 
_pdbx_database_status.status_code_sf                  REL 
_pdbx_database_status.status_code_mr                  ? 
_pdbx_database_status.SG_entry                        ? 
_pdbx_database_status.pdb_format_compatible           Y 
_pdbx_database_status.status_code_cs                  ? 
_pdbx_database_status.status_code_nmr_data            ? 
_pdbx_database_status.methods_development_category    ? 
# 
loop_
_audit_author.name 
_audit_author.pdbx_ordinal 
'Ren, X.'       1 
'Kloer, D.P.'   2 
'Kim, Y.'       3 
'Ghirlando, R.' 4 
'Saidi, L.'     5 
'Hummer, G.'    6 
'Hurley, J.H.'  7 
# 
_citation.id                        primary 
_citation.title                     'Hybrid Structural Model of the Complete Human ESCRT-0 Complex.' 
_citation.journal_abbrev            Structure 
_citation.journal_volume            17 
_citation.page_first                406 
_citation.page_last                 416 
_citation.year                      2009 
_citation.journal_id_ASTM           STRUE6 
_citation.country                   UK 
_citation.journal_id_ISSN           0969-2126 
_citation.journal_id_CSD            2005 
_citation.book_publisher            ? 
_citation.pdbx_database_id_PubMed   19278655 
_citation.pdbx_database_id_DOI      10.1016/j.str.2009.01.012 
# 
loop_
_citation_author.citation_id 
_citation_author.name 
_citation_author.ordinal 
_citation_author.identifier_ORCID 
primary 'Ren, X.'       1 ? 
primary 'Kloer, D.P.'   2 ? 
primary 'Kim, Y.C.'     3 ? 
primary 'Ghirlando, R.' 4 ? 
primary 'Saidi, L.F.'   5 ? 
primary 'Hummer, G.'    6 ? 
primary 'Hurley, J.H.'  7 ? 
# 
loop_
_entity.id 
_entity.type 
_entity.src_method 
_entity.pdbx_description 
_entity.formula_weight 
_entity.pdbx_number_of_molecules 
_entity.pdbx_ec 
_entity.pdbx_mutation 
_entity.pdbx_fragment 
_entity.details 
1 polymer man 'Hepatocyte growth factor-regulated tyrosine kinase substrate' 11393.910 1  ? ? 'Helical domain' ? 
2 polymer man 'Signal transducing adapter molecule 1'                        8965.172  2  ? ? 'Helical domain' ? 
3 water   nat water                                                          18.015    28 ? ? ?                ? 
# 
loop_
_entity_name_com.entity_id 
_entity_name_com.name 
1 'Protein pp110, Hrs' 
2 STAM-1               
# 
loop_
_entity_poly.entity_id 
_entity_poly.type 
_entity_poly.nstd_linkage 
_entity_poly.nstd_monomer 
_entity_poly.pdbx_seq_one_letter_code 
_entity_poly.pdbx_seq_one_letter_code_can 
_entity_poly.pdbx_strand_id 
_entity_poly.pdbx_target_identifier 
1 'polypeptide(L)' no no 
;SHEQFLKALQNAVTTFVNRMKSNHMRGRSITNDSAVLSLFQSINGMHPQLLELLNQLDERRLYYEGLQDKLAQIRDARGA
LSALREEHREKLRRAAEE
;
;SHEQFLKALQNAVTTFVNRMKSNHMRGRSITNDSAVLSLFQSINGMHPQLLELLNQLDERRLYYEGLQDKLAQIRDARGA
LSALREEHREKLRRAAEE
;
H   ? 
2 'polypeptide(L)' no no FIDEDKMDQLLQMLQSTDPSDDQPDLPELLHLEAMCHQMGPLIDEKLEDIDRKHSELSELNVKVMEALSLYTKLMNE                         
FIDEDKMDQLLQMLQSTDPSDDQPDLPELLHLEAMCHQMGPLIDEKLEDIDRKHSELSELNVKVMEALSLYTKLMNE                         S,C ? 
# 
_pdbx_entity_nonpoly.entity_id   3 
_pdbx_entity_nonpoly.name        water 
_pdbx_entity_nonpoly.comp_id     HOH 
# 
loop_
_entity_poly_seq.entity_id 
_entity_poly_seq.num 
_entity_poly_seq.mon_id 
_entity_poly_seq.hetero 
1 1  SER n 
1 2  HIS n 
1 3  GLU n 
1 4  GLN n 
1 5  PHE n 
1 6  LEU n 
1 7  LYS n 
1 8  ALA n 
1 9  LEU n 
1 10 GLN n 
1 11 ASN n 
1 12 ALA n 
1 13 VAL n 
1 14 THR n 
1 15 THR n 
1 16 PHE n 
1 17 VAL n 
1 18 ASN n 
1 19 ARG n 
1 20 MET n 
1 21 LYS n 
1 22 SER n 
1 23 ASN n 
1 24 HIS n 
1 25 MET n 
1 26 ARG n 
1 27 GLY n 
1 28 ARG n 
1 29 SER n 
1 30 ILE n 
1 31 THR n 
1 32 ASN n 
1 33 ASP n 
1 34 SER n 
1 35 ALA n 
1 36 VAL n 
1 37 LEU n 
1 38 SER n 
1 39 LEU n 
1 40 PHE n 
1 41 GLN n 
1 42 SER n 
1 43 ILE n 
1 44 ASN n 
1 45 GLY n 
1 46 MET n 
1 47 HIS n 
1 48 PRO n 
1 49 GLN n 
1 50 LEU n 
1 51 LEU n 
1 52 GLU n 
1 53 LEU n 
1 54 LEU n 
1 55 ASN n 
1 56 GLN n 
1 57 LEU n 
1 58 ASP n 
1 59 GLU n 
1 60 ARG n 
1 61 ARG n 
1 62 LEU n 
1 63 TYR n 
1 64 TYR n 
1 65 GLU n 
1 66 GLY n 
1 67 LEU n 
1 68 GLN n 
1 69 ASP n 
1 70 LYS n 
1 71 LEU n 
1 72 ALA n 
1 73 GLN n 
1 74 ILE n 
1 75 ARG n 
1 76 ASP n 
1 77 ALA n 
1 78 ARG n 
1 79 GLY n 
1 80 ALA n 
1 81 LEU n 
1 82 SER n 
1 83 ALA n 
1 84 LEU n 
1 85 ARG n 
1 86 GLU n 
1 87 GLU n 
1 88 HIS n 
1 89 ARG n 
1 90 GLU n 
1 91 LYS n 
1 92 LEU n 
1 93 ARG n 
1 94 ARG n 
1 95 ALA n 
1 96 ALA n 
1 97 GLU n 
1 98 GLU n 
2 1  PHE n 
2 2  ILE n 
2 3  ASP n 
2 4  GLU n 
2 5  ASP n 
2 6  LYS n 
2 7  MET n 
2 8  ASP n 
2 9  GLN n 
2 10 LEU n 
2 11 LEU n 
2 12 GLN n 
2 13 MET n 
2 14 LEU n 
2 15 GLN n 
2 16 SER n 
2 17 THR n 
2 18 ASP n 
2 19 PRO n 
2 20 SER n 
2 21 ASP n 
2 22 ASP n 
2 23 GLN n 
2 24 PRO n 
2 25 ASP n 
2 26 LEU n 
2 27 PRO n 
2 28 GLU n 
2 29 LEU n 
2 30 LEU n 
2 31 HIS n 
2 32 LEU n 
2 33 GLU n 
2 34 ALA n 
2 35 MET n 
2 36 CYS n 
2 37 HIS n 
2 38 GLN n 
2 39 MET n 
2 40 GLY n 
2 41 PRO n 
2 42 LEU n 
2 43 ILE n 
2 44 ASP n 
2 45 GLU n 
2 46 LYS n 
2 47 LEU n 
2 48 GLU n 
2 49 ASP n 
2 50 ILE n 
2 51 ASP n 
2 52 ARG n 
2 53 LYS n 
2 54 HIS n 
2 55 SER n 
2 56 GLU n 
2 57 LEU n 
2 58 SER n 
2 59 GLU n 
2 60 LEU n 
2 61 ASN n 
2 62 VAL n 
2 63 LYS n 
2 64 VAL n 
2 65 MET n 
2 66 GLU n 
2 67 ALA n 
2 68 LEU n 
2 69 SER n 
2 70 LEU n 
2 71 TYR n 
2 72 THR n 
2 73 LYS n 
2 74 LEU n 
2 75 MET n 
2 76 ASN n 
2 77 GLU n 
# 
loop_
_entity_src_gen.entity_id 
_entity_src_gen.pdbx_src_id 
_entity_src_gen.pdbx_alt_source_flag 
_entity_src_gen.pdbx_seq_type 
_entity_src_gen.pdbx_beg_seq_num 
_entity_src_gen.pdbx_end_seq_num 
_entity_src_gen.gene_src_common_name 
_entity_src_gen.gene_src_genus 
_entity_src_gen.pdbx_gene_src_gene 
_entity_src_gen.gene_src_species 
_entity_src_gen.gene_src_strain 
_entity_src_gen.gene_src_tissue 
_entity_src_gen.gene_src_tissue_fraction 
_entity_src_gen.gene_src_details 
_entity_src_gen.pdbx_gene_src_fragment 
_entity_src_gen.pdbx_gene_src_scientific_name 
_entity_src_gen.pdbx_gene_src_ncbi_taxonomy_id 
_entity_src_gen.pdbx_gene_src_variant 
_entity_src_gen.pdbx_gene_src_cell_line 
_entity_src_gen.pdbx_gene_src_atcc 
_entity_src_gen.pdbx_gene_src_organ 
_entity_src_gen.pdbx_gene_src_organelle 
_entity_src_gen.pdbx_gene_src_cell 
_entity_src_gen.pdbx_gene_src_cellular_location 
_entity_src_gen.host_org_common_name 
_entity_src_gen.pdbx_host_org_scientific_name 
_entity_src_gen.pdbx_host_org_ncbi_taxonomy_id 
_entity_src_gen.host_org_genus 
_entity_src_gen.pdbx_host_org_gene 
_entity_src_gen.pdbx_host_org_organ 
_entity_src_gen.host_org_species 
_entity_src_gen.pdbx_host_org_tissue 
_entity_src_gen.pdbx_host_org_tissue_fraction 
_entity_src_gen.pdbx_host_org_strain 
_entity_src_gen.pdbx_host_org_variant 
_entity_src_gen.pdbx_host_org_cell_line 
_entity_src_gen.pdbx_host_org_atcc 
_entity_src_gen.pdbx_host_org_culture_collection 
_entity_src_gen.pdbx_host_org_cell 
_entity_src_gen.pdbx_host_org_organelle 
_entity_src_gen.pdbx_host_org_cellular_location 
_entity_src_gen.pdbx_host_org_vector_type 
_entity_src_gen.pdbx_host_org_vector 
_entity_src_gen.host_org_details 
_entity_src_gen.expression_system_id 
_entity_src_gen.plasmid_name 
_entity_src_gen.plasmid_details 
_entity_src_gen.pdbx_description 
1 1 sample ? ? ? human ? 'Hepatocyte growth factor regulated tyrosine kinase substrate (HGS), HGS, HRS' ? ? ? ? ? ? 'Homo sapiens' 
9606 ? ? ? ? ? ? ? ? 'Escherichia coli' 562 ? ? ? ? ? ? 'Rosetta 2 (DE3) pLys' ? ? ? ? ? ? ? PLASIMD ? ? ? pST39 ? ? 
2 1 sample ? ? ? human ? 'Signal transducing adaptor molecule (STAM), STAM, STAM1'                      ? ? ? ? ? ? 'Homo sapiens' 
9606 ? ? ? ? ? ? ? ? 'Escherichia coli' 562 ? ? ? ? ? ? 'Rosetta 2 (DE3) pLys' ? ? ? ? ? ? ? PLASMID ? ? ? pST39 ? ? 
# 
loop_
_chem_comp.id 
_chem_comp.type 
_chem_comp.mon_nstd_flag 
_chem_comp.name 
_chem_comp.pdbx_synonyms 
_chem_comp.formula 
_chem_comp.formula_weight 
ALA 'L-peptide linking' y ALANINE         ? 'C3 H7 N O2'     89.093  
ARG 'L-peptide linking' y ARGININE        ? 'C6 H15 N4 O2 1' 175.209 
ASN 'L-peptide linking' y ASPARAGINE      ? 'C4 H8 N2 O3'    132.118 
ASP 'L-peptide linking' y 'ASPARTIC ACID' ? 'C4 H7 N O4'     133.103 
CYS 'L-peptide linking' y CYSTEINE        ? 'C3 H7 N O2 S'   121.158 
GLN 'L-peptide linking' y GLUTAMINE       ? 'C5 H10 N2 O3'   146.144 
GLU 'L-peptide linking' y 'GLUTAMIC ACID' ? 'C5 H9 N O4'     147.129 
GLY 'peptide linking'   y GLYCINE         ? 'C2 H5 N O2'     75.067  
HIS 'L-peptide linking' y HISTIDINE       ? 'C6 H10 N3 O2 1' 156.162 
HOH non-polymer         . WATER           ? 'H2 O'           18.015  
ILE 'L-peptide linking' y ISOLEUCINE      ? 'C6 H13 N O2'    131.173 
LEU 'L-peptide linking' y LEUCINE         ? 'C6 H13 N O2'    131.173 
LYS 'L-peptide linking' y LYSINE          ? 'C6 H15 N2 O2 1' 147.195 
MET 'L-peptide linking' y METHIONINE      ? 'C5 H11 N O2 S'  149.211 
PHE 'L-peptide linking' y PHENYLALANINE   ? 'C9 H11 N O2'    165.189 
PRO 'L-peptide linking' y PROLINE         ? 'C5 H9 N O2'     115.130 
SER 'L-peptide linking' y SERINE          ? 'C3 H7 N O3'     105.093 
THR 'L-peptide linking' y THREONINE       ? 'C4 H9 N O3'     119.119 
TYR 'L-peptide linking' y TYROSINE        ? 'C9 H11 N O3'    181.189 
VAL 'L-peptide linking' y VALINE          ? 'C5 H11 N O2'    117.146 
# 
loop_
_pdbx_poly_seq_scheme.asym_id 
_pdbx_poly_seq_scheme.entity_id 
_pdbx_poly_seq_scheme.seq_id 
_pdbx_poly_seq_scheme.mon_id 
_pdbx_poly_seq_scheme.ndb_seq_num 
_pdbx_poly_seq_scheme.pdb_seq_num 
_pdbx_poly_seq_scheme.auth_seq_num 
_pdbx_poly_seq_scheme.pdb_mon_id 
_pdbx_poly_seq_scheme.auth_mon_id 
_pdbx_poly_seq_scheme.pdb_strand_id 
_pdbx_poly_seq_scheme.pdb_ins_code 
_pdbx_poly_seq_scheme.hetero 
A 1 1  SER 1  404 404 SER SER H . n 
A 1 2  HIS 2  405 405 HIS HIS H . n 
A 1 3  GLU 3  406 406 GLU GLU H . n 
A 1 4  GLN 4  407 407 GLN GLN H . n 
A 1 5  PHE 5  408 408 PHE PHE H . n 
A 1 6  LEU 6  409 409 LEU LEU H . n 
A 1 7  LYS 7  410 410 LYS LYS H . n 
A 1 8  ALA 8  411 411 ALA ALA H . n 
A 1 9  LEU 9  412 412 LEU LEU H . n 
A 1 10 GLN 10 413 413 GLN GLN H . n 
A 1 11 ASN 11 414 414 ASN ASN H . n 
A 1 12 ALA 12 415 415 ALA ALA H . n 
A 1 13 VAL 13 416 416 VAL VAL H . n 
A 1 14 THR 14 417 417 THR THR H . n 
A 1 15 THR 15 418 418 THR THR H . n 
A 1 16 PHE 16 419 419 PHE PHE H . n 
A 1 17 VAL 17 420 420 VAL VAL H . n 
A 1 18 ASN 18 421 421 ASN ASN H . n 
A 1 19 ARG 19 422 422 ARG ARG H . n 
A 1 20 MET 20 423 423 MET MET H . n 
A 1 21 LYS 21 424 424 LYS LYS H . n 
A 1 22 SER 22 425 425 SER SER H . n 
A 1 23 ASN 23 426 426 ASN ASN H . n 
A 1 24 HIS 24 427 427 HIS HIS H . n 
A 1 25 MET 25 428 428 MET MET H . n 
A 1 26 ARG 26 429 429 ARG ARG H . n 
A 1 27 GLY 27 430 430 GLY GLY H . n 
A 1 28 ARG 28 431 431 ARG ARG H . n 
A 1 29 SER 29 432 432 SER SER H . n 
A 1 30 ILE 30 433 433 ILE ILE H . n 
A 1 31 THR 31 434 434 THR THR H . n 
A 1 32 ASN 32 435 435 ASN ASN H . n 
A 1 33 ASP 33 436 436 ASP ASP H . n 
A 1 34 SER 34 437 437 SER SER H . n 
A 1 35 ALA 35 438 438 ALA ALA H . n 
A 1 36 VAL 36 439 439 VAL VAL H . n 
A 1 37 LEU 37 440 440 LEU LEU H . n 
A 1 38 SER 38 441 441 SER SER H . n 
A 1 39 LEU 39 442 442 LEU LEU H . n 
A 1 40 PHE 40 443 443 PHE PHE H . n 
A 1 41 GLN 41 444 444 GLN GLN H . n 
A 1 42 SER 42 445 445 SER SER H . n 
A 1 43 ILE 43 446 446 ILE ILE H . n 
A 1 44 ASN 44 447 447 ASN ASN H . n 
A 1 45 GLY 45 448 448 GLY GLY H . n 
A 1 46 MET 46 449 449 MET MET H . n 
A 1 47 HIS 47 450 450 HIS HIS H . n 
A 1 48 PRO 48 451 451 PRO PRO H . n 
A 1 49 GLN 49 452 452 GLN GLN H . n 
A 1 50 LEU 50 453 453 LEU LEU H . n 
A 1 51 LEU 51 454 454 LEU LEU H . n 
A 1 52 GLU 52 455 455 GLU GLU H . n 
A 1 53 LEU 53 456 456 LEU LEU H . n 
A 1 54 LEU 54 457 457 LEU LEU H . n 
A 1 55 ASN 55 458 458 ASN ASN H . n 
A 1 56 GLN 56 459 459 GLN GLN H . n 
A 1 57 LEU 57 460 460 LEU LEU H . n 
A 1 58 ASP 58 461 461 ASP ASP H . n 
A 1 59 GLU 59 462 462 GLU GLU H . n 
A 1 60 ARG 60 463 463 ARG ARG H . n 
A 1 61 ARG 61 464 464 ARG ARG H . n 
A 1 62 LEU 62 465 465 LEU LEU H . n 
A 1 63 TYR 63 466 466 TYR TYR H . n 
A 1 64 TYR 64 467 467 TYR TYR H . n 
A 1 65 GLU 65 468 468 GLU GLU H . n 
A 1 66 GLY 66 469 469 GLY GLY H . n 
A 1 67 LEU 67 470 470 LEU LEU H . n 
A 1 68 GLN 68 471 471 GLN GLN H . n 
A 1 69 ASP 69 472 472 ASP ASP H . n 
A 1 70 LYS 70 473 473 LYS LYS H . n 
A 1 71 LEU 71 474 474 LEU LEU H . n 
A 1 72 ALA 72 475 475 ALA ALA H . n 
A 1 73 GLN 73 476 476 GLN GLN H . n 
A 1 74 ILE 74 477 477 ILE ILE H . n 
A 1 75 ARG 75 478 478 ARG ARG H . n 
A 1 76 ASP 76 479 479 ASP ASP H . n 
A 1 77 ALA 77 480 480 ALA ALA H . n 
A 1 78 ARG 78 481 481 ARG ARG H . n 
A 1 79 GLY 79 482 482 GLY GLY H . n 
A 1 80 ALA 80 483 483 ALA ALA H . n 
A 1 81 LEU 81 484 484 LEU LEU H . n 
A 1 82 SER 82 485 485 SER SER H . n 
A 1 83 ALA 83 486 486 ALA ALA H . n 
A 1 84 LEU 84 487 487 LEU LEU H . n 
A 1 85 ARG 85 488 488 ARG ARG H . n 
A 1 86 GLU 86 489 489 GLU GLU H . n 
A 1 87 GLU 87 490 490 GLU GLU H . n 
A 1 88 HIS 88 491 491 HIS HIS H . n 
A 1 89 ARG 89 492 492 ARG ARG H . n 
A 1 90 GLU 90 493 493 GLU GLU H . n 
A 1 91 LYS 91 494 494 LYS LYS H . n 
A 1 92 LEU 92 495 495 LEU LEU H . n 
A 1 93 ARG 93 496 496 ARG ARG H . n 
A 1 94 ARG 94 497 497 ARG ARG H . n 
A 1 95 ALA 95 498 498 ALA ALA H . n 
A 1 96 ALA 96 499 499 ALA ALA H . n 
A 1 97 GLU 97 500 500 GLU GLU H . n 
A 1 98 GLU 98 501 501 GLU GLU H . n 
B 2 1  PHE 1  301 301 PHE PHE S . n 
B 2 2  ILE 2  302 302 ILE ILE S . n 
B 2 3  ASP 3  303 303 ASP ASP S . n 
B 2 4  GLU 4  304 304 GLU GLU S . n 
B 2 5  ASP 5  305 305 ASP ASP S . n 
B 2 6  LYS 6  306 306 LYS LYS S . n 
B 2 7  MET 7  307 307 MET MET S . n 
B 2 8  ASP 8  308 308 ASP ASP S . n 
B 2 9  GLN 9  309 309 GLN GLN S . n 
B 2 10 LEU 10 310 310 LEU LEU S . n 
B 2 11 LEU 11 311 311 LEU LEU S . n 
B 2 12 GLN 12 312 312 GLN GLN S . n 
B 2 13 MET 13 313 313 MET MET S . n 
B 2 14 LEU 14 314 314 LEU LEU S . n 
B 2 15 GLN 15 315 315 GLN GLN S . n 
B 2 16 SER 16 316 316 SER SER S . n 
B 2 17 THR 17 317 317 THR THR S . n 
B 2 18 ASP 18 318 318 ASP ASP S . n 
B 2 19 PRO 19 319 319 PRO PRO S . n 
B 2 20 SER 20 320 320 SER SER S . n 
B 2 21 ASP 21 321 321 ASP ASP S . n 
B 2 22 ASP 22 322 322 ASP ASP S . n 
B 2 23 GLN 23 323 323 GLN GLN S . n 
B 2 24 PRO 24 324 324 PRO PRO S . n 
B 2 25 ASP 25 325 325 ASP ASP S . n 
B 2 26 LEU 26 326 326 LEU LEU S . n 
B 2 27 PRO 27 327 327 PRO PRO S . n 
B 2 28 GLU 28 328 328 GLU GLU S . n 
B 2 29 LEU 29 329 329 LEU LEU S . n 
B 2 30 LEU 30 330 330 LEU LEU S . n 
B 2 31 HIS 31 331 331 HIS HIS S . n 
B 2 32 LEU 32 332 332 LEU LEU S . n 
B 2 33 GLU 33 333 333 GLU GLU S . n 
B 2 34 ALA 34 334 334 ALA ALA S . n 
B 2 35 MET 35 335 335 MET MET S . n 
B 2 36 CYS 36 336 336 CYS CYS S . n 
B 2 37 HIS 37 337 337 HIS HIS S . n 
B 2 38 GLN 38 338 338 GLN GLN S . n 
B 2 39 MET 39 339 339 MET MET S . n 
B 2 40 GLY 40 340 340 GLY GLY S . n 
B 2 41 PRO 41 341 341 PRO PRO S . n 
B 2 42 LEU 42 342 342 LEU LEU S . n 
B 2 43 ILE 43 343 343 ILE ILE S . n 
B 2 44 ASP 44 344 344 ASP ASP S . n 
B 2 45 GLU 45 345 345 GLU GLU S . n 
B 2 46 LYS 46 346 346 LYS LYS S . n 
B 2 47 LEU 47 347 347 LEU LEU S . n 
B 2 48 GLU 48 348 348 GLU GLU S . n 
B 2 49 ASP 49 349 349 ASP ASP S . n 
B 2 50 ILE 50 350 350 ILE ILE S . n 
B 2 51 ASP 51 351 351 ASP ASP S . n 
B 2 52 ARG 52 352 352 ARG ARG S . n 
B 2 53 LYS 53 353 353 LYS LYS S . n 
B 2 54 HIS 54 354 354 HIS HIS S . n 
B 2 55 SER 55 355 355 SER SER S . n 
B 2 56 GLU 56 356 356 GLU GLU S . n 
B 2 57 LEU 57 357 357 LEU LEU S . n 
B 2 58 SER 58 358 358 SER SER S . n 
B 2 59 GLU 59 359 359 GLU GLU S . n 
B 2 60 LEU 60 360 360 LEU LEU S . n 
B 2 61 ASN 61 361 361 ASN ASN S . n 
B 2 62 VAL 62 362 362 VAL VAL S . n 
B 2 63 LYS 63 363 363 LYS LYS S . n 
B 2 64 VAL 64 364 364 VAL VAL S . n 
B 2 65 MET 65 365 365 MET MET S . n 
B 2 66 GLU 66 366 366 GLU GLU S . n 
B 2 67 ALA 67 367 367 ALA ALA S . n 
B 2 68 LEU 68 368 368 LEU LEU S . n 
B 2 69 SER 69 369 369 SER SER S . n 
B 2 70 LEU 70 370 370 LEU LEU S . n 
B 2 71 TYR 71 371 371 TYR TYR S . n 
B 2 72 THR 72 372 372 THR THR S . n 
B 2 73 LYS 73 373 373 LYS LYS S . n 
B 2 74 LEU 74 374 374 LEU LEU S . n 
B 2 75 MET 75 375 375 MET MET S . n 
B 2 76 ASN 76 376 376 ASN ASN S . n 
B 2 77 GLU 77 377 377 GLU GLU S . n 
C 2 1  PHE 1  301 ?   ?   ?   C . n 
C 2 2  ILE 2  302 ?   ?   ?   C . n 
C 2 3  ASP 3  303 ?   ?   ?   C . n 
C 2 4  GLU 4  304 ?   ?   ?   C . n 
C 2 5  ASP 5  305 ?   ?   ?   C . n 
C 2 6  LYS 6  306 ?   ?   ?   C . n 
C 2 7  MET 7  307 ?   ?   ?   C . n 
C 2 8  ASP 8  308 ?   ?   ?   C . n 
C 2 9  GLN 9  309 ?   ?   ?   C . n 
C 2 10 LEU 10 310 ?   ?   ?   C . n 
C 2 11 LEU 11 311 ?   ?   ?   C . n 
C 2 12 GLN 12 312 ?   ?   ?   C . n 
C 2 13 MET 13 313 ?   ?   ?   C . n 
C 2 14 LEU 14 314 ?   ?   ?   C . n 
C 2 15 GLN 15 315 ?   ?   ?   C . n 
C 2 16 SER 16 316 ?   ?   ?   C . n 
C 2 17 THR 17 317 ?   ?   ?   C . n 
C 2 18 ASP 18 318 ?   ?   ?   C . n 
C 2 19 PRO 19 319 ?   ?   ?   C . n 
C 2 20 SER 20 320 ?   ?   ?   C . n 
C 2 21 ASP 21 321 ?   ?   ?   C . n 
C 2 22 ASP 22 322 ?   ?   ?   C . n 
C 2 23 GLN 23 323 ?   ?   ?   C . n 
C 2 24 PRO 24 324 ?   ?   ?   C . n 
C 2 25 ASP 25 325 ?   ?   ?   C . n 
C 2 26 LEU 26 326 ?   ?   ?   C . n 
C 2 27 PRO 27 327 ?   ?   ?   C . n 
C 2 28 GLU 28 328 ?   ?   ?   C . n 
C 2 29 LEU 29 329 ?   ?   ?   C . n 
C 2 30 LEU 30 330 ?   ?   ?   C . n 
C 2 31 HIS 31 331 ?   ?   ?   C . n 
C 2 32 LEU 32 332 ?   ?   ?   C . n 
C 2 33 GLU 33 333 ?   ?   ?   C . n 
C 2 34 ALA 34 334 ?   ?   ?   C . n 
C 2 35 MET 35 335 ?   ?   ?   C . n 
C 2 36 CYS 36 336 ?   ?   ?   C . n 
C 2 37 HIS 37 337 ?   ?   ?   C . n 
C 2 38 GLN 38 338 338 GLN GLN C . n 
C 2 39 MET 39 339 339 MET MET C . n 
C 2 40 GLY 40 340 340 GLY GLY C . n 
C 2 41 PRO 41 341 341 PRO PRO C . n 
C 2 42 LEU 42 342 342 LEU LEU C . n 
C 2 43 ILE 43 343 343 ILE ILE C . n 
C 2 44 ASP 44 344 344 ASP ASP C . n 
C 2 45 GLU 45 345 345 GLU GLU C . n 
C 2 46 LYS 46 346 346 LYS LYS C . n 
C 2 47 LEU 47 347 347 LEU LEU C . n 
C 2 48 GLU 48 348 348 GLU GLU C . n 
C 2 49 ASP 49 349 349 ASP ASP C . n 
C 2 50 ILE 50 350 350 ILE ILE C . n 
C 2 51 ASP 51 351 351 ASP ASP C . n 
C 2 52 ARG 52 352 352 ARG ARG C . n 
C 2 53 LYS 53 353 353 LYS LYS C . n 
C 2 54 HIS 54 354 354 HIS HIS C . n 
C 2 55 SER 55 355 355 SER SER C . n 
C 2 56 GLU 56 356 356 GLU GLU C . n 
C 2 57 LEU 57 357 357 LEU LEU C . n 
C 2 58 SER 58 358 358 SER SER C . n 
C 2 59 GLU 59 359 359 GLU GLU C . n 
C 2 60 LEU 60 360 360 LEU LEU C . n 
C 2 61 ASN 61 361 361 ASN ASN C . n 
C 2 62 VAL 62 362 ?   ?   ?   C . n 
C 2 63 LYS 63 363 ?   ?   ?   C . n 
C 2 64 VAL 64 364 ?   ?   ?   C . n 
C 2 65 MET 65 365 ?   ?   ?   C . n 
C 2 66 GLU 66 366 ?   ?   ?   C . n 
C 2 67 ALA 67 367 ?   ?   ?   C . n 
C 2 68 LEU 68 368 ?   ?   ?   C . n 
C 2 69 SER 69 369 ?   ?   ?   C . n 
C 2 70 LEU 70 370 ?   ?   ?   C . n 
C 2 71 TYR 71 371 ?   ?   ?   C . n 
C 2 72 THR 72 372 ?   ?   ?   C . n 
C 2 73 LYS 73 373 ?   ?   ?   C . n 
C 2 74 LEU 74 374 ?   ?   ?   C . n 
C 2 75 MET 75 375 ?   ?   ?   C . n 
C 2 76 ASN 76 376 ?   ?   ?   C . n 
C 2 77 GLU 77 377 ?   ?   ?   C . n 
# 
loop_
_pdbx_nonpoly_scheme.asym_id 
_pdbx_nonpoly_scheme.entity_id 
_pdbx_nonpoly_scheme.mon_id 
_pdbx_nonpoly_scheme.ndb_seq_num 
_pdbx_nonpoly_scheme.pdb_seq_num 
_pdbx_nonpoly_scheme.auth_seq_num 
_pdbx_nonpoly_scheme.pdb_mon_id 
_pdbx_nonpoly_scheme.auth_mon_id 
_pdbx_nonpoly_scheme.pdb_strand_id 
_pdbx_nonpoly_scheme.pdb_ins_code 
D 3 HOH 1  3  3  HOH HOH H . 
D 3 HOH 2  4  4  HOH HOH H . 
D 3 HOH 3  7  7  HOH HOH H . 
D 3 HOH 4  8  8  HOH HOH H . 
D 3 HOH 5  10 10 HOH HOH H . 
D 3 HOH 6  11 11 HOH HOH H . 
D 3 HOH 7  12 12 HOH HOH H . 
D 3 HOH 8  14 14 HOH HOH H . 
D 3 HOH 9  16 16 HOH HOH H . 
D 3 HOH 10 17 17 HOH HOH H . 
D 3 HOH 11 18 18 HOH HOH H . 
D 3 HOH 12 19 19 HOH HOH H . 
D 3 HOH 13 20 20 HOH HOH H . 
D 3 HOH 14 21 21 HOH HOH H . 
D 3 HOH 15 22 22 HOH HOH H . 
D 3 HOH 16 23 23 HOH HOH H . 
D 3 HOH 17 24 24 HOH HOH H . 
D 3 HOH 18 26 26 HOH HOH H . 
D 3 HOH 19 27 27 HOH HOH H . 
D 3 HOH 20 28 28 HOH HOH H . 
E 3 HOH 1  1  1  HOH HOH S . 
E 3 HOH 2  2  2  HOH HOH S . 
E 3 HOH 3  5  5  HOH HOH S . 
E 3 HOH 4  9  9  HOH HOH S . 
E 3 HOH 5  13 13 HOH HOH S . 
E 3 HOH 6  15 15 HOH HOH S . 
E 3 HOH 7  25 25 HOH HOH S . 
F 3 HOH 1  6  6  HOH HOH C . 
# 
loop_
_software.name 
_software.version 
_software.date 
_software.type 
_software.contact_author 
_software.contact_author_email 
_software.classification 
_software.location 
_software.language 
_software.citation_id 
_software.pdbx_ordinal 
REFMAC      5.2.0019 ?               program 'Garib N. Murshudov' garib@ysbl.york.ac.uk refinement        
http://www.ccp4.ac.uk/dist/html/refmac5.html Fortran_77 ? 1 
PDB_EXTRACT 3.006    'June 11, 2008' package PDB                  help@deposit.rcsb.org 'data extraction' 
http://sw-tools.pdb.org/apps/PDB_EXTRACT/    C++        ? 2 
HKL-2000    .        ?               ?       ?                    ?                     'data collection' ? ?          ? 3 
XDS         .        ?               ?       ?                    ?                     'data reduction'  ? ?          ? 4 
XSCALE      .        ?               ?       ?                    ?                     'data scaling'    ? ?          ? 5 
SHARP       .        ?               ?       ?                    ?                     phasing           ? ?          ? 6 
# 
_cell.entry_id           3F1I 
_cell.length_a           78.059 
_cell.length_b           78.059 
_cell.length_c           152.849 
_cell.angle_alpha        90.00 
_cell.angle_beta         90.00 
_cell.angle_gamma        90.00 
_cell.Z_PDB              16 
_cell.pdbx_unique_axis   ? 
_cell.length_a_esd       ? 
_cell.length_b_esd       ? 
_cell.length_c_esd       ? 
_cell.angle_alpha_esd    ? 
_cell.angle_beta_esd     ? 
_cell.angle_gamma_esd    ? 
# 
_symmetry.entry_id                         3F1I 
_symmetry.space_group_name_H-M             'I 41' 
_symmetry.pdbx_full_space_group_name_H-M   ? 
_symmetry.cell_setting                     ? 
_symmetry.Int_Tables_number                80 
_symmetry.space_group_name_Hall            ? 
# 
_exptl.entry_id          3F1I 
_exptl.method            'X-RAY DIFFRACTION' 
_exptl.crystals_number   1 
# 
_exptl_crystal.id                    1 
_exptl_crystal.density_meas          ? 
_exptl_crystal.density_Matthews      3.97 
_exptl_crystal.density_percent_sol   69.02 
_exptl_crystal.description           ? 
_exptl_crystal.F_000                 ? 
_exptl_crystal.preparation           ? 
# 
_exptl_crystal_grow.crystal_id      1 
_exptl_crystal_grow.method          'VAPOR DIFFUSION, HANGING DROP' 
_exptl_crystal_grow.temp            294 
_exptl_crystal_grow.temp_details    ? 
_exptl_crystal_grow.pH              5.0 
_exptl_crystal_grow.pdbx_pH_range   ? 
_exptl_crystal_grow.pdbx_details    
'14% MPD, 100 mM CaCl2, 0.1 M sodium acetate, pH 5.0, VAPOR DIFFUSION, HANGING DROP, temperature 294K' 
# 
_diffrn.id                     1 
_diffrn.ambient_temp           100 
_diffrn.ambient_temp_details   ? 
_diffrn.crystal_id             1 
# 
_diffrn_detector.diffrn_id              1 
_diffrn_detector.detector               CCD 
_diffrn_detector.type                   ? 
_diffrn_detector.pdbx_collection_date   2008-06-11 
_diffrn_detector.details                ? 
# 
_diffrn_radiation.diffrn_id                        1 
_diffrn_radiation.wavelength_id                    1 
_diffrn_radiation.pdbx_monochromatic_or_laue_m_l   M 
_diffrn_radiation.monochromator                    ? 
_diffrn_radiation.pdbx_diffrn_protocol             'SINGLE WAVELENGTH' 
_diffrn_radiation.pdbx_scattering_type             x-ray 
# 
_diffrn_radiation_wavelength.id           1 
_diffrn_radiation_wavelength.wavelength   1.0000 
_diffrn_radiation_wavelength.wt           1.0 
# 
_diffrn_source.diffrn_id                   1 
_diffrn_source.source                      SYNCHROTRON 
_diffrn_source.type                        'APS BEAMLINE 22-ID' 
_diffrn_source.pdbx_synchrotron_site       APS 
_diffrn_source.pdbx_synchrotron_beamline   22-ID 
_diffrn_source.pdbx_wavelength             ? 
_diffrn_source.pdbx_wavelength_list        1.0000 
# 
_reflns.entry_id                     3F1I 
_reflns.observed_criterion_sigma_I   ? 
_reflns.observed_criterion_sigma_F   ? 
_reflns.d_resolution_low             69.50 
_reflns.d_resolution_high            2.3 
_reflns.number_obs                   20041 
_reflns.number_all                   ? 
_reflns.percent_possible_obs         ? 
_reflns.pdbx_Rmerge_I_obs            ? 
_reflns.pdbx_Rsym_value              0.077 
_reflns.pdbx_netI_over_sigmaI        23.4 
_reflns.B_iso_Wilson_estimate        ? 
_reflns.pdbx_redundancy              7.5 
_reflns.R_free_details               ? 
_reflns.limit_h_max                  ? 
_reflns.limit_h_min                  ? 
_reflns.limit_k_max                  ? 
_reflns.limit_k_min                  ? 
_reflns.limit_l_max                  ? 
_reflns.limit_l_min                  ? 
_reflns.observed_criterion_F_max     ? 
_reflns.observed_criterion_F_min     ? 
_reflns.pdbx_chi_squared             ? 
_reflns.pdbx_scaling_rejects         ? 
_reflns.pdbx_ordinal                 1 
_reflns.pdbx_diffrn_id               1 
# 
_reflns_shell.d_res_high             2.30 
_reflns_shell.d_res_low              2.38 
_reflns_shell.percent_possible_all   ? 
_reflns_shell.Rmerge_I_obs           ? 
_reflns_shell.pdbx_Rsym_value        0.325 
_reflns_shell.meanI_over_sigI_obs    4.2 
_reflns_shell.pdbx_redundancy        6.0 
_reflns_shell.percent_possible_obs   ? 
_reflns_shell.number_unique_all      ? 
_reflns_shell.number_measured_all    ? 
_reflns_shell.number_measured_obs    ? 
_reflns_shell.number_unique_obs      ? 
_reflns_shell.pdbx_chi_squared       ? 
_reflns_shell.pdbx_ordinal           1 
_reflns_shell.pdbx_diffrn_id         1 
# 
_refine.entry_id                                 3F1I 
_refine.ls_number_reflns_obs                     19005 
_refine.ls_number_reflns_all                     ? 
_refine.pdbx_ls_sigma_I                          ? 
_refine.pdbx_ls_sigma_F                          ? 
_refine.pdbx_data_cutoff_high_absF               ? 
_refine.pdbx_data_cutoff_low_absF                ? 
_refine.pdbx_data_cutoff_high_rms_absF           ? 
_refine.ls_d_res_low                             44.77 
_refine.ls_d_res_high                            2.30 
_refine.ls_percent_reflns_obs                    99.24 
_refine.ls_R_factor_obs                          0.23941 
_refine.ls_R_factor_all                          ? 
_refine.ls_R_factor_R_work                       0.23871 
_refine.ls_R_factor_R_free                       0.25305 
_refine.ls_R_factor_R_free_error                 ? 
_refine.ls_R_factor_R_free_error_details         ? 
_refine.ls_percent_reflns_R_free                 5.1 
_refine.ls_number_reflns_R_free                  1019 
_refine.ls_number_parameters                     ? 
_refine.ls_number_restraints                     ? 
_refine.occupancy_min                            1.00 
_refine.occupancy_max                            1.00 
_refine.correlation_coeff_Fo_to_Fc               0.926 
_refine.correlation_coeff_Fo_to_Fc_free          0.926 
_refine.B_iso_mean                               52.794 
_refine.aniso_B[1][1]                            1.29 
_refine.aniso_B[2][2]                            1.29 
_refine.aniso_B[3][3]                            -2.58 
_refine.aniso_B[1][2]                            0.00 
_refine.aniso_B[1][3]                            0.00 
_refine.aniso_B[2][3]                            0.00 
_refine.solvent_model_details                    'BABINET MODEL WITH MASK' 
_refine.solvent_model_param_ksol                 ? 
_refine.solvent_model_param_bsol                 ? 
_refine.pdbx_solvent_vdw_probe_radii             1.40 
_refine.pdbx_solvent_ion_probe_radii             0.80 
_refine.pdbx_solvent_shrinkage_radii             0.80 
_refine.pdbx_ls_cross_valid_method               THROUGHOUT 
_refine.details                                  'HYDROGENS HAVE BEEN ADDED IN THE RIDING POSITIONS' 
_refine.pdbx_starting_model                      ? 
_refine.pdbx_method_to_determine_struct          SIRAS 
_refine.pdbx_isotropic_thermal_model             ? 
_refine.pdbx_stereochemistry_target_values       'MAXIMUM LIKELIHOOD' 
_refine.pdbx_stereochem_target_val_spec_case     ? 
_refine.pdbx_R_Free_selection_details            RANDOM 
_refine.pdbx_overall_ESU_R                       0.204 
_refine.pdbx_overall_ESU_R_Free                  0.175 
_refine.overall_SU_ML                            0.134 
_refine.pdbx_overall_phase_error                 ? 
_refine.overall_SU_B                             10.815 
_refine.pdbx_refine_id                           'X-RAY DIFFRACTION' 
_refine.ls_redundancy_reflns_obs                 ? 
_refine.B_iso_min                                ? 
_refine.B_iso_max                                ? 
_refine.overall_SU_R_Cruickshank_DPI             ? 
_refine.overall_SU_R_free                        ? 
_refine.ls_wR_factor_R_free                      ? 
_refine.ls_wR_factor_R_work                      ? 
_refine.overall_FOM_free_R_set                   ? 
_refine.overall_FOM_work_R_set                   ? 
_refine.pdbx_TLS_residual_ADP_flag               'LIKELY RESIDUAL' 
_refine.pdbx_diffrn_id                           1 
_refine.pdbx_overall_SU_R_free_Cruickshank_DPI   ? 
_refine.pdbx_overall_SU_R_Blow_DPI               ? 
_refine.pdbx_overall_SU_R_free_Blow_DPI          ? 
# 
_refine_hist.pdbx_refine_id                   'X-RAY DIFFRACTION' 
_refine_hist.cycle_id                         LAST 
_refine_hist.pdbx_number_atoms_protein        1614 
_refine_hist.pdbx_number_atoms_nucleic_acid   0 
_refine_hist.pdbx_number_atoms_ligand         0 
_refine_hist.number_atoms_solvent             28 
_refine_hist.number_atoms_total               1642 
_refine_hist.d_res_high                       2.30 
_refine_hist.d_res_low                        44.77 
# 
loop_
_refine_ls_restr.type 
_refine_ls_restr.dev_ideal 
_refine_ls_restr.dev_ideal_target 
_refine_ls_restr.weight 
_refine_ls_restr.number 
_refine_ls_restr.pdbx_refine_id 
_refine_ls_restr.pdbx_restraint_function 
r_bond_refined_d             0.015  0.021  ? 1632 'X-RAY DIFFRACTION' ? 
r_bond_other_d               0.001  0.020  ? 1135 'X-RAY DIFFRACTION' ? 
r_angle_refined_deg          1.388  1.989  ? 2188 'X-RAY DIFFRACTION' ? 
r_angle_other_deg            0.938  3.000  ? 2782 'X-RAY DIFFRACTION' ? 
r_dihedral_angle_1_deg       4.974  5.000  ? 196  'X-RAY DIFFRACTION' ? 
r_dihedral_angle_2_deg       35.919 25.393 ? 89   'X-RAY DIFFRACTION' ? 
r_dihedral_angle_3_deg       16.136 15.000 ? 331  'X-RAY DIFFRACTION' ? 
r_dihedral_angle_4_deg       13.944 15.000 ? 13   'X-RAY DIFFRACTION' ? 
r_chiral_restr               0.077  0.200  ? 244  'X-RAY DIFFRACTION' ? 
r_gen_planes_refined         0.005  0.020  ? 1787 'X-RAY DIFFRACTION' ? 
r_gen_planes_other           0.001  0.020  ? 290  'X-RAY DIFFRACTION' ? 
r_nbd_refined                0.212  0.200  ? 371  'X-RAY DIFFRACTION' ? 
r_nbd_other                  0.163  0.200  ? 1047 'X-RAY DIFFRACTION' ? 
r_nbtor_refined              0.167  0.200  ? 770  'X-RAY DIFFRACTION' ? 
r_nbtor_other                0.086  0.200  ? 863  'X-RAY DIFFRACTION' ? 
r_xyhbond_nbd_refined        0.182  0.200  ? 30   'X-RAY DIFFRACTION' ? 
r_xyhbond_nbd_other          ?      ?      ? ?    'X-RAY DIFFRACTION' ? 
r_metal_ion_refined          ?      ?      ? ?    'X-RAY DIFFRACTION' ? 
r_metal_ion_other            ?      ?      ? ?    'X-RAY DIFFRACTION' ? 
r_symmetry_vdw_refined       0.357  0.200  ? 17   'X-RAY DIFFRACTION' ? 
r_symmetry_vdw_other         0.286  0.200  ? 21   'X-RAY DIFFRACTION' ? 
r_symmetry_hbond_refined     0.139  0.200  ? 6    'X-RAY DIFFRACTION' ? 
r_symmetry_hbond_other       ?      ?      ? ?    'X-RAY DIFFRACTION' ? 
r_symmetry_metal_ion_refined ?      ?      ? ?    'X-RAY DIFFRACTION' ? 
r_symmetry_metal_ion_other   ?      ?      ? ?    'X-RAY DIFFRACTION' ? 
r_mcbond_it                  0.852  1.500  ? 1316 'X-RAY DIFFRACTION' ? 
r_mcbond_other               0.173  1.500  ? 395  'X-RAY DIFFRACTION' ? 
r_mcangle_it                 1.000  2.000  ? 1590 'X-RAY DIFFRACTION' ? 
r_scbond_it                  2.132  3.000  ? 699  'X-RAY DIFFRACTION' ? 
r_scangle_it                 3.098  4.500  ? 598  'X-RAY DIFFRACTION' ? 
r_rigid_bond_restr           ?      ?      ? ?    'X-RAY DIFFRACTION' ? 
r_sphericity_free            ?      ?      ? ?    'X-RAY DIFFRACTION' ? 
r_sphericity_bonded          ?      ?      ? ?    'X-RAY DIFFRACTION' ? 
# 
_refine_ls_shell.pdbx_total_number_of_bins_used   20 
_refine_ls_shell.d_res_high                       2.30 
_refine_ls_shell.d_res_low                        2.363 
_refine_ls_shell.number_reflns_R_work             1301 
_refine_ls_shell.R_factor_R_work                  0.233 
_refine_ls_shell.percent_reflns_obs               93.04 
_refine_ls_shell.R_factor_R_free                  0.286 
_refine_ls_shell.R_factor_R_free_error            ? 
_refine_ls_shell.percent_reflns_R_free            ? 
_refine_ls_shell.number_reflns_R_free             75 
_refine_ls_shell.number_reflns_all                ? 
_refine_ls_shell.R_factor_all                     ? 
_refine_ls_shell.pdbx_refine_id                   'X-RAY DIFFRACTION' 
_refine_ls_shell.redundancy_reflns_obs            ? 
_refine_ls_shell.number_reflns_obs                ? 
# 
_struct.entry_id                  3F1I 
_struct.title                     'Human ESCRT-0 Core Complex' 
_struct.pdbx_model_details        ? 
_struct.pdbx_CASP_flag            ? 
_struct.pdbx_model_type_details   ? 
# 
_struct_keywords.entry_id        3F1I 
_struct_keywords.text            
;HGS, STAM, ESCRT, ubiquitin, MVB, Endosome, Membrane, Metal-binding, Phosphoprotein, Protein transport, Transport, Zinc-finger, SH3 domain, PROTEIN BINDING
;
_struct_keywords.pdbx_keywords   'PROTEIN BINDING' 
# 
loop_
_struct_asym.id 
_struct_asym.pdbx_blank_PDB_chainid_flag 
_struct_asym.pdbx_modified 
_struct_asym.entity_id 
_struct_asym.details 
A N N 1 ? 
B N N 2 ? 
C N N 2 ? 
D N N 3 ? 
E N N 3 ? 
F N N 3 ? 
# 
loop_
_struct_ref.id 
_struct_ref.db_name 
_struct_ref.db_code 
_struct_ref.pdbx_db_accession 
_struct_ref.entity_id 
_struct_ref.pdbx_seq_one_letter_code 
_struct_ref.pdbx_align_begin 
_struct_ref.pdbx_db_isoform 
1 UNP HGS_HUMAN   O14964 1 
;SHEQFLKALQNAVTTFVNRMKSNHMRGRSITNDSAVLSLFQSINGMHPQLLELLNQLDERRLYYEGLQDKLAQIRDARGA
LSALREEHREKLRRAAEE
;
404 ? 
2 UNP STAM1_HUMAN Q92783 2 FIDEDKMDQLLQMLQSTDPSDDQPDLPELLHLEAMCHQMGPLIDEKLEDIDRKHSELSELNVKVMEALSLYTKLMNE                         
301 ? 
# 
loop_
_struct_ref_seq.align_id 
_struct_ref_seq.ref_id 
_struct_ref_seq.pdbx_PDB_id_code 
_struct_ref_seq.pdbx_strand_id 
_struct_ref_seq.seq_align_beg 
_struct_ref_seq.pdbx_seq_align_beg_ins_code 
_struct_ref_seq.seq_align_end 
_struct_ref_seq.pdbx_seq_align_end_ins_code 
_struct_ref_seq.pdbx_db_accession 
_struct_ref_seq.db_align_beg 
_struct_ref_seq.pdbx_db_align_beg_ins_code 
_struct_ref_seq.db_align_end 
_struct_ref_seq.pdbx_db_align_end_ins_code 
_struct_ref_seq.pdbx_auth_seq_align_beg 
_struct_ref_seq.pdbx_auth_seq_align_end 
1 1 3F1I H 1 ? 98 ? O14964 404 ? 501 ? 404 501 
2 2 3F1I S 1 ? 77 ? Q92783 301 ? 377 ? 301 377 
3 2 3F1I C 1 ? 77 ? Q92783 301 ? 377 ? 301 377 
# 
_pdbx_struct_assembly.id                   1 
_pdbx_struct_assembly.details              author_and_software_defined_assembly 
_pdbx_struct_assembly.method_details       PISA 
_pdbx_struct_assembly.oligomeric_details   trimeric 
_pdbx_struct_assembly.oligomeric_count     3 
# 
loop_
_pdbx_struct_assembly_prop.biol_id 
_pdbx_struct_assembly_prop.type 
_pdbx_struct_assembly_prop.value 
_pdbx_struct_assembly_prop.details 
1 'ABSA (A^2)' 4910  ? 
1 MORE         -42   ? 
1 'SSA (A^2)'  13120 ? 
# 
_pdbx_struct_assembly_gen.assembly_id       1 
_pdbx_struct_assembly_gen.oper_expression   1 
_pdbx_struct_assembly_gen.asym_id_list      A,B,C,D,E,F 
# 
_pdbx_struct_oper_list.id                   1 
_pdbx_struct_oper_list.type                 'identity operation' 
_pdbx_struct_oper_list.name                 1_555 
_pdbx_struct_oper_list.symmetry_operation   x,y,z 
_pdbx_struct_oper_list.matrix[1][1]         1.0000000000 
_pdbx_struct_oper_list.matrix[1][2]         0.0000000000 
_pdbx_struct_oper_list.matrix[1][3]         0.0000000000 
_pdbx_struct_oper_list.vector[1]            0.0000000000 
_pdbx_struct_oper_list.matrix[2][1]         0.0000000000 
_pdbx_struct_oper_list.matrix[2][2]         1.0000000000 
_pdbx_struct_oper_list.matrix[2][3]         0.0000000000 
_pdbx_struct_oper_list.vector[2]            0.0000000000 
_pdbx_struct_oper_list.matrix[3][1]         0.0000000000 
_pdbx_struct_oper_list.matrix[3][2]         0.0000000000 
_pdbx_struct_oper_list.matrix[3][3]         1.0000000000 
_pdbx_struct_oper_list.vector[3]            0.0000000000 
# 
_struct_biol.id        1 
_struct_biol.details   ? 
# 
loop_
_struct_conf.conf_type_id 
_struct_conf.id 
_struct_conf.pdbx_PDB_helix_id 
_struct_conf.beg_label_comp_id 
_struct_conf.beg_label_asym_id 
_struct_conf.beg_label_seq_id 
_struct_conf.pdbx_beg_PDB_ins_code 
_struct_conf.end_label_comp_id 
_struct_conf.end_label_asym_id 
_struct_conf.end_label_seq_id 
_struct_conf.pdbx_end_PDB_ins_code 
_struct_conf.beg_auth_comp_id 
_struct_conf.beg_auth_asym_id 
_struct_conf.beg_auth_seq_id 
_struct_conf.end_auth_comp_id 
_struct_conf.end_auth_asym_id 
_struct_conf.end_auth_seq_id 
_struct_conf.pdbx_PDB_helix_class 
_struct_conf.details 
_struct_conf.pdbx_PDB_helix_length 
HELX_P HELX_P1 1 SER A 1  ? ARG A 26 ? SER H 404 ARG H 429 1 ? 26 
HELX_P HELX_P2 2 SER A 29 ? ASN A 32 ? SER H 432 ASN H 435 5 ? 4  
HELX_P HELX_P3 3 ASP A 33 ? GLU A 97 ? ASP H 436 GLU H 500 1 ? 65 
HELX_P HELX_P4 4 ASP B 3  ? SER B 16 ? ASP S 303 SER S 316 1 ? 14 
HELX_P HELX_P5 5 LEU B 26 ? ASN B 76 ? LEU S 326 ASN S 376 1 ? 51 
HELX_P HELX_P6 6 GLN C 38 ? ASN C 61 ? GLN C 338 ASN C 361 1 ? 24 
# 
_struct_conf_type.id          HELX_P 
_struct_conf_type.criteria    ? 
_struct_conf_type.reference   ? 
# 
_pdbx_validate_symm_contact.id                1 
_pdbx_validate_symm_contact.PDB_model_num     1 
_pdbx_validate_symm_contact.auth_atom_id_1    OD2 
_pdbx_validate_symm_contact.auth_asym_id_1    H 
_pdbx_validate_symm_contact.auth_comp_id_1    ASP 
_pdbx_validate_symm_contact.auth_seq_id_1     472 
_pdbx_validate_symm_contact.PDB_ins_code_1    ? 
_pdbx_validate_symm_contact.label_alt_id_1    ? 
_pdbx_validate_symm_contact.site_symmetry_1   1_555 
_pdbx_validate_symm_contact.auth_atom_id_2    OD2 
_pdbx_validate_symm_contact.auth_asym_id_2    H 
_pdbx_validate_symm_contact.auth_comp_id_2    ASP 
_pdbx_validate_symm_contact.auth_seq_id_2     479 
_pdbx_validate_symm_contact.PDB_ins_code_2    ? 
_pdbx_validate_symm_contact.label_alt_id_2    ? 
_pdbx_validate_symm_contact.site_symmetry_2   6_555 
_pdbx_validate_symm_contact.dist              1.80 
# 
_pdbx_validate_rmsd_bond.id                        1 
_pdbx_validate_rmsd_bond.PDB_model_num             1 
_pdbx_validate_rmsd_bond.auth_atom_id_1            CD 
_pdbx_validate_rmsd_bond.auth_asym_id_1            H 
_pdbx_validate_rmsd_bond.auth_comp_id_1            GLU 
_pdbx_validate_rmsd_bond.auth_seq_id_1             493 
_pdbx_validate_rmsd_bond.PDB_ins_code_1            ? 
_pdbx_validate_rmsd_bond.label_alt_id_1            ? 
_pdbx_validate_rmsd_bond.auth_atom_id_2            OE1 
_pdbx_validate_rmsd_bond.auth_asym_id_2            H 
_pdbx_validate_rmsd_bond.auth_comp_id_2            GLU 
_pdbx_validate_rmsd_bond.auth_seq_id_2             493 
_pdbx_validate_rmsd_bond.PDB_ins_code_2            ? 
_pdbx_validate_rmsd_bond.label_alt_id_2            ? 
_pdbx_validate_rmsd_bond.bond_value                1.349 
_pdbx_validate_rmsd_bond.bond_target_value         1.252 
_pdbx_validate_rmsd_bond.bond_deviation            0.097 
_pdbx_validate_rmsd_bond.bond_standard_deviation   0.011 
_pdbx_validate_rmsd_bond.linker_flag               N 
# 
loop_
_pdbx_refine_tls.id 
_pdbx_refine_tls.details 
_pdbx_refine_tls.method 
_pdbx_refine_tls.origin_x 
_pdbx_refine_tls.origin_y 
_pdbx_refine_tls.origin_z 
_pdbx_refine_tls.T[1][1] 
_pdbx_refine_tls.T[2][2] 
_pdbx_refine_tls.T[3][3] 
_pdbx_refine_tls.T[1][2] 
_pdbx_refine_tls.T[1][3] 
_pdbx_refine_tls.T[2][3] 
_pdbx_refine_tls.L[1][1] 
_pdbx_refine_tls.L[2][2] 
_pdbx_refine_tls.L[3][3] 
_pdbx_refine_tls.L[1][2] 
_pdbx_refine_tls.L[1][3] 
_pdbx_refine_tls.L[2][3] 
_pdbx_refine_tls.S[1][1] 
_pdbx_refine_tls.S[1][2] 
_pdbx_refine_tls.S[1][3] 
_pdbx_refine_tls.S[2][1] 
_pdbx_refine_tls.S[2][2] 
_pdbx_refine_tls.S[2][3] 
_pdbx_refine_tls.S[3][1] 
_pdbx_refine_tls.S[3][2] 
_pdbx_refine_tls.S[3][3] 
_pdbx_refine_tls.pdbx_refine_id 
1 ? refined -8.6709 0.9329   -1.2259  0.4807  0.4784  0.4977  -0.0004 0.0012  -0.0017 1.3233  1.1487  1.8052  -0.0449  0.2124  -0.0903  -0.0082 -0.1823 -0.0653 0.1572  0.0071  -0.0112 0.0348  0.0175  0.0010  'X-RAY DIFFRACTION' 
2 ? refined -6.1805 21.6813  -20.9447 -0.1649 -0.1999 -0.0998 -0.0012 -0.0037 0.1244  15.0319 6.6314  11.4339 -2.3468  9.5038  -3.8293  -0.3822 0.9873  0.4769  0.1405  -0.4113 -0.9570 -0.8972 0.3263  0.7935  'X-RAY DIFFRACTION' 
3 ? refined 4.4788  6.3410   -9.9658  -0.1826 -0.1618 -0.0214 0.0616  0.0841  0.1302  2.4554  21.0210 27.8099 -7.0040  7.9569  -23.8678 -0.0145 0.4753  0.6322  -0.2946 -0.6399 -0.8260 0.3803  0.6481  0.6544  'X-RAY DIFFRACTION' 
4 ? refined 0.9857  -26.5146 22.2760  -0.2594 -0.0299 -0.0268 -0.0396 -0.0230 0.1458  4.5004  37.7660 24.8410 6.3313   -4.9961 -25.3511 -0.0054 -0.7704 -0.7686 0.5768  0.2611  0.3197  0.1855  -0.7181 -0.2557 'X-RAY DIFFRACTION' 
5 ? refined 11.6197 -15.6788 18.1942  -0.1165 -0.1104 -0.2397 -0.0375 -0.0909 -0.0249 4.3619  21.1334 11.4750 -0.5161  0.2594  -12.2930 0.0151  -0.3706 -0.0171 1.3298  -0.0292 -0.2912 -0.9573 0.3330  0.0141  'X-RAY DIFFRACTION' 
6 ? refined 2.9274  -1.3597  10.6658  0.0444  -0.1755 -0.1318 0.1090  0.0931  -0.0596 8.2540  18.2604 49.2985 -10.1831 19.0923 -28.7913 -0.3875 -0.7583 0.2042  1.3581  0.7089  0.1912  -1.5561 -1.1217 -0.3214 'X-RAY DIFFRACTION' 
7 ? refined -7.3789 12.0680  -24.9800 -0.0909 -0.0034 -0.0532 0.1409  0.0264  -0.0822 11.2596 8.6258  26.1084 -3.1586  7.7440  -8.9618  0.2513  1.5592  -0.9715 -1.1051 -0.5522 0.2157  1.1200  0.1687  0.3009  'X-RAY DIFFRACTION' 
# 
loop_
_pdbx_refine_tls_group.id 
_pdbx_refine_tls_group.refine_tls_id 
_pdbx_refine_tls_group.beg_auth_asym_id 
_pdbx_refine_tls_group.beg_auth_seq_id 
_pdbx_refine_tls_group.beg_label_asym_id 
_pdbx_refine_tls_group.beg_label_seq_id 
_pdbx_refine_tls_group.end_auth_asym_id 
_pdbx_refine_tls_group.end_auth_seq_id 
_pdbx_refine_tls_group.end_label_asym_id 
_pdbx_refine_tls_group.end_label_seq_id 
_pdbx_refine_tls_group.selection 
_pdbx_refine_tls_group.selection_details 
_pdbx_refine_tls_group.pdbx_refine_id 
1 1 C 64  ? ? C 90  ? ? ? ? 'X-RAY DIFFRACTION' 
2 2 H 404 ? ? H 439 ? ? ? ? 'X-RAY DIFFRACTION' 
3 3 H 440 ? ? H 472 ? ? ? ? 'X-RAY DIFFRACTION' 
4 4 H 473 ? ? H 501 ? ? ? ? 'X-RAY DIFFRACTION' 
5 5 S 301 ? ? S 324 ? ? ? ? 'X-RAY DIFFRACTION' 
6 6 S 325 ? ? S 359 ? ? ? ? 'X-RAY DIFFRACTION' 
7 7 S 360 ? ? S 377 ? ? ? ? 'X-RAY DIFFRACTION' 
# 
loop_
_pdbx_unobs_or_zero_occ_residues.id 
_pdbx_unobs_or_zero_occ_residues.PDB_model_num 
_pdbx_unobs_or_zero_occ_residues.polymer_flag 
_pdbx_unobs_or_zero_occ_residues.occupancy_flag 
_pdbx_unobs_or_zero_occ_residues.auth_asym_id 
_pdbx_unobs_or_zero_occ_residues.auth_comp_id 
_pdbx_unobs_or_zero_occ_residues.auth_seq_id 
_pdbx_unobs_or_zero_occ_residues.PDB_ins_code 
_pdbx_unobs_or_zero_occ_residues.label_asym_id 
_pdbx_unobs_or_zero_occ_residues.label_comp_id 
_pdbx_unobs_or_zero_occ_residues.label_seq_id 
1  1 Y 1 C PHE 301 ? C PHE 1  
2  1 Y 1 C ILE 302 ? C ILE 2  
3  1 Y 1 C ASP 303 ? C ASP 3  
4  1 Y 1 C GLU 304 ? C GLU 4  
5  1 Y 1 C ASP 305 ? C ASP 5  
6  1 Y 1 C LYS 306 ? C LYS 6  
7  1 Y 1 C MET 307 ? C MET 7  
8  1 Y 1 C ASP 308 ? C ASP 8  
9  1 Y 1 C GLN 309 ? C GLN 9  
10 1 Y 1 C LEU 310 ? C LEU 10 
11 1 Y 1 C LEU 311 ? C LEU 11 
12 1 Y 1 C GLN 312 ? C GLN 12 
13 1 Y 1 C MET 313 ? C MET 13 
14 1 Y 1 C LEU 314 ? C LEU 14 
15 1 Y 1 C GLN 315 ? C GLN 15 
16 1 Y 1 C SER 316 ? C SER 16 
17 1 Y 1 C THR 317 ? C THR 17 
18 1 Y 1 C ASP 318 ? C ASP 18 
19 1 Y 1 C PRO 319 ? C PRO 19 
20 1 Y 1 C SER 320 ? C SER 20 
21 1 Y 1 C ASP 321 ? C ASP 21 
22 1 Y 1 C ASP 322 ? C ASP 22 
23 1 Y 1 C GLN 323 ? C GLN 23 
24 1 Y 1 C PRO 324 ? C PRO 24 
25 1 Y 1 C ASP 325 ? C ASP 25 
26 1 Y 1 C LEU 326 ? C LEU 26 
27 1 Y 1 C PRO 327 ? C PRO 27 
28 1 Y 1 C GLU 328 ? C GLU 28 
29 1 Y 1 C LEU 329 ? C LEU 29 
30 1 Y 1 C LEU 330 ? C LEU 30 
31 1 Y 1 C HIS 331 ? C HIS 31 
32 1 Y 1 C LEU 332 ? C LEU 32 
33 1 Y 1 C GLU 333 ? C GLU 33 
34 1 Y 1 C ALA 334 ? C ALA 34 
35 1 Y 1 C MET 335 ? C MET 35 
36 1 Y 1 C CYS 336 ? C CYS 36 
37 1 Y 1 C HIS 337 ? C HIS 37 
38 1 Y 1 C VAL 362 ? C VAL 62 
39 1 Y 1 C LYS 363 ? C LYS 63 
40 1 Y 1 C VAL 364 ? C VAL 64 
41 1 Y 1 C MET 365 ? C MET 65 
42 1 Y 1 C GLU 366 ? C GLU 66 
43 1 Y 1 C ALA 367 ? C ALA 67 
44 1 Y 1 C LEU 368 ? C LEU 68 
45 1 Y 1 C SER 369 ? C SER 69 
46 1 Y 1 C LEU 370 ? C LEU 70 
47 1 Y 1 C TYR 371 ? C TYR 71 
48 1 Y 1 C THR 372 ? C THR 72 
49 1 Y 1 C LYS 373 ? C LYS 73 
50 1 Y 1 C LEU 374 ? C LEU 74 
51 1 Y 1 C MET 375 ? C MET 75 
52 1 Y 1 C ASN 376 ? C ASN 76 
53 1 Y 1 C GLU 377 ? C GLU 77 
# 
loop_
_chem_comp_atom.comp_id 
_chem_comp_atom.atom_id 
_chem_comp_atom.type_symbol 
_chem_comp_atom.pdbx_aromatic_flag 
_chem_comp_atom.pdbx_stereo_config 
_chem_comp_atom.pdbx_ordinal 
ALA N    N N N 1   
ALA CA   C N S 2   
ALA C    C N N 3   
ALA O    O N N 4   
ALA CB   C N N 5   
ALA OXT  O N N 6   
ALA H    H N N 7   
ALA H2   H N N 8   
ALA HA   H N N 9   
ALA HB1  H N N 10  
ALA HB2  H N N 11  
ALA HB3  H N N 12  
ALA HXT  H N N 13  
ARG N    N N N 14  
ARG CA   C N S 15  
ARG C    C N N 16  
ARG O    O N N 17  
ARG CB   C N N 18  
ARG CG   C N N 19  
ARG CD   C N N 20  
ARG NE   N N N 21  
ARG CZ   C N N 22  
ARG NH1  N N N 23  
ARG NH2  N N N 24  
ARG OXT  O N N 25  
ARG H    H N N 26  
ARG H2   H N N 27  
ARG HA   H N N 28  
ARG HB2  H N N 29  
ARG HB3  H N N 30  
ARG HG2  H N N 31  
ARG HG3  H N N 32  
ARG HD2  H N N 33  
ARG HD3  H N N 34  
ARG HE   H N N 35  
ARG HH11 H N N 36  
ARG HH12 H N N 37  
ARG HH21 H N N 38  
ARG HH22 H N N 39  
ARG HXT  H N N 40  
ASN N    N N N 41  
ASN CA   C N S 42  
ASN C    C N N 43  
ASN O    O N N 44  
ASN CB   C N N 45  
ASN CG   C N N 46  
ASN OD1  O N N 47  
ASN ND2  N N N 48  
ASN OXT  O N N 49  
ASN H    H N N 50  
ASN H2   H N N 51  
ASN HA   H N N 52  
ASN HB2  H N N 53  
ASN HB3  H N N 54  
ASN HD21 H N N 55  
ASN HD22 H N N 56  
ASN HXT  H N N 57  
ASP N    N N N 58  
ASP CA   C N S 59  
ASP C    C N N 60  
ASP O    O N N 61  
ASP CB   C N N 62  
ASP CG   C N N 63  
ASP OD1  O N N 64  
ASP OD2  O N N 65  
ASP OXT  O N N 66  
ASP H    H N N 67  
ASP H2   H N N 68  
ASP HA   H N N 69  
ASP HB2  H N N 70  
ASP HB3  H N N 71  
ASP HD2  H N N 72  
ASP HXT  H N N 73  
CYS N    N N N 74  
CYS CA   C N R 75  
CYS C    C N N 76  
CYS O    O N N 77  
CYS CB   C N N 78  
CYS SG   S N N 79  
CYS OXT  O N N 80  
CYS H    H N N 81  
CYS H2   H N N 82  
CYS HA   H N N 83  
CYS HB2  H N N 84  
CYS HB3  H N N 85  
CYS HG   H N N 86  
CYS HXT  H N N 87  
GLN N    N N N 88  
GLN CA   C N S 89  
GLN C    C N N 90  
GLN O    O N N 91  
GLN CB   C N N 92  
GLN CG   C N N 93  
GLN CD   C N N 94  
GLN OE1  O N N 95  
GLN NE2  N N N 96  
GLN OXT  O N N 97  
GLN H    H N N 98  
GLN H2   H N N 99  
GLN HA   H N N 100 
GLN HB2  H N N 101 
GLN HB3  H N N 102 
GLN HG2  H N N 103 
GLN HG3  H N N 104 
GLN HE21 H N N 105 
GLN HE22 H N N 106 
GLN HXT  H N N 107 
GLU N    N N N 108 
GLU CA   C N S 109 
GLU C    C N N 110 
GLU O    O N N 111 
GLU CB   C N N 112 
GLU CG   C N N 113 
GLU CD   C N N 114 
GLU OE1  O N N 115 
GLU OE2  O N N 116 
GLU OXT  O N N 117 
GLU H    H N N 118 
GLU H2   H N N 119 
GLU HA   H N N 120 
GLU HB2  H N N 121 
GLU HB3  H N N 122 
GLU HG2  H N N 123 
GLU HG3  H N N 124 
GLU HE2  H N N 125 
GLU HXT  H N N 126 
GLY N    N N N 127 
GLY CA   C N N 128 
GLY C    C N N 129 
GLY O    O N N 130 
GLY OXT  O N N 131 
GLY H    H N N 132 
GLY H2   H N N 133 
GLY HA2  H N N 134 
GLY HA3  H N N 135 
GLY HXT  H N N 136 
HIS N    N N N 137 
HIS CA   C N S 138 
HIS C    C N N 139 
HIS O    O N N 140 
HIS CB   C N N 141 
HIS CG   C Y N 142 
HIS ND1  N Y N 143 
HIS CD2  C Y N 144 
HIS CE1  C Y N 145 
HIS NE2  N Y N 146 
HIS OXT  O N N 147 
HIS H    H N N 148 
HIS H2   H N N 149 
HIS HA   H N N 150 
HIS HB2  H N N 151 
HIS HB3  H N N 152 
HIS HD1  H N N 153 
HIS HD2  H N N 154 
HIS HE1  H N N 155 
HIS HE2  H N N 156 
HIS HXT  H N N 157 
HOH O    O N N 158 
HOH H1   H N N 159 
HOH H2   H N N 160 
ILE N    N N N 161 
ILE CA   C N S 162 
ILE C    C N N 163 
ILE O    O N N 164 
ILE CB   C N S 165 
ILE CG1  C N N 166 
ILE CG2  C N N 167 
ILE CD1  C N N 168 
ILE OXT  O N N 169 
ILE H    H N N 170 
ILE H2   H N N 171 
ILE HA   H N N 172 
ILE HB   H N N 173 
ILE HG12 H N N 174 
ILE HG13 H N N 175 
ILE HG21 H N N 176 
ILE HG22 H N N 177 
ILE HG23 H N N 178 
ILE HD11 H N N 179 
ILE HD12 H N N 180 
ILE HD13 H N N 181 
ILE HXT  H N N 182 
LEU N    N N N 183 
LEU CA   C N S 184 
LEU C    C N N 185 
LEU O    O N N 186 
LEU CB   C N N 187 
LEU CG   C N N 188 
LEU CD1  C N N 189 
LEU CD2  C N N 190 
LEU OXT  O N N 191 
LEU H    H N N 192 
LEU H2   H N N 193 
LEU HA   H N N 194 
LEU HB2  H N N 195 
LEU HB3  H N N 196 
LEU HG   H N N 197 
LEU HD11 H N N 198 
LEU HD12 H N N 199 
LEU HD13 H N N 200 
LEU HD21 H N N 201 
LEU HD22 H N N 202 
LEU HD23 H N N 203 
LEU HXT  H N N 204 
LYS N    N N N 205 
LYS CA   C N S 206 
LYS C    C N N 207 
LYS O    O N N 208 
LYS CB   C N N 209 
LYS CG   C N N 210 
LYS CD   C N N 211 
LYS CE   C N N 212 
LYS NZ   N N N 213 
LYS OXT  O N N 214 
LYS H    H N N 215 
LYS H2   H N N 216 
LYS HA   H N N 217 
LYS HB2  H N N 218 
LYS HB3  H N N 219 
LYS HG2  H N N 220 
LYS HG3  H N N 221 
LYS HD2  H N N 222 
LYS HD3  H N N 223 
LYS HE2  H N N 224 
LYS HE3  H N N 225 
LYS HZ1  H N N 226 
LYS HZ2  H N N 227 
LYS HZ3  H N N 228 
LYS HXT  H N N 229 
MET N    N N N 230 
MET CA   C N S 231 
MET C    C N N 232 
MET O    O N N 233 
MET CB   C N N 234 
MET CG   C N N 235 
MET SD   S N N 236 
MET CE   C N N 237 
MET OXT  O N N 238 
MET H    H N N 239 
MET H2   H N N 240 
MET HA   H N N 241 
MET HB2  H N N 242 
MET HB3  H N N 243 
MET HG2  H N N 244 
MET HG3  H N N 245 
MET HE1  H N N 246 
MET HE2  H N N 247 
MET HE3  H N N 248 
MET HXT  H N N 249 
PHE N    N N N 250 
PHE CA   C N S 251 
PHE C    C N N 252 
PHE O    O N N 253 
PHE CB   C N N 254 
PHE CG   C Y N 255 
PHE CD1  C Y N 256 
PHE CD2  C Y N 257 
PHE CE1  C Y N 258 
PHE CE2  C Y N 259 
PHE CZ   C Y N 260 
PHE OXT  O N N 261 
PHE H    H N N 262 
PHE H2   H N N 263 
PHE HA   H N N 264 
PHE HB2  H N N 265 
PHE HB3  H N N 266 
PHE HD1  H N N 267 
PHE HD2  H N N 268 
PHE HE1  H N N 269 
PHE HE2  H N N 270 
PHE HZ   H N N 271 
PHE HXT  H N N 272 
PRO N    N N N 273 
PRO CA   C N S 274 
PRO C    C N N 275 
PRO O    O N N 276 
PRO CB   C N N 277 
PRO CG   C N N 278 
PRO CD   C N N 279 
PRO OXT  O N N 280 
PRO H    H N N 281 
PRO HA   H N N 282 
PRO HB2  H N N 283 
PRO HB3  H N N 284 
PRO HG2  H N N 285 
PRO HG3  H N N 286 
PRO HD2  H N N 287 
PRO HD3  H N N 288 
PRO HXT  H N N 289 
SER N    N N N 290 
SER CA   C N S 291 
SER C    C N N 292 
SER O    O N N 293 
SER CB   C N N 294 
SER OG   O N N 295 
SER OXT  O N N 296 
SER H    H N N 297 
SER H2   H N N 298 
SER HA   H N N 299 
SER HB2  H N N 300 
SER HB3  H N N 301 
SER HG   H N N 302 
SER HXT  H N N 303 
THR N    N N N 304 
THR CA   C N S 305 
THR C    C N N 306 
THR O    O N N 307 
THR CB   C N R 308 
THR OG1  O N N 309 
THR CG2  C N N 310 
THR OXT  O N N 311 
THR H    H N N 312 
THR H2   H N N 313 
THR HA   H N N 314 
THR HB   H N N 315 
THR HG1  H N N 316 
THR HG21 H N N 317 
THR HG22 H N N 318 
THR HG23 H N N 319 
THR HXT  H N N 320 
TYR N    N N N 321 
TYR CA   C N S 322 
TYR C    C N N 323 
TYR O    O N N 324 
TYR CB   C N N 325 
TYR CG   C Y N 326 
TYR CD1  C Y N 327 
TYR CD2  C Y N 328 
TYR CE1  C Y N 329 
TYR CE2  C Y N 330 
TYR CZ   C Y N 331 
TYR OH   O N N 332 
TYR OXT  O N N 333 
TYR H    H N N 334 
TYR H2   H N N 335 
TYR HA   H N N 336 
TYR HB2  H N N 337 
TYR HB3  H N N 338 
TYR HD1  H N N 339 
TYR HD2  H N N 340 
TYR HE1  H N N 341 
TYR HE2  H N N 342 
TYR HH   H N N 343 
TYR HXT  H N N 344 
VAL N    N N N 345 
VAL CA   C N S 346 
VAL C    C N N 347 
VAL O    O N N 348 
VAL CB   C N N 349 
VAL CG1  C N N 350 
VAL CG2  C N N 351 
VAL OXT  O N N 352 
VAL H    H N N 353 
VAL H2   H N N 354 
VAL HA   H N N 355 
VAL HB   H N N 356 
VAL HG11 H N N 357 
VAL HG12 H N N 358 
VAL HG13 H N N 359 
VAL HG21 H N N 360 
VAL HG22 H N N 361 
VAL HG23 H N N 362 
VAL HXT  H N N 363 
# 
loop_
_chem_comp_bond.comp_id 
_chem_comp_bond.atom_id_1 
_chem_comp_bond.atom_id_2 
_chem_comp_bond.value_order 
_chem_comp_bond.pdbx_aromatic_flag 
_chem_comp_bond.pdbx_stereo_config 
_chem_comp_bond.pdbx_ordinal 
ALA N   CA   sing N N 1   
ALA N   H    sing N N 2   
ALA N   H2   sing N N 3   
ALA CA  C    sing N N 4   
ALA CA  CB   sing N N 5   
ALA CA  HA   sing N N 6   
ALA C   O    doub N N 7   
ALA C   OXT  sing N N 8   
ALA CB  HB1  sing N N 9   
ALA CB  HB2  sing N N 10  
ALA CB  HB3  sing N N 11  
ALA OXT HXT  sing N N 12  
ARG N   CA   sing N N 13  
ARG N   H    sing N N 14  
ARG N   H2   sing N N 15  
ARG CA  C    sing N N 16  
ARG CA  CB   sing N N 17  
ARG CA  HA   sing N N 18  
ARG C   O    doub N N 19  
ARG C   OXT  sing N N 20  
ARG CB  CG   sing N N 21  
ARG CB  HB2  sing N N 22  
ARG CB  HB3  sing N N 23  
ARG CG  CD   sing N N 24  
ARG CG  HG2  sing N N 25  
ARG CG  HG3  sing N N 26  
ARG CD  NE   sing N N 27  
ARG CD  HD2  sing N N 28  
ARG CD  HD3  sing N N 29  
ARG NE  CZ   sing N N 30  
ARG NE  HE   sing N N 31  
ARG CZ  NH1  sing N N 32  
ARG CZ  NH2  doub N N 33  
ARG NH1 HH11 sing N N 34  
ARG NH1 HH12 sing N N 35  
ARG NH2 HH21 sing N N 36  
ARG NH2 HH22 sing N N 37  
ARG OXT HXT  sing N N 38  
ASN N   CA   sing N N 39  
ASN N   H    sing N N 40  
ASN N   H2   sing N N 41  
ASN CA  C    sing N N 42  
ASN CA  CB   sing N N 43  
ASN CA  HA   sing N N 44  
ASN C   O    doub N N 45  
ASN C   OXT  sing N N 46  
ASN CB  CG   sing N N 47  
ASN CB  HB2  sing N N 48  
ASN CB  HB3  sing N N 49  
ASN CG  OD1  doub N N 50  
ASN CG  ND2  sing N N 51  
ASN ND2 HD21 sing N N 52  
ASN ND2 HD22 sing N N 53  
ASN OXT HXT  sing N N 54  
ASP N   CA   sing N N 55  
ASP N   H    sing N N 56  
ASP N   H2   sing N N 57  
ASP CA  C    sing N N 58  
ASP CA  CB   sing N N 59  
ASP CA  HA   sing N N 60  
ASP C   O    doub N N 61  
ASP C   OXT  sing N N 62  
ASP CB  CG   sing N N 63  
ASP CB  HB2  sing N N 64  
ASP CB  HB3  sing N N 65  
ASP CG  OD1  doub N N 66  
ASP CG  OD2  sing N N 67  
ASP OD2 HD2  sing N N 68  
ASP OXT HXT  sing N N 69  
CYS N   CA   sing N N 70  
CYS N   H    sing N N 71  
CYS N   H2   sing N N 72  
CYS CA  C    sing N N 73  
CYS CA  CB   sing N N 74  
CYS CA  HA   sing N N 75  
CYS C   O    doub N N 76  
CYS C   OXT  sing N N 77  
CYS CB  SG   sing N N 78  
CYS CB  HB2  sing N N 79  
CYS CB  HB3  sing N N 80  
CYS SG  HG   sing N N 81  
CYS OXT HXT  sing N N 82  
GLN N   CA   sing N N 83  
GLN N   H    sing N N 84  
GLN N   H2   sing N N 85  
GLN CA  C    sing N N 86  
GLN CA  CB   sing N N 87  
GLN CA  HA   sing N N 88  
GLN C   O    doub N N 89  
GLN C   OXT  sing N N 90  
GLN CB  CG   sing N N 91  
GLN CB  HB2  sing N N 92  
GLN CB  HB3  sing N N 93  
GLN CG  CD   sing N N 94  
GLN CG  HG2  sing N N 95  
GLN CG  HG3  sing N N 96  
GLN CD  OE1  doub N N 97  
GLN CD  NE2  sing N N 98  
GLN NE2 HE21 sing N N 99  
GLN NE2 HE22 sing N N 100 
GLN OXT HXT  sing N N 101 
GLU N   CA   sing N N 102 
GLU N   H    sing N N 103 
GLU N   H2   sing N N 104 
GLU CA  C    sing N N 105 
GLU CA  CB   sing N N 106 
GLU CA  HA   sing N N 107 
GLU C   O    doub N N 108 
GLU C   OXT  sing N N 109 
GLU CB  CG   sing N N 110 
GLU CB  HB2  sing N N 111 
GLU CB  HB3  sing N N 112 
GLU CG  CD   sing N N 113 
GLU CG  HG2  sing N N 114 
GLU CG  HG3  sing N N 115 
GLU CD  OE1  doub N N 116 
GLU CD  OE2  sing N N 117 
GLU OE2 HE2  sing N N 118 
GLU OXT HXT  sing N N 119 
GLY N   CA   sing N N 120 
GLY N   H    sing N N 121 
GLY N   H2   sing N N 122 
GLY CA  C    sing N N 123 
GLY CA  HA2  sing N N 124 
GLY CA  HA3  sing N N 125 
GLY C   O    doub N N 126 
GLY C   OXT  sing N N 127 
GLY OXT HXT  sing N N 128 
HIS N   CA   sing N N 129 
HIS N   H    sing N N 130 
HIS N   H2   sing N N 131 
HIS CA  C    sing N N 132 
HIS CA  CB   sing N N 133 
HIS CA  HA   sing N N 134 
HIS C   O    doub N N 135 
HIS C   OXT  sing N N 136 
HIS CB  CG   sing N N 137 
HIS CB  HB2  sing N N 138 
HIS CB  HB3  sing N N 139 
HIS CG  ND1  sing Y N 140 
HIS CG  CD2  doub Y N 141 
HIS ND1 CE1  doub Y N 142 
HIS ND1 HD1  sing N N 143 
HIS CD2 NE2  sing Y N 144 
HIS CD2 HD2  sing N N 145 
HIS CE1 NE2  sing Y N 146 
HIS CE1 HE1  sing N N 147 
HIS NE2 HE2  sing N N 148 
HIS OXT HXT  sing N N 149 
HOH O   H1   sing N N 150 
HOH O   H2   sing N N 151 
ILE N   CA   sing N N 152 
ILE N   H    sing N N 153 
ILE N   H2   sing N N 154 
ILE CA  C    sing N N 155 
ILE CA  CB   sing N N 156 
ILE CA  HA   sing N N 157 
ILE C   O    doub N N 158 
ILE C   OXT  sing N N 159 
ILE CB  CG1  sing N N 160 
ILE CB  CG2  sing N N 161 
ILE CB  HB   sing N N 162 
ILE CG1 CD1  sing N N 163 
ILE CG1 HG12 sing N N 164 
ILE CG1 HG13 sing N N 165 
ILE CG2 HG21 sing N N 166 
ILE CG2 HG22 sing N N 167 
ILE CG2 HG23 sing N N 168 
ILE CD1 HD11 sing N N 169 
ILE CD1 HD12 sing N N 170 
ILE CD1 HD13 sing N N 171 
ILE OXT HXT  sing N N 172 
LEU N   CA   sing N N 173 
LEU N   H    sing N N 174 
LEU N   H2   sing N N 175 
LEU CA  C    sing N N 176 
LEU CA  CB   sing N N 177 
LEU CA  HA   sing N N 178 
LEU C   O    doub N N 179 
LEU C   OXT  sing N N 180 
LEU CB  CG   sing N N 181 
LEU CB  HB2  sing N N 182 
LEU CB  HB3  sing N N 183 
LEU CG  CD1  sing N N 184 
LEU CG  CD2  sing N N 185 
LEU CG  HG   sing N N 186 
LEU CD1 HD11 sing N N 187 
LEU CD1 HD12 sing N N 188 
LEU CD1 HD13 sing N N 189 
LEU CD2 HD21 sing N N 190 
LEU CD2 HD22 sing N N 191 
LEU CD2 HD23 sing N N 192 
LEU OXT HXT  sing N N 193 
LYS N   CA   sing N N 194 
LYS N   H    sing N N 195 
LYS N   H2   sing N N 196 
LYS CA  C    sing N N 197 
LYS CA  CB   sing N N 198 
LYS CA  HA   sing N N 199 
LYS C   O    doub N N 200 
LYS C   OXT  sing N N 201 
LYS CB  CG   sing N N 202 
LYS CB  HB2  sing N N 203 
LYS CB  HB3  sing N N 204 
LYS CG  CD   sing N N 205 
LYS CG  HG2  sing N N 206 
LYS CG  HG3  sing N N 207 
LYS CD  CE   sing N N 208 
LYS CD  HD2  sing N N 209 
LYS CD  HD3  sing N N 210 
LYS CE  NZ   sing N N 211 
LYS CE  HE2  sing N N 212 
LYS CE  HE3  sing N N 213 
LYS NZ  HZ1  sing N N 214 
LYS NZ  HZ2  sing N N 215 
LYS NZ  HZ3  sing N N 216 
LYS OXT HXT  sing N N 217 
MET N   CA   sing N N 218 
MET N   H    sing N N 219 
MET N   H2   sing N N 220 
MET CA  C    sing N N 221 
MET CA  CB   sing N N 222 
MET CA  HA   sing N N 223 
MET C   O    doub N N 224 
MET C   OXT  sing N N 225 
MET CB  CG   sing N N 226 
MET CB  HB2  sing N N 227 
MET CB  HB3  sing N N 228 
MET CG  SD   sing N N 229 
MET CG  HG2  sing N N 230 
MET CG  HG3  sing N N 231 
MET SD  CE   sing N N 232 
MET CE  HE1  sing N N 233 
MET CE  HE2  sing N N 234 
MET CE  HE3  sing N N 235 
MET OXT HXT  sing N N 236 
PHE N   CA   sing N N 237 
PHE N   H    sing N N 238 
PHE N   H2   sing N N 239 
PHE CA  C    sing N N 240 
PHE CA  CB   sing N N 241 
PHE CA  HA   sing N N 242 
PHE C   O    doub N N 243 
PHE C   OXT  sing N N 244 
PHE CB  CG   sing N N 245 
PHE CB  HB2  sing N N 246 
PHE CB  HB3  sing N N 247 
PHE CG  CD1  doub Y N 248 
PHE CG  CD2  sing Y N 249 
PHE CD1 CE1  sing Y N 250 
PHE CD1 HD1  sing N N 251 
PHE CD2 CE2  doub Y N 252 
PHE CD2 HD2  sing N N 253 
PHE CE1 CZ   doub Y N 254 
PHE CE1 HE1  sing N N 255 
PHE CE2 CZ   sing Y N 256 
PHE CE2 HE2  sing N N 257 
PHE CZ  HZ   sing N N 258 
PHE OXT HXT  sing N N 259 
PRO N   CA   sing N N 260 
PRO N   CD   sing N N 261 
PRO N   H    sing N N 262 
PRO CA  C    sing N N 263 
PRO CA  CB   sing N N 264 
PRO CA  HA   sing N N 265 
PRO C   O    doub N N 266 
PRO C   OXT  sing N N 267 
PRO CB  CG   sing N N 268 
PRO CB  HB2  sing N N 269 
PRO CB  HB3  sing N N 270 
PRO CG  CD   sing N N 271 
PRO CG  HG2  sing N N 272 
PRO CG  HG3  sing N N 273 
PRO CD  HD2  sing N N 274 
PRO CD  HD3  sing N N 275 
PRO OXT HXT  sing N N 276 
SER N   CA   sing N N 277 
SER N   H    sing N N 278 
SER N   H2   sing N N 279 
SER CA  C    sing N N 280 
SER CA  CB   sing N N 281 
SER CA  HA   sing N N 282 
SER C   O    doub N N 283 
SER C   OXT  sing N N 284 
SER CB  OG   sing N N 285 
SER CB  HB2  sing N N 286 
SER CB  HB3  sing N N 287 
SER OG  HG   sing N N 288 
SER OXT HXT  sing N N 289 
THR N   CA   sing N N 290 
THR N   H    sing N N 291 
THR N   H2   sing N N 292 
THR CA  C    sing N N 293 
THR CA  CB   sing N N 294 
THR CA  HA   sing N N 295 
THR C   O    doub N N 296 
THR C   OXT  sing N N 297 
THR CB  OG1  sing N N 298 
THR CB  CG2  sing N N 299 
THR CB  HB   sing N N 300 
THR OG1 HG1  sing N N 301 
THR CG2 HG21 sing N N 302 
THR CG2 HG22 sing N N 303 
THR CG2 HG23 sing N N 304 
THR OXT HXT  sing N N 305 
TYR N   CA   sing N N 306 
TYR N   H    sing N N 307 
TYR N   H2   sing N N 308 
TYR CA  C    sing N N 309 
TYR CA  CB   sing N N 310 
TYR CA  HA   sing N N 311 
TYR C   O    doub N N 312 
TYR C   OXT  sing N N 313 
TYR CB  CG   sing N N 314 
TYR CB  HB2  sing N N 315 
TYR CB  HB3  sing N N 316 
TYR CG  CD1  doub Y N 317 
TYR CG  CD2  sing Y N 318 
TYR CD1 CE1  sing Y N 319 
TYR CD1 HD1  sing N N 320 
TYR CD2 CE2  doub Y N 321 
TYR CD2 HD2  sing N N 322 
TYR CE1 CZ   doub Y N 323 
TYR CE1 HE1  sing N N 324 
TYR CE2 CZ   sing Y N 325 
TYR CE2 HE2  sing N N 326 
TYR CZ  OH   sing N N 327 
TYR OH  HH   sing N N 328 
TYR OXT HXT  sing N N 329 
VAL N   CA   sing N N 330 
VAL N   H    sing N N 331 
VAL N   H2   sing N N 332 
VAL CA  C    sing N N 333 
VAL CA  CB   sing N N 334 
VAL CA  HA   sing N N 335 
VAL C   O    doub N N 336 
VAL C   OXT  sing N N 337 
VAL CB  CG1  sing N N 338 
VAL CB  CG2  sing N N 339 
VAL CB  HB   sing N N 340 
VAL CG1 HG11 sing N N 341 
VAL CG1 HG12 sing N N 342 
VAL CG1 HG13 sing N N 343 
VAL CG2 HG21 sing N N 344 
VAL CG2 HG22 sing N N 345 
VAL CG2 HG23 sing N N 346 
VAL OXT HXT  sing N N 347 
# 
_atom_sites.entry_id                    3F1I 
_atom_sites.fract_transf_matrix[1][1]   0.00409096 
_atom_sites.fract_transf_matrix[1][2]   0.01099862 
_atom_sites.fract_transf_matrix[1][3]   -0.00513967 
_atom_sites.fract_transf_matrix[2][1]   0.00118825 
_atom_sites.fract_transf_matrix[2][2]   0.00503483 
_atom_sites.fract_transf_matrix[2][3]   0.01172008 
_atom_sites.fract_transf_matrix[3][1]   0.00616971 
_atom_sites.fract_transf_matrix[3][2]   -0.00215461 
_atom_sites.fract_transf_matrix[3][3]   0.00030008 
_atom_sites.fract_transf_vector[1]      0.169068 
_atom_sites.fract_transf_vector[2]      0.004208 
_atom_sites.fract_transf_vector[3]      0.057811 
# 
loop_
_atom_type.symbol 
C 
N 
O 
S 
# 
loop_
_atom_site.group_PDB 
_atom_site.id 
_atom_site.type_symbol 
_atom_site.label_atom_id 
_atom_site.label_alt_id 
_atom_site.label_comp_id 
_atom_site.label_asym_id 
_atom_site.label_entity_id 
_atom_site.label_seq_id 
_atom_site.pdbx_PDB_ins_code 
_atom_site.Cartn_x 
_atom_site.Cartn_y 
_atom_site.Cartn_z 
_atom_site.occupancy 
_atom_site.B_iso_or_equiv 
_atom_site.pdbx_formal_charge 
_atom_site.auth_seq_id 
_atom_site.auth_comp_id 
_atom_site.auth_asym_id 
_atom_site.auth_atom_id 
_atom_site.pdbx_PDB_model_num 
ATOM   1    N N   . SER A 1 1  ? 7.013   19.644  -4.129  1.00 67.32 ? 404 SER H N   1 
ATOM   2    C CA  . SER A 1 1  ? 7.904   19.381  -5.296  1.00 67.46 ? 404 SER H CA  1 
ATOM   3    C C   . SER A 1 1  ? 7.331   18.265  -6.119  1.00 67.20 ? 404 SER H C   1 
ATOM   4    O O   . SER A 1 1  ? 6.970   18.491  -7.273  1.00 67.23 ? 404 SER H O   1 
ATOM   5    C CB  . SER A 1 1  ? 9.314   18.995  -4.867  1.00 68.27 ? 404 SER H CB  1 
ATOM   6    O OG  . SER A 1 1  ? 10.140  18.867  -6.020  1.00 70.64 ? 404 SER H OG  1 
ATOM   7    N N   . HIS A 1 2  ? 7.277   17.057  -5.532  1.00 66.46 ? 405 HIS H N   1 
ATOM   8    C CA  . HIS A 1 2  ? 6.359   16.030  -6.014  1.00 65.66 ? 405 HIS H CA  1 
ATOM   9    C C   . HIS A 1 2  ? 4.980   16.637  -5.966  1.00 64.40 ? 405 HIS H C   1 
ATOM   10   O O   . HIS A 1 2  ? 4.223   16.475  -6.903  1.00 64.52 ? 405 HIS H O   1 
ATOM   11   C CB  . HIS A 1 2  ? 6.351   14.762  -5.155  1.00 65.62 ? 405 HIS H CB  1 
ATOM   12   C CG  . HIS A 1 2  ? 7.617   13.970  -5.209  1.00 66.19 ? 405 HIS H CG  1 
ATOM   13   N ND1 . HIS A 1 2  ? 8.614   14.210  -6.131  1.00 65.90 ? 405 HIS H ND1 1 
ATOM   14   C CD2 . HIS A 1 2  ? 8.041   12.925  -4.455  1.00 66.32 ? 405 HIS H CD2 1 
ATOM   15   C CE1 . HIS A 1 2  ? 9.615   13.373  -5.919  1.00 66.68 ? 405 HIS H CE1 1 
ATOM   16   N NE2 . HIS A 1 2  ? 9.286   12.571  -4.917  1.00 66.26 ? 405 HIS H NE2 1 
ATOM   17   N N   . GLU A 1 3  ? 4.666   17.327  -4.872  1.00 63.47 ? 406 GLU H N   1 
ATOM   18   C CA  . GLU A 1 3  ? 3.379   17.996  -4.730  1.00 63.95 ? 406 GLU H CA  1 
ATOM   19   C C   . GLU A 1 3  ? 3.225   19.078  -5.805  1.00 63.02 ? 406 GLU H C   1 
ATOM   20   O O   . GLU A 1 3  ? 2.230   19.093  -6.512  1.00 62.59 ? 406 GLU H O   1 
ATOM   21   C CB  . GLU A 1 3  ? 3.195   18.624  -3.353  1.00 63.68 ? 406 GLU H CB  1 
ATOM   22   C CG  . GLU A 1 3  ? 3.366   17.689  -2.146  1.00 65.67 ? 406 GLU H CG  1 
ATOM   23   C CD  . GLU A 1 3  ? 3.985   18.432  -0.950  1.00 66.26 ? 406 GLU H CD  1 
ATOM   24   O OE1 . GLU A 1 3  ? 4.896   17.879  -0.281  1.00 68.07 ? 406 GLU H OE1 1 
ATOM   25   O OE2 . GLU A 1 3  ? 3.582   19.605  -0.719  1.00 70.64 ? 406 GLU H OE2 1 
ATOM   26   N N   . GLN A 1 4  ? 4.216   19.964  -5.914  1.00 62.65 ? 407 GLN H N   1 
ATOM   27   C CA  . GLN A 1 4  ? 4.258   20.982  -6.973  1.00 61.98 ? 407 GLN H CA  1 
ATOM   28   C C   . GLN A 1 4  ? 4.013   20.313  -8.322  1.00 61.10 ? 407 GLN H C   1 
ATOM   29   O O   . GLN A 1 4  ? 3.097   20.685  -9.046  1.00 61.78 ? 407 GLN H O   1 
ATOM   30   C CB  . GLN A 1 4  ? 5.594   21.764  -6.964  1.00 62.08 ? 407 GLN H CB  1 
ATOM   31   C CG  . GLN A 1 4  ? 5.617   23.000  -7.914  1.00 63.50 ? 407 GLN H CG  1 
ATOM   32   C CD  . GLN A 1 4  ? 6.966   23.735  -7.940  1.00 63.33 ? 407 GLN H CD  1 
ATOM   33   O OE1 . GLN A 1 4  ? 7.544   23.974  -9.016  1.00 64.67 ? 407 GLN H OE1 1 
ATOM   34   N NE2 . GLN A 1 4  ? 7.470   24.080  -6.755  1.00 66.52 ? 407 GLN H NE2 1 
ATOM   35   N N   . PHE A 1 5  ? 4.795   19.295  -8.645  1.00 59.78 ? 408 PHE H N   1 
ATOM   36   C CA  . PHE A 1 5  ? 4.622   18.575  -9.895  1.00 59.63 ? 408 PHE H CA  1 
ATOM   37   C C   . PHE A 1 5  ? 3.190   18.024  -10.065 1.00 59.40 ? 408 PHE H C   1 
ATOM   38   O O   . PHE A 1 5  ? 2.593   18.163  -11.123 1.00 59.38 ? 408 PHE H O   1 
ATOM   39   C CB  . PHE A 1 5  ? 5.628   17.415  -10.012 1.00 59.23 ? 408 PHE H CB  1 
ATOM   40   C CG  . PHE A 1 5  ? 5.271   16.418  -11.085 1.00 58.73 ? 408 PHE H CG  1 
ATOM   41   C CD1 . PHE A 1 5  ? 5.597   16.657  -12.412 1.00 58.75 ? 408 PHE H CD1 1 
ATOM   42   C CD2 . PHE A 1 5  ? 4.581   15.276  -10.775 1.00 59.14 ? 408 PHE H CD2 1 
ATOM   43   C CE1 . PHE A 1 5  ? 5.243   15.772  -13.402 1.00 57.88 ? 408 PHE H CE1 1 
ATOM   44   C CE2 . PHE A 1 5  ? 4.239   14.361  -11.754 1.00 59.19 ? 408 PHE H CE2 1 
ATOM   45   C CZ  . PHE A 1 5  ? 4.576   14.616  -13.073 1.00 59.80 ? 408 PHE H CZ  1 
ATOM   46   N N   . LEU A 1 6  ? 2.655   17.381  -9.033  1.00 58.87 ? 409 LEU H N   1 
ATOM   47   C CA  . LEU A 1 6  ? 1.345   16.762  -9.142  1.00 58.71 ? 409 LEU H CA  1 
ATOM   48   C C   . LEU A 1 6  ? 0.204   17.773  -9.376  1.00 58.17 ? 409 LEU H C   1 
ATOM   49   O O   . LEU A 1 6  ? -0.625  17.587  -10.262 1.00 56.33 ? 409 LEU H O   1 
ATOM   50   C CB  . LEU A 1 6  ? 1.081   15.843  -7.941  1.00 57.85 ? 409 LEU H CB  1 
ATOM   51   C CG  . LEU A 1 6  ? 1.978   14.587  -7.956  1.00 58.09 ? 409 LEU H CG  1 
ATOM   52   C CD1 . LEU A 1 6  ? 2.121   13.977  -6.557  1.00 55.06 ? 409 LEU H CD1 1 
ATOM   53   C CD2 . LEU A 1 6  ? 1.480   13.541  -8.932  1.00 57.14 ? 409 LEU H CD2 1 
ATOM   54   N N   . LYS A 1 7  ? 0.163   18.836  -8.575  1.00 59.09 ? 410 LYS H N   1 
ATOM   55   C CA  . LYS A 1 7  ? -0.776  19.946  -8.826  1.00 59.61 ? 410 LYS H CA  1 
ATOM   56   C C   . LYS A 1 7  ? -0.680  20.455  -10.240 1.00 58.89 ? 410 LYS H C   1 
ATOM   57   O O   . LYS A 1 7  ? -1.716  20.706  -10.864 1.00 58.80 ? 410 LYS H O   1 
ATOM   58   C CB  . LYS A 1 7  ? -0.529  21.144  -7.910  1.00 60.12 ? 410 LYS H CB  1 
ATOM   59   C CG  . LYS A 1 7  ? -1.169  21.084  -6.533  1.00 61.48 ? 410 LYS H CG  1 
ATOM   60   C CD  . LYS A 1 7  ? -0.716  22.307  -5.653  1.00 62.06 ? 410 LYS H CD  1 
ATOM   61   C CE  . LYS A 1 7  ? -0.647  21.942  -4.149  1.00 62.85 ? 410 LYS H CE  1 
ATOM   62   N NZ  . LYS A 1 7  ? 0.646   22.329  -3.493  1.00 63.89 ? 410 LYS H NZ  1 
ATOM   63   N N   . ALA A 1 8  ? 0.551   20.624  -10.735 1.00 58.39 ? 411 ALA H N   1 
ATOM   64   C CA  . ALA A 1 8  ? 0.780   21.272  -12.048 1.00 58.64 ? 411 ALA H CA  1 
ATOM   65   C C   . ALA A 1 8  ? 0.232   20.369  -13.127 1.00 58.71 ? 411 ALA H C   1 
ATOM   66   O O   . ALA A 1 8  ? -0.349  20.850  -14.099 1.00 59.51 ? 411 ALA H O   1 
ATOM   67   C CB  . ALA A 1 8  ? 2.256   21.533  -12.307 1.00 57.78 ? 411 ALA H CB  1 
ATOM   68   N N   . LEU A 1 9  ? 0.459   19.066  -12.954 1.00 58.44 ? 412 LEU H N   1 
ATOM   69   C CA  . LEU A 1 9  ? -0.075  18.066  -13.865 1.00 58.70 ? 412 LEU H CA  1 
ATOM   70   C C   . LEU A 1 9  ? -1.605  17.994  -13.793 1.00 58.59 ? 412 LEU H C   1 
ATOM   71   O O   . LEU A 1 9  ? -2.265  17.961  -14.849 1.00 58.94 ? 412 LEU H O   1 
ATOM   72   C CB  . LEU A 1 9  ? 0.554   16.678  -13.657 1.00 57.66 ? 412 LEU H CB  1 
ATOM   73   C CG  . LEU A 1 9  ? 0.150   15.568  -14.662 1.00 59.03 ? 412 LEU H CG  1 
ATOM   74   C CD1 . LEU A 1 9  ? 0.343   15.968  -16.139 1.00 59.09 ? 412 LEU H CD1 1 
ATOM   75   C CD2 . LEU A 1 9  ? 0.896   14.223  -14.370 1.00 57.99 ? 412 LEU H CD2 1 
ATOM   76   N N   . GLN A 1 10 ? -2.174  17.954  -12.590 1.00 58.00 ? 413 GLN H N   1 
ATOM   77   C CA  . GLN A 1 10 ? -3.649  18.031  -12.465 1.00 57.82 ? 413 GLN H CA  1 
ATOM   78   C C   . GLN A 1 10 ? -4.231  19.305  -13.133 1.00 56.98 ? 413 GLN H C   1 
ATOM   79   O O   . GLN A 1 10 ? -5.248  19.226  -13.796 1.00 56.11 ? 413 GLN H O   1 
ATOM   80   C CB  . GLN A 1 10 ? -4.100  17.963  -11.015 1.00 56.87 ? 413 GLN H CB  1 
ATOM   81   C CG  . GLN A 1 10 ? -5.613  17.814  -10.885 1.00 58.69 ? 413 GLN H CG  1 
ATOM   82   C CD  . GLN A 1 10 ? -6.047  17.685  -9.471  1.00 60.58 ? 413 GLN H CD  1 
ATOM   83   O OE1 . GLN A 1 10 ? -6.447  16.607  -9.029  1.00 67.36 ? 413 GLN H OE1 1 
ATOM   84   N NE2 . GLN A 1 10 ? -5.914  18.760  -8.714  1.00 65.32 ? 413 GLN H NE2 1 
ATOM   85   N N   . ASN A 1 11 ? -3.623  20.470  -12.916 1.00 56.68 ? 414 ASN H N   1 
ATOM   86   C CA  . ASN A 1 11 ? -4.087  21.694  -13.552 1.00 58.03 ? 414 ASN H CA  1 
ATOM   87   C C   . ASN A 1 11 ? -3.997  21.693  -15.084 1.00 58.56 ? 414 ASN H C   1 
ATOM   88   O O   . ASN A 1 11 ? -4.920  22.157  -15.786 1.00 59.28 ? 414 ASN H O   1 
ATOM   89   C CB  . ASN A 1 11 ? -3.277  22.889  -13.057 1.00 58.54 ? 414 ASN H CB  1 
ATOM   90   C CG  . ASN A 1 11 ? -3.594  23.244  -11.630 1.00 60.52 ? 414 ASN H CG  1 
ATOM   91   O OD1 . ASN A 1 11 ? -4.602  22.810  -11.081 1.00 63.08 ? 414 ASN H OD1 1 
ATOM   92   N ND2 . ASN A 1 11 ? -2.716  24.006  -11.006 1.00 63.54 ? 414 ASN H ND2 1 
ATOM   93   N N   . ALA A 1 12 ? -2.872  21.220  -15.606 1.00 58.79 ? 415 ALA H N   1 
ATOM   94   C CA  . ALA A 1 12 ? -2.708  21.094  -17.051 1.00 59.32 ? 415 ALA H CA  1 
ATOM   95   C C   . ALA A 1 12 ? -3.760  20.171  -17.683 1.00 59.43 ? 415 ALA H C   1 
ATOM   96   O O   . ALA A 1 12 ? -4.307  20.447  -18.749 1.00 59.70 ? 415 ALA H O   1 
ATOM   97   C CB  . ALA A 1 12 ? -1.279  20.629  -17.409 1.00 58.74 ? 415 ALA H CB  1 
ATOM   98   N N   . VAL A 1 13 ? -4.044  19.061  -17.044 1.00 59.93 ? 416 VAL H N   1 
ATOM   99   C CA  . VAL A 1 13 ? -4.996  18.117  -17.631 1.00 59.73 ? 416 VAL H CA  1 
ATOM   100  C C   . VAL A 1 13 ? -6.405  18.721  -17.614 1.00 59.88 ? 416 VAL H C   1 
ATOM   101  O O   . VAL A 1 13 ? -7.155  18.592  -18.577 1.00 59.36 ? 416 VAL H O   1 
ATOM   102  C CB  . VAL A 1 13 ? -4.950  16.785  -16.911 1.00 59.77 ? 416 VAL H CB  1 
ATOM   103  C CG1 . VAL A 1 13 ? -6.113  15.902  -17.282 1.00 60.51 ? 416 VAL H CG1 1 
ATOM   104  C CG2 . VAL A 1 13 ? -3.640  16.070  -17.249 1.00 61.53 ? 416 VAL H CG2 1 
ATOM   105  N N   . THR A 1 14 ? -6.744  19.398  -16.522 1.00 59.03 ? 417 THR H N   1 
ATOM   106  C CA  . THR A 1 14 ? -8.057  19.992  -16.388 1.00 59.31 ? 417 THR H CA  1 
ATOM   107  C C   . THR A 1 14 ? -8.227  21.121  -17.389 1.00 59.17 ? 417 THR H C   1 
ATOM   108  O O   . THR A 1 14 ? -9.243  21.204  -18.063 1.00 58.53 ? 417 THR H O   1 
ATOM   109  C CB  . THR A 1 14 ? -8.293  20.491  -14.934 1.00 59.64 ? 417 THR H CB  1 
ATOM   110  O OG1 . THR A 1 14 ? -7.979  19.415  -14.034 1.00 58.96 ? 417 THR H OG1 1 
ATOM   111  C CG2 . THR A 1 14 ? -9.717  20.940  -14.728 1.00 58.06 ? 417 THR H CG2 1 
ATOM   112  N N   . THR A 1 15 ? -7.218  21.979  -17.488 1.00 59.08 ? 418 THR H N   1 
ATOM   113  C CA  . THR A 1 15 ? -7.221  23.053  -18.473 1.00 59.40 ? 418 THR H CA  1 
ATOM   114  C C   . THR A 1 15 ? -7.315  22.517  -19.897 1.00 59.79 ? 418 THR H C   1 
ATOM   115  O O   . THR A 1 15 ? -8.079  23.051  -20.718 1.00 59.43 ? 418 THR H O   1 
ATOM   116  C CB  . THR A 1 15 ? -5.973  23.923  -18.325 1.00 59.71 ? 418 THR H CB  1 
ATOM   117  O OG1 . THR A 1 15 ? -5.920  24.416  -16.977 1.00 59.61 ? 418 THR H OG1 1 
ATOM   118  C CG2 . THR A 1 15 ? -6.009  25.099  -19.292 1.00 57.95 ? 418 THR H CG2 1 
ATOM   119  N N   . PHE A 1 16 ? -6.561  21.451  -20.160 1.00 59.33 ? 419 PHE H N   1 
ATOM   120  C CA  . PHE A 1 16 ? -6.468  20.821  -21.490 1.00 59.32 ? 419 PHE H CA  1 
ATOM   121  C C   . PHE A 1 16 ? -7.815  20.284  -21.946 1.00 59.00 ? 419 PHE H C   1 
ATOM   122  O O   . PHE A 1 16 ? -8.291  20.625  -23.033 1.00 58.23 ? 419 PHE H O   1 
ATOM   123  C CB  . PHE A 1 16 ? -5.465  19.702  -21.386 1.00 59.37 ? 419 PHE H CB  1 
ATOM   124  C CG  . PHE A 1 16 ? -5.218  18.924  -22.623 1.00 58.77 ? 419 PHE H CG  1 
ATOM   125  C CD1 . PHE A 1 16 ? -4.942  19.535  -23.821 1.00 58.13 ? 419 PHE H CD1 1 
ATOM   126  C CD2 . PHE A 1 16 ? -5.115  17.542  -22.540 1.00 59.32 ? 419 PHE H CD2 1 
ATOM   127  C CE1 . PHE A 1 16 ? -4.608  18.790  -24.944 1.00 59.83 ? 419 PHE H CE1 1 
ATOM   128  C CE2 . PHE A 1 16 ? -4.789  16.768  -23.677 1.00 60.10 ? 419 PHE H CE2 1 
ATOM   129  C CZ  . PHE A 1 16 ? -4.530  17.402  -24.880 1.00 59.43 ? 419 PHE H CZ  1 
ATOM   130  N N   . VAL A 1 17 ? -8.421  19.456  -21.106 1.00 58.98 ? 420 VAL H N   1 
ATOM   131  C CA  . VAL A 1 17 ? -9.729  18.890  -21.397 1.00 58.68 ? 420 VAL H CA  1 
ATOM   132  C C   . VAL A 1 17 ? -10.772 20.014  -21.463 1.00 59.01 ? 420 VAL H C   1 
ATOM   133  O O   . VAL A 1 17 ? -11.536 20.101  -22.421 1.00 60.63 ? 420 VAL H O   1 
ATOM   134  C CB  . VAL A 1 17 ? -10.130 17.787  -20.357 1.00 59.57 ? 420 VAL H CB  1 
ATOM   135  C CG1 . VAL A 1 17 ? -11.586 17.230  -20.612 1.00 58.10 ? 420 VAL H CG1 1 
ATOM   136  C CG2 . VAL A 1 17 ? -9.127  16.665  -20.324 1.00 56.22 ? 420 VAL H CG2 1 
ATOM   137  N N   . ASN A 1 18 ? -10.818 20.906  -20.487 1.00 58.62 ? 421 ASN H N   1 
ATOM   138  C CA  . ASN A 1 18 ? -11.792 22.002  -20.570 1.00 58.11 ? 421 ASN H CA  1 
ATOM   139  C C   . ASN A 1 18 ? -11.685 22.872  -21.871 1.00 58.41 ? 421 ASN H C   1 
ATOM   140  O O   . ASN A 1 18 ? -12.682 23.243  -22.481 1.00 56.11 ? 421 ASN H O   1 
ATOM   141  C CB  . ASN A 1 18 ? -11.720 22.855  -19.336 1.00 58.08 ? 421 ASN H CB  1 
ATOM   142  C CG  . ASN A 1 18 ? -13.064 23.502  -18.989 1.00 59.59 ? 421 ASN H CG  1 
ATOM   143  O OD1 . ASN A 1 18 ? -14.145 22.915  -19.175 1.00 62.60 ? 421 ASN H OD1 1 
ATOM   144  N ND2 . ASN A 1 18 ? -13.000 24.718  -18.506 1.00 53.32 ? 421 ASN H ND2 1 
ATOM   145  N N   . ARG A 1 19 ? -10.458 23.152  -22.307 1.00 58.28 ? 422 ARG H N   1 
ATOM   146  C CA  . ARG A 1 19 ? -10.230 23.954  -23.479 1.00 58.12 ? 422 ARG H CA  1 
ATOM   147  C C   . ARG A 1 19 ? -10.627 23.213  -24.769 1.00 58.24 ? 422 ARG H C   1 
ATOM   148  O O   . ARG A 1 19 ? -11.104 23.838  -25.737 1.00 57.59 ? 422 ARG H O   1 
ATOM   149  C CB  . ARG A 1 19 ? -8.784  24.403  -23.495 1.00 58.35 ? 422 ARG H CB  1 
ATOM   150  C CG  . ARG A 1 19 ? -8.500  25.501  -24.464 1.00 60.17 ? 422 ARG H CG  1 
ATOM   151  C CD  . ARG A 1 19 ? -7.233  26.260  -24.112 1.00 60.31 ? 422 ARG H CD  1 
ATOM   152  N NE  . ARG A 1 19 ? -7.069  27.402  -25.045 1.00 62.08 ? 422 ARG H NE  1 
ATOM   153  C CZ  . ARG A 1 19 ? -7.136  28.692  -24.716 1.00 60.79 ? 422 ARG H CZ  1 
ATOM   154  N NH1 . ARG A 1 19 ? -7.323  29.085  -23.463 1.00 61.13 ? 422 ARG H NH1 1 
ATOM   155  N NH2 . ARG A 1 19 ? -6.965  29.602  -25.651 1.00 61.62 ? 422 ARG H NH2 1 
ATOM   156  N N   . MET A 1 20 ? -10.455 21.889  -24.786 1.00 57.83 ? 423 MET H N   1 
ATOM   157  C CA  . MET A 1 20 ? -10.927 21.083  -25.895 1.00 58.35 ? 423 MET H CA  1 
ATOM   158  C C   . MET A 1 20 ? -12.464 21.100  -26.006 1.00 57.87 ? 423 MET H C   1 
ATOM   159  O O   . MET A 1 20 ? -13.036 21.253  -27.106 1.00 57.12 ? 423 MET H O   1 
ATOM   160  C CB  . MET A 1 20 ? -10.407 19.648  -25.760 1.00 59.22 ? 423 MET H CB  1 
ATOM   161  C CG  . MET A 1 20 ? -8.944  19.537  -26.129 1.00 58.58 ? 423 MET H CG  1 
ATOM   162  S SD  . MET A 1 20 ? -8.352  17.856  -26.306 1.00 60.61 ? 423 MET H SD  1 
ATOM   163  C CE  . MET A 1 20 ? -8.481  17.296  -24.589 1.00 59.94 ? 423 MET H CE  1 
ATOM   164  N N   . LYS A 1 21 ? -13.103 20.938  -24.856 1.00 57.28 ? 424 LYS H N   1 
ATOM   165  C CA  . LYS A 1 21 ? -14.546 20.993  -24.732 1.00 56.96 ? 424 LYS H CA  1 
ATOM   166  C C   . LYS A 1 21 ? -15.040 22.352  -25.178 1.00 56.99 ? 424 LYS H C   1 
ATOM   167  O O   . LYS A 1 21 ? -15.934 22.468  -26.022 1.00 58.09 ? 424 LYS H O   1 
ATOM   168  C CB  . LYS A 1 21 ? -14.960 20.743  -23.274 1.00 55.86 ? 424 LYS H CB  1 
ATOM   169  C CG  . LYS A 1 21 ? -14.851 19.281  -22.814 1.00 56.54 ? 424 LYS H CG  1 
ATOM   170  C CD  . LYS A 1 21 ? -15.438 19.210  -21.407 1.00 57.04 ? 424 LYS H CD  1 
ATOM   171  C CE  . LYS A 1 21 ? -15.060 18.007  -20.668 1.00 56.42 ? 424 LYS H CE  1 
ATOM   172  N NZ  . LYS A 1 21 ? -15.393 18.003  -19.188 1.00 54.26 ? 424 LYS H NZ  1 
ATOM   173  N N   . SER A 1 22 ? -14.451 23.388  -24.609 1.00 56.40 ? 425 SER H N   1 
ATOM   174  C CA  . SER A 1 22 ? -14.785 24.751  -24.983 1.00 56.71 ? 425 SER H CA  1 
ATOM   175  C C   . SER A 1 22 ? -14.748 25.053  -26.525 1.00 55.91 ? 425 SER H C   1 
ATOM   176  O O   . SER A 1 22 ? -15.712 25.557  -27.119 1.00 54.84 ? 425 SER H O   1 
ATOM   177  C CB  . SER A 1 22 ? -13.895 25.707  -24.199 1.00 56.44 ? 425 SER H CB  1 
ATOM   178  O OG  . SER A 1 22 ? -13.946 26.960  -24.817 1.00 62.48 ? 425 SER H OG  1 
ATOM   179  N N   . ASN A 1 23 ? -13.636 24.744  -27.159 1.00 55.44 ? 426 ASN H N   1 
ATOM   180  C CA  . ASN A 1 23 ? -13.509 24.888  -28.607 1.00 55.25 ? 426 ASN H CA  1 
ATOM   181  C C   . ASN A 1 23 ? -14.584 24.119  -29.364 1.00 54.53 ? 426 ASN H C   1 
ATOM   182  O O   . ASN A 1 23 ? -15.256 24.661  -30.218 1.00 53.29 ? 426 ASN H O   1 
ATOM   183  C CB  . ASN A 1 23 ? -12.121 24.418  -29.063 1.00 55.34 ? 426 ASN H CB  1 
ATOM   184  C CG  . ASN A 1 23 ? -11.095 25.524  -29.040 1.00 55.30 ? 426 ASN H CG  1 
ATOM   185  O OD1 . ASN A 1 23 ? -11.131 26.408  -29.891 1.00 60.29 ? 426 ASN H OD1 1 
ATOM   186  N ND2 . ASN A 1 23 ? -10.163 25.476  -28.095 1.00 53.59 ? 426 ASN H ND2 1 
ATOM   187  N N   . HIS A 1 24 ? -14.747 22.850  -29.025 1.00 55.08 ? 427 HIS H N   1 
ATOM   188  C CA  . HIS A 1 24 ? -15.731 22.016  -29.670 1.00 55.55 ? 427 HIS H CA  1 
ATOM   189  C C   . HIS A 1 24 ? -17.166 22.546  -29.500 1.00 55.60 ? 427 HIS H C   1 
ATOM   190  O O   . HIS A 1 24 ? -17.909 22.594  -30.463 1.00 56.04 ? 427 HIS H O   1 
ATOM   191  C CB  . HIS A 1 24 ? -15.612 20.557  -29.194 1.00 55.92 ? 427 HIS H CB  1 
ATOM   192  C CG  . HIS A 1 24 ? -16.401 19.606  -30.033 1.00 56.20 ? 427 HIS H CG  1 
ATOM   193  N ND1 . HIS A 1 24 ? -15.911 19.067  -31.200 1.00 58.84 ? 427 HIS H ND1 1 
ATOM   194  C CD2 . HIS A 1 24 ? -17.684 19.185  -29.932 1.00 57.43 ? 427 HIS H CD2 1 
ATOM   195  C CE1 . HIS A 1 24 ? -16.844 18.321  -31.761 1.00 59.25 ? 427 HIS H CE1 1 
ATOM   196  N NE2 . HIS A 1 24 ? -17.931 18.380  -31.013 1.00 58.29 ? 427 HIS H NE2 1 
ATOM   197  N N   . MET A 1 25 ? -17.551 22.989  -28.311 1.00 56.25 ? 428 MET H N   1 
ATOM   198  C CA  . MET A 1 25 ? -18.893 23.554  -28.121 1.00 57.53 ? 428 MET H CA  1 
ATOM   199  C C   . MET A 1 25 ? -19.138 24.890  -28.833 1.00 58.11 ? 428 MET H C   1 
ATOM   200  O O   . MET A 1 25 ? -20.287 25.276  -29.033 1.00 58.33 ? 428 MET H O   1 
ATOM   201  C CB  . MET A 1 25 ? -19.188 23.706  -26.639 1.00 57.33 ? 428 MET H CB  1 
ATOM   202  C CG  . MET A 1 25 ? -19.287 22.356  -25.961 1.00 57.68 ? 428 MET H CG  1 
ATOM   203  S SD  . MET A 1 25 ? -19.244 22.499  -24.186 1.00 60.76 ? 428 MET H SD  1 
ATOM   204  C CE  . MET A 1 25 ? -20.872 22.990  -23.844 1.00 51.55 ? 428 MET H CE  1 
ATOM   205  N N   . ARG A 1 26 ? -18.050 25.585  -29.167 1.00 58.67 ? 429 ARG H N   1 
ATOM   206  C CA  . ARG A 1 26 ? -18.048 26.776  -30.002 1.00 59.11 ? 429 ARG H CA  1 
ATOM   207  C C   . ARG A 1 26 ? -18.207 26.427  -31.450 1.00 58.94 ? 429 ARG H C   1 
ATOM   208  O O   . ARG A 1 26 ? -18.478 27.309  -32.248 1.00 58.62 ? 429 ARG H O   1 
ATOM   209  C CB  . ARG A 1 26 ? -16.687 27.475  -29.931 1.00 60.00 ? 429 ARG H CB  1 
ATOM   210  C CG  . ARG A 1 26 ? -16.593 28.630  -29.026 1.00 62.12 ? 429 ARG H CG  1 
ATOM   211  C CD  . ARG A 1 26 ? -15.299 28.554  -28.303 1.00 65.52 ? 429 ARG H CD  1 
ATOM   212  N NE  . ARG A 1 26 ? -14.181 29.277  -28.900 1.00 67.64 ? 429 ARG H NE  1 
ATOM   213  C CZ  . ARG A 1 26 ? -12.934 29.168  -28.419 1.00 68.76 ? 429 ARG H CZ  1 
ATOM   214  N NH1 . ARG A 1 26 ? -12.669 28.352  -27.375 1.00 67.90 ? 429 ARG H NH1 1 
ATOM   215  N NH2 . ARG A 1 26 ? -11.942 29.857  -28.977 1.00 67.98 ? 429 ARG H NH2 1 
ATOM   216  N N   . GLY A 1 27 ? -17.966 25.168  -31.799 1.00 59.08 ? 430 GLY H N   1 
ATOM   217  C CA  . GLY A 1 27 ? -17.996 24.735  -33.197 1.00 59.93 ? 430 GLY H CA  1 
ATOM   218  C C   . GLY A 1 27 ? -16.656 24.942  -33.879 1.00 60.30 ? 430 GLY H C   1 
ATOM   219  O O   . GLY A 1 27 ? -16.591 25.097  -35.097 1.00 60.13 ? 430 GLY H O   1 
ATOM   220  N N   . ARG A 1 28 ? -15.589 24.960  -33.084 1.00 60.68 ? 431 ARG H N   1 
ATOM   221  C CA  . ARG A 1 28 ? -14.240 25.178  -33.587 1.00 61.53 ? 431 ARG H CA  1 
ATOM   222  C C   . ARG A 1 28 ? -13.422 23.901  -33.521 1.00 61.59 ? 431 ARG H C   1 
ATOM   223  O O   . ARG A 1 28 ? -13.612 23.055  -32.627 1.00 62.42 ? 431 ARG H O   1 
ATOM   224  C CB  . ARG A 1 28 ? -13.521 26.240  -32.759 1.00 61.41 ? 431 ARG H CB  1 
ATOM   225  C CG  . ARG A 1 28 ? -13.747 27.652  -33.227 1.00 63.37 ? 431 ARG H CG  1 
ATOM   226  C CD  . ARG A 1 28 ? -13.210 28.684  -32.230 1.00 64.01 ? 431 ARG H CD  1 
ATOM   227  N NE  . ARG A 1 28 ? -11.870 28.367  -31.707 1.00 67.03 ? 431 ARG H NE  1 
ATOM   228  C CZ  . ARG A 1 28 ? -10.715 28.868  -32.164 1.00 67.00 ? 431 ARG H CZ  1 
ATOM   229  N NH1 . ARG A 1 28 ? -10.701 29.712  -33.179 1.00 64.95 ? 431 ARG H NH1 1 
ATOM   230  N NH2 . ARG A 1 28 ? -9.556  28.508  -31.592 1.00 66.80 ? 431 ARG H NH2 1 
ATOM   231  N N   . SER A 1 29 ? -12.503 23.790  -34.463 1.00 61.47 ? 432 SER H N   1 
ATOM   232  C CA  . SER A 1 29 ? -11.479 22.781  -34.456 1.00 61.78 ? 432 SER H CA  1 
ATOM   233  C C   . SER A 1 29 ? -10.423 23.115  -33.392 1.00 62.16 ? 432 SER H C   1 
ATOM   234  O O   . SER A 1 29 ? -9.970  24.266  -33.276 1.00 62.39 ? 432 SER H O   1 
ATOM   235  C CB  . SER A 1 29 ? -10.818 22.726  -35.833 1.00 61.42 ? 432 SER H CB  1 
ATOM   236  O OG  . SER A 1 29 ? -10.027 21.568  -35.965 1.00 60.93 ? 432 SER H OG  1 
ATOM   237  N N   . ILE A 1 30 ? -10.007 22.101  -32.644 1.00 62.43 ? 433 ILE H N   1 
ATOM   238  C CA  . ILE A 1 30 ? -8.953  22.286  -31.645 1.00 63.14 ? 433 ILE H CA  1 
ATOM   239  C C   . ILE A 1 30 ? -7.590  22.580  -32.277 1.00 63.39 ? 433 ILE H C   1 
ATOM   240  O O   . ILE A 1 30 ? -6.714  23.150  -31.629 1.00 63.53 ? 433 ILE H O   1 
ATOM   241  C CB  . ILE A 1 30 ? -8.853  21.091  -30.665 1.00 63.04 ? 433 ILE H CB  1 
ATOM   242  C CG1 . ILE A 1 30 ? -8.519  19.790  -31.418 1.00 63.62 ? 433 ILE H CG1 1 
ATOM   243  C CG2 . ILE A 1 30 ? -10.150 20.962  -29.909 1.00 63.55 ? 433 ILE H CG2 1 
ATOM   244  C CD1 . ILE A 1 30 ? -7.933  18.700  -30.557 1.00 63.32 ? 433 ILE H CD1 1 
ATOM   245  N N   . THR A 1 31 ? -7.425  22.213  -33.545 1.00 63.86 ? 434 THR H N   1 
ATOM   246  C CA  . THR A 1 31 ? -6.184  22.481  -34.267 1.00 64.11 ? 434 THR H CA  1 
ATOM   247  C C   . THR A 1 31 ? -5.960  23.978  -34.502 1.00 64.56 ? 434 THR H C   1 
ATOM   248  O O   . THR A 1 31 ? -4.847  24.400  -34.782 1.00 64.53 ? 434 THR H O   1 
ATOM   249  C CB  . THR A 1 31 ? -6.165  21.751  -35.609 1.00 63.93 ? 434 THR H CB  1 
ATOM   250  O OG1 . THR A 1 31 ? -4.846  21.808  -36.152 1.00 65.24 ? 434 THR H OG1 1 
ATOM   251  C CG2 . THR A 1 31 ? -7.142  22.389  -36.601 1.00 63.20 ? 434 THR H CG2 1 
ATOM   252  N N   . ASN A 1 32 ? -7.017  24.782  -34.387 1.00 65.32 ? 435 ASN H N   1 
ATOM   253  C CA  . ASN A 1 32 ? -6.873  26.236  -34.494 1.00 65.73 ? 435 ASN H CA  1 
ATOM   254  C C   . ASN A 1 32 ? -6.325  26.858  -33.214 1.00 65.94 ? 435 ASN H C   1 
ATOM   255  O O   . ASN A 1 32 ? -5.832  27.995  -33.246 1.00 66.64 ? 435 ASN H O   1 
ATOM   256  C CB  . ASN A 1 32 ? -8.207  26.910  -34.844 1.00 66.33 ? 435 ASN H CB  1 
ATOM   257  C CG  . ASN A 1 32 ? -8.730  26.514  -36.211 1.00 66.96 ? 435 ASN H CG  1 
ATOM   258  O OD1 . ASN A 1 32 ? -7.973  26.378  -37.175 1.00 66.50 ? 435 ASN H OD1 1 
ATOM   259  N ND2 . ASN A 1 32 ? -10.051 26.337  -36.298 1.00 69.82 ? 435 ASN H ND2 1 
ATOM   260  N N   . ASP A 1 33 ? -6.391  26.109  -32.112 1.00 65.58 ? 436 ASP H N   1 
ATOM   261  C CA  . ASP A 1 33 ? -5.957  26.578  -30.792 1.00 64.92 ? 436 ASP H CA  1 
ATOM   262  C C   . ASP A 1 33 ? -4.520  26.129  -30.437 1.00 64.38 ? 436 ASP H C   1 
ATOM   263  O O   . ASP A 1 33 ? -4.237  24.947  -30.178 1.00 63.56 ? 436 ASP H O   1 
ATOM   264  C CB  . ASP A 1 33 ? -6.967  26.132  -29.728 1.00 65.14 ? 436 ASP H CB  1 
ATOM   265  C CG  . ASP A 1 33 ? -6.836  26.911  -28.411 1.00 66.23 ? 436 ASP H CG  1 
ATOM   266  O OD1 . ASP A 1 33 ? -5.737  27.452  -28.148 1.00 70.62 ? 436 ASP H OD1 1 
ATOM   267  O OD2 . ASP A 1 33 ? -7.824  26.957  -27.625 1.00 66.20 ? 436 ASP H OD2 1 
ATOM   268  N N   . SER A 1 34 ? -3.631  27.118  -30.414 1.00 63.50 ? 437 SER H N   1 
ATOM   269  C CA  . SER A 1 34 ? -2.211  26.910  -30.202 1.00 63.14 ? 437 SER H CA  1 
ATOM   270  C C   . SER A 1 34 ? -1.896  26.560  -28.772 1.00 62.10 ? 437 SER H C   1 
ATOM   271  O O   . SER A 1 34 ? -0.862  25.941  -28.513 1.00 62.04 ? 437 SER H O   1 
ATOM   272  C CB  . SER A 1 34 ? -1.389  28.180  -30.644 1.00 63.01 ? 437 SER H CB  1 
ATOM   273  O OG  . SER A 1 34 ? -1.549  29.163  -29.590 1.00 65.67 ? 437 SER H OG  1 
ATOM   274  N N   . ALA A 1 35 ? -2.781  26.974  -27.858 1.00 61.60 ? 438 ALA H N   1 
ATOM   275  C CA  . ALA A 1 35 ? -2.720  26.548  -26.430 1.00 61.34 ? 438 ALA H CA  1 
ATOM   276  C C   . ALA A 1 35 ? -3.060  25.069  -26.175 1.00 60.19 ? 438 ALA H C   1 
ATOM   277  O O   . ALA A 1 35 ? -2.585  24.492  -25.201 1.00 59.77 ? 438 ALA H O   1 
ATOM   278  C CB  . ALA A 1 35 ? -3.626  27.447  -25.573 1.00 61.72 ? 438 ALA H CB  1 
ATOM   279  N N   . VAL A 1 36 ? -3.886  24.458  -27.024 1.00 59.78 ? 439 VAL H N   1 
ATOM   280  C CA  . VAL A 1 36 ? -4.229  23.029  -26.869 1.00 59.99 ? 439 VAL H CA  1 
ATOM   281  C C   . VAL A 1 36 ? -3.039  22.141  -27.273 1.00 60.21 ? 439 VAL H C   1 
ATOM   282  O O   . VAL A 1 36 ? -2.660  21.233  -26.507 1.00 59.87 ? 439 VAL H O   1 
ATOM   283  C CB  . VAL A 1 36 ? -5.524  22.620  -27.622 1.00 60.09 ? 439 VAL H CB  1 
ATOM   284  C CG1 . VAL A 1 36 ? -5.663  21.086  -27.731 1.00 60.53 ? 439 VAL H CG1 1 
ATOM   285  C CG2 . VAL A 1 36 ? -6.745  23.188  -26.914 1.00 59.91 ? 439 VAL H CG2 1 
ATOM   286  N N   . LEU A 1 37 ? -2.419  22.437  -28.421 1.00 59.88 ? 440 LEU H N   1 
ATOM   287  C CA  . LEU A 1 37 ? -1.239  21.719  -28.842 1.00 60.00 ? 440 LEU H CA  1 
ATOM   288  C C   . LEU A 1 37 ? -0.145  21.825  -27.783 1.00 60.09 ? 440 LEU H C   1 
ATOM   289  O O   . LEU A 1 37 ? 0.511   20.831  -27.476 1.00 59.40 ? 440 LEU H O   1 
ATOM   290  C CB  . LEU A 1 37 ? -0.691  22.241  -30.180 1.00 60.18 ? 440 LEU H CB  1 
ATOM   291  C CG  . LEU A 1 37 ? 0.686   21.663  -30.584 1.00 60.33 ? 440 LEU H CG  1 
ATOM   292  C CD1 . LEU A 1 37 ? 0.740   20.134  -30.512 1.00 59.37 ? 440 LEU H CD1 1 
ATOM   293  C CD2 . LEU A 1 37 ? 1.127   22.182  -31.991 1.00 61.07 ? 440 LEU H CD2 1 
ATOM   294  N N   . SER A 1 38 ? 0.048   23.036  -27.251 1.00 59.45 ? 441 SER H N   1 
ATOM   295  C CA  . SER A 1 38 ? 1.046   23.287  -26.204 1.00 59.05 ? 441 SER H CA  1 
ATOM   296  C C   . SER A 1 38 ? 0.799   22.414  -24.952 1.00 58.55 ? 441 SER H C   1 
ATOM   297  O O   . SER A 1 38 ? 1.694   21.713  -24.478 1.00 58.50 ? 441 SER H O   1 
ATOM   298  C CB  . SER A 1 38 ? 1.007   24.772  -25.841 1.00 59.49 ? 441 SER H CB  1 
ATOM   299  O OG  . SER A 1 38 ? 1.847   25.036  -24.732 1.00 62.64 ? 441 SER H OG  1 
ATOM   300  N N   . LEU A 1 39 ? -0.432  22.431  -24.448 1.00 57.42 ? 442 LEU H N   1 
ATOM   301  C CA  . LEU A 1 39 ? -0.813  21.597  -23.292 1.00 56.93 ? 442 LEU H CA  1 
ATOM   302  C C   . LEU A 1 39 ? -0.643  20.111  -23.609 1.00 56.91 ? 442 LEU H C   1 
ATOM   303  O O   . LEU A 1 39 ? -0.145  19.365  -22.765 1.00 57.04 ? 442 LEU H O   1 
ATOM   304  C CB  . LEU A 1 39 ? -2.247  21.906  -22.806 1.00 55.66 ? 442 LEU H CB  1 
ATOM   305  C CG  . LEU A 1 39 ? -2.499  23.268  -22.144 1.00 54.22 ? 442 LEU H CG  1 
ATOM   306  C CD1 . LEU A 1 39 ? -3.927  23.729  -22.263 1.00 53.27 ? 442 LEU H CD1 1 
ATOM   307  C CD2 . LEU A 1 39 ? -2.101  23.297  -20.693 1.00 53.96 ? 442 LEU H CD2 1 
ATOM   308  N N   . PHE A 1 40 ? -1.021  19.673  -24.811 1.00 57.28 ? 443 PHE H N   1 
ATOM   309  C CA  . PHE A 1 40 ? -0.790  18.270  -25.237 1.00 58.03 ? 443 PHE H CA  1 
ATOM   310  C C   . PHE A 1 40 ? 0.691   17.881  -25.073 1.00 58.69 ? 443 PHE H C   1 
ATOM   311  O O   . PHE A 1 40 ? 1.028   16.848  -24.507 1.00 59.04 ? 443 PHE H O   1 
ATOM   312  C CB  . PHE A 1 40 ? -1.237  18.063  -26.689 1.00 57.70 ? 443 PHE H CB  1 
ATOM   313  C CG  . PHE A 1 40 ? -0.871  16.716  -27.265 1.00 57.16 ? 443 PHE H CG  1 
ATOM   314  C CD1 . PHE A 1 40 ? -1.565  15.585  -26.910 1.00 57.27 ? 443 PHE H CD1 1 
ATOM   315  C CD2 . PHE A 1 40 ? 0.155   16.600  -28.206 1.00 58.09 ? 443 PHE H CD2 1 
ATOM   316  C CE1 . PHE A 1 40 ? -1.229  14.325  -27.445 1.00 58.22 ? 443 PHE H CE1 1 
ATOM   317  C CE2 . PHE A 1 40 ? 0.494   15.358  -28.752 1.00 58.03 ? 443 PHE H CE2 1 
ATOM   318  C CZ  . PHE A 1 40 ? -0.202  14.214  -28.360 1.00 58.01 ? 443 PHE H CZ  1 
ATOM   319  N N   . GLN A 1 41 ? 1.545   18.761  -25.552 1.00 58.74 ? 444 GLN H N   1 
ATOM   320  C CA  . GLN A 1 41 ? 2.996   18.651  -25.442 1.00 60.05 ? 444 GLN H CA  1 
ATOM   321  C C   . GLN A 1 41 ? 3.498   18.615  -23.961 1.00 59.84 ? 444 GLN H C   1 
ATOM   322  O O   . GLN A 1 41 ? 4.236   17.718  -23.585 1.00 60.07 ? 444 GLN H O   1 
ATOM   323  C CB  . GLN A 1 41 ? 3.544   19.837  -26.247 1.00 60.10 ? 444 GLN H CB  1 
ATOM   324  C CG  . GLN A 1 41 ? 4.960   19.869  -26.592 1.00 62.60 ? 444 GLN H CG  1 
ATOM   325  C CD  . GLN A 1 41 ? 5.282   21.076  -27.511 1.00 62.18 ? 444 GLN H CD  1 
ATOM   326  O OE1 . GLN A 1 41 ? 4.453   21.515  -28.326 1.00 61.68 ? 444 GLN H OE1 1 
ATOM   327  N NE2 . GLN A 1 41 ? 6.504   21.596  -27.376 1.00 64.95 ? 444 GLN H NE2 1 
ATOM   328  N N   . SER A 1 42 ? 3.058   19.550  -23.124 1.00 59.96 ? 445 SER H N   1 
ATOM   329  C CA  . SER A 1 42 ? 3.403   19.554  -21.684 1.00 59.84 ? 445 SER H CA  1 
ATOM   330  C C   . SER A 1 42 ? 3.021   18.289  -20.952 1.00 58.80 ? 445 SER H C   1 
ATOM   331  O O   . SER A 1 42 ? 3.763   17.814  -20.103 1.00 57.99 ? 445 SER H O   1 
ATOM   332  C CB  . SER A 1 42 ? 2.710   20.705  -20.949 1.00 59.88 ? 445 SER H CB  1 
ATOM   333  O OG  . SER A 1 42 ? 3.466   21.883  -21.092 1.00 62.00 ? 445 SER H OG  1 
ATOM   334  N N   . ILE A 1 43 ? 1.827   17.792  -21.239 1.00 58.67 ? 446 ILE H N   1 
ATOM   335  C CA  . ILE A 1 43 ? 1.278   16.646  -20.514 1.00 59.27 ? 446 ILE H CA  1 
ATOM   336  C C   . ILE A 1 43 ? 2.078   15.385  -20.864 1.00 59.76 ? 446 ILE H C   1 
ATOM   337  O O   . ILE A 1 43 ? 2.457   14.631  -19.969 1.00 60.54 ? 446 ILE H O   1 
ATOM   338  C CB  . ILE A 1 43 ? -0.247  16.492  -20.739 1.00 59.21 ? 446 ILE H CB  1 
ATOM   339  C CG1 . ILE A 1 43 ? -0.997  17.566  -19.932 1.00 58.62 ? 446 ILE H CG1 1 
ATOM   340  C CG2 . ILE A 1 43 ? -0.735  15.073  -20.349 1.00 57.13 ? 446 ILE H CG2 1 
ATOM   341  C CD1 . ILE A 1 43 ? -2.322  17.965  -20.490 1.00 58.19 ? 446 ILE H CD1 1 
ATOM   342  N N   . ASN A 1 44 ? 2.384   15.202  -22.146 1.00 59.76 ? 447 ASN H N   1 
ATOM   343  C CA  . ASN A 1 44 ? 3.225   14.086  -22.584 1.00 59.77 ? 447 ASN H CA  1 
ATOM   344  C C   . ASN A 1 44 ? 4.617   14.130  -21.958 1.00 59.88 ? 447 ASN H C   1 
ATOM   345  O O   . ASN A 1 44 ? 5.192   13.082  -21.619 1.00 60.63 ? 447 ASN H O   1 
ATOM   346  C CB  . ASN A 1 44 ? 3.378   14.079  -24.118 1.00 59.87 ? 447 ASN H CB  1 
ATOM   347  C CG  . ASN A 1 44 ? 2.168   13.482  -24.853 1.00 60.07 ? 447 ASN H CG  1 
ATOM   348  O OD1 . ASN A 1 44 ? 1.770   13.992  -25.902 1.00 62.19 ? 447 ASN H OD1 1 
ATOM   349  N ND2 . ASN A 1 44 ? 1.610   12.392  -24.331 1.00 60.58 ? 447 ASN H ND2 1 
ATOM   350  N N   . GLY A 1 45 ? 5.175   15.336  -21.856 1.00 59.28 ? 448 GLY H N   1 
ATOM   351  C CA  . GLY A 1 45 ? 6.460   15.554  -21.216 1.00 58.73 ? 448 GLY H CA  1 
ATOM   352  C C   . GLY A 1 45 ? 6.393   15.195  -19.738 1.00 58.91 ? 448 GLY H C   1 
ATOM   353  O O   . GLY A 1 45 ? 7.324   14.591  -19.213 1.00 58.97 ? 448 GLY H O   1 
ATOM   354  N N   . MET A 1 46 ? 5.283   15.536  -19.065 1.00 58.42 ? 449 MET H N   1 
ATOM   355  C CA  . MET A 1 46 ? 5.119   15.218  -17.624 1.00 58.21 ? 449 MET H CA  1 
ATOM   356  C C   . MET A 1 46 ? 4.711   13.769  -17.289 1.00 57.98 ? 449 MET H C   1 
ATOM   357  O O   . MET A 1 46 ? 4.926   13.302  -16.167 1.00 57.28 ? 449 MET H O   1 
ATOM   358  C CB  . MET A 1 46 ? 4.105   16.156  -16.987 1.00 58.15 ? 449 MET H CB  1 
ATOM   359  C CG  . MET A 1 46 ? 4.591   17.604  -16.869 1.00 58.93 ? 449 MET H CG  1 
ATOM   360  S SD  . MET A 1 46 ? 3.441   18.634  -15.952 1.00 57.28 ? 449 MET H SD  1 
ATOM   361  C CE  . MET A 1 46 ? 2.373   19.134  -17.251 1.00 55.24 ? 449 MET H CE  1 
ATOM   362  N N   . HIS A 1 47 ? 4.126   13.070  -18.255 1.00 57.98 ? 450 HIS H N   1 
ATOM   363  C CA  . HIS A 1 47 ? 3.520   11.750  -17.999 1.00 58.18 ? 450 HIS H CA  1 
ATOM   364  C C   . HIS A 1 47 ? 4.524   10.729  -17.438 1.00 58.23 ? 450 HIS H C   1 
ATOM   365  O O   . HIS A 1 47 ? 4.217   10.077  -16.432 1.00 57.84 ? 450 HIS H O   1 
ATOM   366  C CB  . HIS A 1 47 ? 2.843   11.217  -19.273 1.00 58.39 ? 450 HIS H CB  1 
ATOM   367  C CG  . HIS A 1 47 ? 1.857   10.117  -19.040 1.00 57.06 ? 450 HIS H CG  1 
ATOM   368  N ND1 . HIS A 1 47 ? 1.109   9.576   -20.062 1.00 57.47 ? 450 HIS H ND1 1 
ATOM   369  C CD2 . HIS A 1 47 ? 1.467   9.482   -17.911 1.00 56.78 ? 450 HIS H CD2 1 
ATOM   370  C CE1 . HIS A 1 47 ? 0.326   8.629   -19.579 1.00 56.50 ? 450 HIS H CE1 1 
ATOM   371  N NE2 . HIS A 1 47 ? 0.530   8.545   -18.276 1.00 57.02 ? 450 HIS H NE2 1 
ATOM   372  N N   . PRO A 1 48 ? 5.729   10.595  -18.052 1.00 58.34 ? 451 PRO H N   1 
ATOM   373  C CA  . PRO A 1 48 ? 6.665   9.617   -17.478 1.00 58.47 ? 451 PRO H CA  1 
ATOM   374  C C   . PRO A 1 48 ? 6.931   9.808   -15.984 1.00 58.70 ? 451 PRO H C   1 
ATOM   375  O O   . PRO A 1 48 ? 7.063   8.812   -15.240 1.00 59.14 ? 451 PRO H O   1 
ATOM   376  C CB  . PRO A 1 48 ? 7.968   9.842   -18.263 1.00 58.37 ? 451 PRO H CB  1 
ATOM   377  C CG  . PRO A 1 48 ? 7.551   10.494  -19.551 1.00 58.44 ? 451 PRO H CG  1 
ATOM   378  C CD  . PRO A 1 48 ? 6.296   11.276  -19.233 1.00 58.43 ? 451 PRO H CD  1 
ATOM   379  N N   . GLN A 1 49 ? 7.027   11.059  -15.547 1.00 58.50 ? 452 GLN H N   1 
ATOM   380  C CA  . GLN A 1 49 ? 7.361   11.326  -14.164 1.00 58.73 ? 452 GLN H CA  1 
ATOM   381  C C   . GLN A 1 49 ? 6.225   10.850  -13.271 1.00 58.03 ? 452 GLN H C   1 
ATOM   382  O O   . GLN A 1 49 ? 6.476   10.417  -12.152 1.00 58.30 ? 452 GLN H O   1 
ATOM   383  C CB  . GLN A 1 49 ? 7.756   12.800  -13.882 1.00 58.59 ? 452 GLN H CB  1 
ATOM   384  C CG  . GLN A 1 49 ? 7.740   13.095  -12.365 1.00 59.60 ? 452 GLN H CG  1 
ATOM   385  C CD  . GLN A 1 49 ? 8.623   14.236  -11.875 1.00 60.95 ? 452 GLN H CD  1 
ATOM   386  O OE1 . GLN A 1 49 ? 9.042   15.123  -12.638 1.00 64.17 ? 452 GLN H OE1 1 
ATOM   387  N NE2 . GLN A 1 49 ? 8.891   14.224  -10.565 1.00 60.94 ? 452 GLN H NE2 1 
ATOM   388  N N   . LEU A 1 50 ? 4.993   10.887  -13.773 1.00 58.13 ? 453 LEU H N   1 
ATOM   389  C CA  . LEU A 1 50 ? 3.841   10.436  -12.988 1.00 58.00 ? 453 LEU H CA  1 
ATOM   390  C C   . LEU A 1 50 ? 3.867   8.916   -12.815 1.00 57.99 ? 453 LEU H C   1 
ATOM   391  O O   . LEU A 1 50 ? 3.548   8.426   -11.731 1.00 58.25 ? 453 LEU H O   1 
ATOM   392  C CB  . LEU A 1 50 ? 2.511   10.917  -13.590 1.00 57.64 ? 453 LEU H CB  1 
ATOM   393  C CG  . LEU A 1 50 ? 1.246   10.334  -12.918 1.00 57.94 ? 453 LEU H CG  1 
ATOM   394  C CD1 . LEU A 1 50 ? 0.936   10.951  -11.527 1.00 54.46 ? 453 LEU H CD1 1 
ATOM   395  C CD2 . LEU A 1 50 ? 0.034   10.476  -13.845 1.00 56.75 ? 453 LEU H CD2 1 
ATOM   396  N N   . LEU A 1 51 ? 4.252   8.198   -13.873 1.00 57.82 ? 454 LEU H N   1 
ATOM   397  C CA  . LEU A 1 51 ? 4.431   6.745   -13.827 1.00 58.11 ? 454 LEU H CA  1 
ATOM   398  C C   . LEU A 1 51 ? 5.594   6.345   -12.904 1.00 58.47 ? 454 LEU H C   1 
ATOM   399  O O   . LEU A 1 51 ? 5.479   5.373   -12.175 1.00 58.11 ? 454 LEU H O   1 
ATOM   400  C CB  . LEU A 1 51 ? 4.647   6.166   -15.234 1.00 57.15 ? 454 LEU H CB  1 
ATOM   401  C CG  . LEU A 1 51 ? 3.482   6.475   -16.190 1.00 59.81 ? 454 LEU H CG  1 
ATOM   402  C CD1 . LEU A 1 51 ? 3.782   6.067   -17.674 1.00 57.26 ? 454 LEU H CD1 1 
ATOM   403  C CD2 . LEU A 1 51 ? 2.161   5.853   -15.648 1.00 58.50 ? 454 LEU H CD2 1 
ATOM   404  N N   . GLU A 1 52 ? 6.706   7.097   -12.943 1.00 59.07 ? 455 GLU H N   1 
ATOM   405  C CA  . GLU A 1 52 ? 7.829   6.885   -12.027 1.00 59.33 ? 455 GLU H CA  1 
ATOM   406  C C   . GLU A 1 52 ? 7.357   6.911   -10.551 1.00 58.73 ? 455 GLU H C   1 
ATOM   407  O O   . GLU A 1 52 ? 7.679   6.024   -9.763  1.00 58.27 ? 455 GLU H O   1 
ATOM   408  C CB  . GLU A 1 52 ? 8.949   7.900   -12.307 1.00 59.85 ? 455 GLU H CB  1 
ATOM   409  C CG  . GLU A 1 52 ? 9.705   7.582   -13.620 1.00 61.92 ? 455 GLU H CG  1 
ATOM   410  C CD  . GLU A 1 52 ? 10.596  8.721   -14.225 1.00 63.05 ? 455 GLU H CD  1 
ATOM   411  O OE1 . GLU A 1 52 ? 10.411  9.921   -13.908 1.00 69.26 ? 455 GLU H OE1 1 
ATOM   412  O OE2 . GLU A 1 52 ? 11.458  8.408   -15.089 1.00 63.98 ? 455 GLU H OE2 1 
ATOM   413  N N   . LEU A 1 53 ? 6.567   7.919   -10.215 1.00 58.16 ? 456 LEU H N   1 
ATOM   414  C CA  . LEU A 1 53 ? 6.031   8.111   -8.877  1.00 58.26 ? 456 LEU H CA  1 
ATOM   415  C C   . LEU A 1 53 ? 5.020   7.060   -8.499  1.00 58.00 ? 456 LEU H C   1 
ATOM   416  O O   . LEU A 1 53 ? 4.979   6.633   -7.346  1.00 57.74 ? 456 LEU H O   1 
ATOM   417  C CB  . LEU A 1 53 ? 5.363   9.499   -8.757  1.00 57.86 ? 456 LEU H CB  1 
ATOM   418  C CG  . LEU A 1 53 ? 6.312   10.693  -8.823  1.00 57.34 ? 456 LEU H CG  1 
ATOM   419  C CD1 . LEU A 1 53 ? 5.522   11.988  -8.917  1.00 57.29 ? 456 LEU H CD1 1 
ATOM   420  C CD2 . LEU A 1 53 ? 7.263   10.713  -7.616  1.00 57.37 ? 456 LEU H CD2 1 
ATOM   421  N N   . LEU A 1 54 ? 4.173   6.676   -9.447  1.00 58.08 ? 457 LEU H N   1 
ATOM   422  C CA  . LEU A 1 54 ? 3.259   5.560   -9.207  1.00 58.41 ? 457 LEU H CA  1 
ATOM   423  C C   . LEU A 1 54 ? 4.079   4.321   -8.891  1.00 58.02 ? 457 LEU H C   1 
ATOM   424  O O   . LEU A 1 54 ? 3.728   3.608   -7.983  1.00 58.16 ? 457 LEU H O   1 
ATOM   425  C CB  . LEU A 1 54 ? 2.323   5.286   -10.389 1.00 58.22 ? 457 LEU H CB  1 
ATOM   426  C CG  . LEU A 1 54 ? 1.075   6.185   -10.453 1.00 58.54 ? 457 LEU H CG  1 
ATOM   427  C CD1 . LEU A 1 54 ? 0.588   6.339   -11.900 1.00 56.48 ? 457 LEU H CD1 1 
ATOM   428  C CD2 . LEU A 1 54 ? -0.071  5.643   -9.521  1.00 55.91 ? 457 LEU H CD2 1 
ATOM   429  N N   . ASN A 1 55 ? 5.180   4.094   -9.616  1.00 58.34 ? 458 ASN H N   1 
ATOM   430  C CA  . ASN A 1 55 ? 6.018   2.948   -9.346  1.00 58.61 ? 458 ASN H CA  1 
ATOM   431  C C   . ASN A 1 55 ? 6.732   2.991   -7.975  1.00 59.26 ? 458 ASN H C   1 
ATOM   432  O O   . ASN A 1 55 ? 6.850   1.923   -7.314  1.00 57.03 ? 458 ASN H O   1 
ATOM   433  C CB  . ASN A 1 55 ? 7.009   2.673   -10.460 1.00 58.54 ? 458 ASN H CB  1 
ATOM   434  C CG  . ASN A 1 55 ? 7.635   1.275   -10.348 1.00 58.69 ? 458 ASN H CG  1 
ATOM   435  O OD1 . ASN A 1 55 ? 6.933   0.267   -10.440 1.00 59.17 ? 458 ASN H OD1 1 
ATOM   436  N ND2 . ASN A 1 55 ? 8.944   1.213   -10.122 1.00 57.06 ? 458 ASN H ND2 1 
ATOM   437  N N   . GLN A 1 56 ? 7.156   4.186   -7.522  1.00 58.79 ? 459 GLN H N   1 
ATOM   438  C CA  . GLN A 1 56 ? 7.773   4.277   -6.189  1.00 59.51 ? 459 GLN H CA  1 
ATOM   439  C C   . GLN A 1 56 ? 6.773   4.026   -5.093  1.00 59.67 ? 459 GLN H C   1 
ATOM   440  O O   . GLN A 1 56 ? 7.127   3.450   -4.063  1.00 59.48 ? 459 GLN H O   1 
ATOM   441  C CB  . GLN A 1 56 ? 8.475   5.594   -5.914  1.00 60.24 ? 459 GLN H CB  1 
ATOM   442  C CG  . GLN A 1 56 ? 9.693   5.891   -6.805  1.00 64.92 ? 459 GLN H CG  1 
ATOM   443  C CD  . GLN A 1 56 ? 10.881  4.959   -6.594  1.00 69.59 ? 459 GLN H CD  1 
ATOM   444  O OE1 . GLN A 1 56 ? 11.183  4.539   -5.471  1.00 75.95 ? 459 GLN H OE1 1 
ATOM   445  N NE2 . GLN A 1 56 ? 11.585  4.652   -7.684  1.00 72.46 ? 459 GLN H NE2 1 
ATOM   446  N N   . LEU A 1 57 ? 5.517   4.417   -5.306  1.00 59.30 ? 460 LEU H N   1 
ATOM   447  C CA  . LEU A 1 57 ? 4.485   4.069   -4.368  1.00 59.05 ? 460 LEU H CA  1 
ATOM   448  C C   . LEU A 1 57 ? 4.234   2.564   -4.336  1.00 58.53 ? 460 LEU H C   1 
ATOM   449  O O   . LEU A 1 57 ? 4.013   2.008   -3.277  1.00 58.21 ? 460 LEU H O   1 
ATOM   450  C CB  . LEU A 1 57 ? 3.180   4.837   -4.624  1.00 58.95 ? 460 LEU H CB  1 
ATOM   451  C CG  . LEU A 1 57 ? 3.198   6.320   -4.256  1.00 58.98 ? 460 LEU H CG  1 
ATOM   452  C CD1 . LEU A 1 57 ? 2.082   7.042   -4.950  1.00 54.27 ? 460 LEU H CD1 1 
ATOM   453  C CD2 . LEU A 1 57 ? 3.136   6.520   -2.736  1.00 57.32 ? 460 LEU H CD2 1 
ATOM   454  N N   . ASP A 1 58 ? 4.237   1.895   -5.479  1.00 59.48 ? 461 ASP H N   1 
ATOM   455  C CA  . ASP A 1 58 ? 4.136   0.428   -5.475  1.00 59.44 ? 461 ASP H CA  1 
ATOM   456  C C   . ASP A 1 58 ? 5.298   -0.172  -4.685  1.00 58.52 ? 461 ASP H C   1 
ATOM   457  O O   . ASP A 1 58 ? 5.091   -1.116  -3.927  1.00 57.79 ? 461 ASP H O   1 
ATOM   458  C CB  . ASP A 1 58 ? 4.146   -0.169  -6.887  1.00 60.39 ? 461 ASP H CB  1 
ATOM   459  C CG  . ASP A 1 58 ? 2.904   0.172   -7.669  1.00 66.88 ? 461 ASP H CG  1 
ATOM   460  O OD1 . ASP A 1 58 ? 3.030   0.647   -8.833  1.00 74.71 ? 461 ASP H OD1 1 
ATOM   461  O OD2 . ASP A 1 58 ? 1.784   -0.024  -7.121  1.00 75.23 ? 461 ASP H OD2 1 
ATOM   462  N N   . GLU A 1 59 ? 6.514   0.353   -4.869  1.00 57.51 ? 462 GLU H N   1 
ATOM   463  C CA  . GLU A 1 59 ? 7.676   -0.182  -4.133  1.00 57.58 ? 462 GLU H CA  1 
ATOM   464  C C   . GLU A 1 59 ? 7.516   -0.041  -2.653  1.00 57.22 ? 462 GLU H C   1 
ATOM   465  O O   . GLU A 1 59 ? 7.768   -1.012  -1.924  1.00 56.24 ? 462 GLU H O   1 
ATOM   466  C CB  . GLU A 1 59 ? 8.987   0.422   -4.564  1.00 56.68 ? 462 GLU H CB  1 
ATOM   467  C CG  . GLU A 1 59 ? 9.377   0.004   -5.958  1.00 57.95 ? 462 GLU H CG  1 
ATOM   468  C CD  . GLU A 1 59 ? 10.691  0.590   -6.434  1.00 58.50 ? 462 GLU H CD  1 
ATOM   469  O OE1 . GLU A 1 59 ? 11.528  0.964   -5.583  1.00 60.83 ? 462 GLU H OE1 1 
ATOM   470  O OE2 . GLU A 1 59 ? 10.912  0.622   -7.660  1.00 58.77 ? 462 GLU H OE2 1 
ATOM   471  N N   . ARG A 1 60 ? 7.063   1.126   -2.201  1.00 57.21 ? 463 ARG H N   1 
ATOM   472  C CA  . ARG A 1 60 ? 6.880   1.351   -0.781  1.00 58.48 ? 463 ARG H CA  1 
ATOM   473  C C   . ARG A 1 60 ? 5.788   0.452   -0.203  1.00 58.77 ? 463 ARG H C   1 
ATOM   474  O O   . ARG A 1 60 ? 5.905   -0.019  0.933   1.00 58.73 ? 463 ARG H O   1 
ATOM   475  C CB  . ARG A 1 60 ? 6.485   2.796   -0.477  1.00 59.96 ? 463 ARG H CB  1 
ATOM   476  C CG  . ARG A 1 60 ? 7.519   3.830   -0.766  1.00 62.23 ? 463 ARG H CG  1 
ATOM   477  C CD  . ARG A 1 60 ? 8.782   3.677   0.109   1.00 65.80 ? 463 ARG H CD  1 
ATOM   478  N NE  . ARG A 1 60 ? 9.606   4.871   -0.110  1.00 65.92 ? 463 ARG H NE  1 
ATOM   479  C CZ  . ARG A 1 60 ? 10.228  5.132   -1.259  1.00 68.35 ? 463 ARG H CZ  1 
ATOM   480  N NH1 . ARG A 1 60 ? 10.188  4.263   -2.293  1.00 69.18 ? 463 ARG H NH1 1 
ATOM   481  N NH2 . ARG A 1 60 ? 10.915  6.250   -1.373  1.00 67.75 ? 463 ARG H NH2 1 
ATOM   482  N N   . ARG A 1 61 ? 4.698   0.298   -0.951  1.00 58.41 ? 464 ARG H N   1 
ATOM   483  C CA  . ARG A 1 61 ? 3.616   -0.569  -0.561  1.00 58.62 ? 464 ARG H CA  1 
ATOM   484  C C   . ARG A 1 61 ? 4.132   -1.988  -0.409  1.00 57.63 ? 464 ARG H C   1 
ATOM   485  O O   . ARG A 1 61 ? 3.842   -2.637  0.572   1.00 57.59 ? 464 ARG H O   1 
ATOM   486  C CB  . ARG A 1 61 ? 2.489   -0.538  -1.607  1.00 58.31 ? 464 ARG H CB  1 
ATOM   487  C CG  . ARG A 1 61 ? 1.292   -1.421  -1.270  1.00 59.96 ? 464 ARG H CG  1 
ATOM   488  C CD  . ARG A 1 61 ? 0.298   -1.582  -2.424  1.00 63.46 ? 464 ARG H CD  1 
ATOM   489  N NE  . ARG A 1 61 ? 0.986   -1.872  -3.693  1.00 69.76 ? 464 ARG H NE  1 
ATOM   490  C CZ  . ARG A 1 61 ? 1.253   -3.083  -4.213  1.00 70.70 ? 464 ARG H CZ  1 
ATOM   491  N NH1 . ARG A 1 61 ? 0.896   -4.223  -3.623  1.00 68.28 ? 464 ARG H NH1 1 
ATOM   492  N NH2 . ARG A 1 61 ? 1.896   -3.137  -5.382  1.00 73.18 ? 464 ARG H NH2 1 
ATOM   493  N N   . LEU A 1 62 ? 4.836   -2.475  -1.428  1.00 56.71 ? 465 LEU H N   1 
ATOM   494  C CA  . LEU A 1 62 ? 5.362   -3.829  -1.422  1.00 57.26 ? 465 LEU H CA  1 
ATOM   495  C C   . LEU A 1 62 ? 6.331   -4.052  -0.241  1.00 57.90 ? 465 LEU H C   1 
ATOM   496  O O   . LEU A 1 62 ? 6.278   -5.099  0.414   1.00 57.77 ? 465 LEU H O   1 
ATOM   497  C CB  . LEU A 1 62 ? 6.006   -4.172  -2.768  1.00 56.04 ? 465 LEU H CB  1 
ATOM   498  C CG  . LEU A 1 62 ? 4.978   -4.412  -3.883  1.00 54.00 ? 465 LEU H CG  1 
ATOM   499  C CD1 . LEU A 1 62 ? 5.577   -4.253  -5.309  1.00 52.28 ? 465 LEU H CD1 1 
ATOM   500  C CD2 . LEU A 1 62 ? 4.338   -5.768  -3.718  1.00 49.79 ? 465 LEU H CD2 1 
ATOM   501  N N   . TYR A 1 63 ? 7.167   -3.053  0.067   1.00 58.49 ? 466 TYR H N   1 
ATOM   502  C CA  . TYR A 1 63 ? 8.005   -3.112  1.286   1.00 58.01 ? 466 TYR H CA  1 
ATOM   503  C C   . TYR A 1 63 ? 7.159   -3.355  2.551   1.00 57.64 ? 466 TYR H C   1 
ATOM   504  O O   . TYR A 1 63 ? 7.389   -4.267  3.266   1.00 57.42 ? 466 TYR H O   1 
ATOM   505  C CB  . TYR A 1 63 ? 8.840   -1.848  1.455   1.00 57.91 ? 466 TYR H CB  1 
ATOM   506  C CG  . TYR A 1 63 ? 9.596   -1.809  2.760   1.00 58.42 ? 466 TYR H CG  1 
ATOM   507  C CD1 . TYR A 1 63 ? 10.655  -2.685  2.999   1.00 58.93 ? 466 TYR H CD1 1 
ATOM   508  C CD2 . TYR A 1 63 ? 9.227   -0.946  3.774   1.00 57.50 ? 466 TYR H CD2 1 
ATOM   509  C CE1 . TYR A 1 63 ? 11.336  -2.670  4.189   1.00 57.97 ? 466 TYR H CE1 1 
ATOM   510  C CE2 . TYR A 1 63 ? 9.912   -0.915  4.970   1.00 57.31 ? 466 TYR H CE2 1 
ATOM   511  C CZ  . TYR A 1 63 ? 10.970  -1.779  5.170   1.00 58.79 ? 466 TYR H CZ  1 
ATOM   512  O OH  . TYR A 1 63 ? 11.674  -1.753  6.363   1.00 59.96 ? 466 TYR H OH  1 
ATOM   513  N N   . TYR A 1 64 ? 6.180   -2.527  2.833   1.00 57.73 ? 467 TYR H N   1 
ATOM   514  C CA  . TYR A 1 64 ? 5.437   -2.685  4.057   1.00 57.73 ? 467 TYR H CA  1 
ATOM   515  C C   . TYR A 1 64 ? 4.555   -3.939  4.092   1.00 58.61 ? 467 TYR H C   1 
ATOM   516  O O   . TYR A 1 64 ? 4.325   -4.514  5.174   1.00 57.44 ? 467 TYR H O   1 
ATOM   517  C CB  . TYR A 1 64 ? 4.646   -1.432  4.337   1.00 58.07 ? 467 TYR H CB  1 
ATOM   518  C CG  . TYR A 1 64 ? 5.540   -0.276  4.747   1.00 57.85 ? 467 TYR H CG  1 
ATOM   519  C CD1 . TYR A 1 64 ? 6.232   -0.317  5.952   1.00 57.22 ? 467 TYR H CD1 1 
ATOM   520  C CD2 . TYR A 1 64 ? 5.733   0.820   3.914   1.00 57.09 ? 467 TYR H CD2 1 
ATOM   521  C CE1 . TYR A 1 64 ? 7.042   0.722   6.360   1.00 57.19 ? 467 TYR H CE1 1 
ATOM   522  C CE2 . TYR A 1 64 ? 6.569   1.886   4.308   1.00 58.37 ? 467 TYR H CE2 1 
ATOM   523  C CZ  . TYR A 1 64 ? 7.222   1.801   5.537   1.00 57.86 ? 467 TYR H CZ  1 
ATOM   524  O OH  . TYR A 1 64 ? 8.043   2.789   5.960   1.00 59.15 ? 467 TYR H OH  1 
ATOM   525  N N   . GLU A 1 65 ? 4.077   -4.365  2.917   1.00 58.27 ? 468 GLU H N   1 
ATOM   526  C CA  . GLU A 1 65 ? 3.269   -5.563  2.816   1.00 58.55 ? 468 GLU H CA  1 
ATOM   527  C C   . GLU A 1 65 ? 4.098   -6.788  3.155   1.00 57.56 ? 468 GLU H C   1 
ATOM   528  O O   . GLU A 1 65 ? 3.634   -7.682  3.827   1.00 56.89 ? 468 GLU H O   1 
ATOM   529  C CB  . GLU A 1 65 ? 2.635   -5.676  1.430   1.00 58.21 ? 468 GLU H CB  1 
ATOM   530  C CG  . GLU A 1 65 ? 1.304   -4.985  1.318   1.00 59.19 ? 468 GLU H CG  1 
ATOM   531  C CD  . GLU A 1 65 ? 0.848   -4.859  -0.115  1.00 62.45 ? 468 GLU H CD  1 
ATOM   532  O OE1 . GLU A 1 65 ? 1.627   -5.244  -1.017  1.00 71.18 ? 468 GLU H OE1 1 
ATOM   533  O OE2 . GLU A 1 65 ? -0.260  -4.335  -0.371  1.00 67.71 ? 468 GLU H OE2 1 
ATOM   534  N N   . GLY A 1 66 ? 5.349   -6.792  2.728   1.00 58.35 ? 469 GLY H N   1 
ATOM   535  C CA  . GLY A 1 66 ? 6.302   -7.825  3.100   1.00 58.37 ? 469 GLY H CA  1 
ATOM   536  C C   . GLY A 1 66 ? 6.515   -7.863  4.600   1.00 58.84 ? 469 GLY H C   1 
ATOM   537  O O   . GLY A 1 66 ? 6.637   -8.922  5.169   1.00 58.30 ? 469 GLY H O   1 
ATOM   538  N N   . LEU A 1 67 ? 6.576   -6.694  5.243   1.00 59.08 ? 470 LEU H N   1 
ATOM   539  C CA  . LEU A 1 67 ? 6.701   -6.638  6.688   1.00 58.74 ? 470 LEU H CA  1 
ATOM   540  C C   . LEU A 1 67 ? 5.415   -7.166  7.373   1.00 59.67 ? 470 LEU H C   1 
ATOM   541  O O   . LEU A 1 67 ? 5.487   -7.915  8.369   1.00 61.27 ? 470 LEU H O   1 
ATOM   542  C CB  . LEU A 1 67 ? 7.031   -5.232  7.178   1.00 58.32 ? 470 LEU H CB  1 
ATOM   543  C CG  . LEU A 1 67 ? 8.386   -4.570  6.805   1.00 58.52 ? 470 LEU H CG  1 
ATOM   544  C CD1 . LEU A 1 67 ? 8.566   -3.272  7.572   1.00 52.95 ? 470 LEU H CD1 1 
ATOM   545  C CD2 . LEU A 1 67 ? 9.622   -5.461  7.015   1.00 55.19 ? 470 LEU H CD2 1 
ATOM   546  N N   . GLN A 1 68 ? 4.258   -6.794  6.857   1.00 58.12 ? 471 GLN H N   1 
ATOM   547  C CA  . GLN A 1 68 ? 3.019   -7.346  7.361   1.00 58.91 ? 471 GLN H CA  1 
ATOM   548  C C   . GLN A 1 68 ? 2.989   -8.887  7.248   1.00 57.02 ? 471 GLN H C   1 
ATOM   549  O O   . GLN A 1 68 ? 2.508   -9.567  8.124   1.00 56.57 ? 471 GLN H O   1 
ATOM   550  C CB  . GLN A 1 68 ? 1.825   -6.689  6.661   1.00 58.19 ? 471 GLN H CB  1 
ATOM   551  C CG  . GLN A 1 68 ? 0.857   -7.707  6.035   1.00 63.45 ? 471 GLN H CG  1 
ATOM   552  C CD  . GLN A 1 68 ? 0.024   -7.128  4.878   1.00 63.92 ? 471 GLN H CD  1 
ATOM   553  O OE1 . GLN A 1 68 ? -0.936  -6.391  5.117   1.00 67.04 ? 471 GLN H OE1 1 
ATOM   554  N NE2 . GLN A 1 68 ? 0.413   -7.458  3.615   1.00 67.04 ? 471 GLN H NE2 1 
ATOM   555  N N   . ASP A 1 69 ? 3.532   -9.418  6.162   1.00 57.51 ? 472 ASP H N   1 
ATOM   556  C CA  . ASP A 1 69 ? 3.635   -10.855 5.971   1.00 57.42 ? 472 ASP H CA  1 
ATOM   557  C C   . ASP A 1 69 ? 4.596   -11.534 6.939   1.00 56.52 ? 472 ASP H C   1 
ATOM   558  O O   . ASP A 1 69 ? 4.300   -12.635 7.394   1.00 55.74 ? 472 ASP H O   1 
ATOM   559  C CB  . ASP A 1 69 ? 4.006   -11.178 4.539   1.00 57.89 ? 472 ASP H CB  1 
ATOM   560  C CG  . ASP A 1 69 ? 2.948   -10.727 3.539   1.00 60.77 ? 472 ASP H CG  1 
ATOM   561  O OD1 . ASP A 1 69 ? 1.723   -10.856 3.780   1.00 64.71 ? 472 ASP H OD1 1 
ATOM   562  O OD2 . ASP A 1 69 ? 3.361   -10.247 2.478   1.00 65.59 ? 472 ASP H OD2 1 
ATOM   563  N N   . LYS A 1 70 ? 5.719   -10.891 7.274   1.00 56.20 ? 473 LYS H N   1 
ATOM   564  C CA  . LYS A 1 70 ? 6.596   -11.384 8.358   1.00 55.98 ? 473 LYS H CA  1 
ATOM   565  C C   . LYS A 1 70 ? 5.865   -11.413 9.695   1.00 54.89 ? 473 LYS H C   1 
ATOM   566  O O   . LYS A 1 70 ? 6.047   -12.351 10.473  1.00 54.53 ? 473 LYS H O   1 
ATOM   567  C CB  . LYS A 1 70 ? 7.860   -10.521 8.576   1.00 56.41 ? 473 LYS H CB  1 
ATOM   568  C CG  . LYS A 1 70 ? 8.851   -10.402 7.447   1.00 57.68 ? 473 LYS H CG  1 
ATOM   569  C CD  . LYS A 1 70 ? 10.038  -11.329 7.649   1.00 60.74 ? 473 LYS H CD  1 
ATOM   570  C CE  . LYS A 1 70 ? 11.106  -11.182 6.566   1.00 57.77 ? 473 LYS H CE  1 
ATOM   571  N NZ  . LYS A 1 70 ? 12.273  -10.375 7.002   1.00 58.73 ? 473 LYS H NZ  1 
ATOM   572  N N   . LEU A 1 71 ? 5.099   -10.370 10.004  1.00 54.76 ? 474 LEU H N   1 
ATOM   573  C CA  . LEU A 1 71 ? 4.330   -10.372 11.224  1.00 55.79 ? 474 LEU H CA  1 
ATOM   574  C C   . LEU A 1 71 ? 3.289   -11.511 11.244  1.00 56.42 ? 474 LEU H C   1 
ATOM   575  O O   . LEU A 1 71 ? 3.022   -12.096 12.299  1.00 56.74 ? 474 LEU H O   1 
ATOM   576  C CB  . LEU A 1 71 ? 3.666   -9.016  11.500  1.00 55.42 ? 474 LEU H CB  1 
ATOM   577  C CG  . LEU A 1 71 ? 4.647   -7.935  11.987  1.00 56.88 ? 474 LEU H CG  1 
ATOM   578  C CD1 . LEU A 1 71 ? 4.002   -6.518  12.102  1.00 53.33 ? 474 LEU H CD1 1 
ATOM   579  C CD2 . LEU A 1 71 ? 5.310   -8.362  13.314  1.00 55.34 ? 474 LEU H CD2 1 
ATOM   580  N N   . ALA A 1 72 ? 2.719   -11.823 10.091  1.00 56.18 ? 475 ALA H N   1 
ATOM   581  C CA  . ALA A 1 72 ? 1.708   -12.844 10.019  1.00 56.94 ? 475 ALA H CA  1 
ATOM   582  C C   . ALA A 1 72 ? 2.386   -14.195 10.333  1.00 57.76 ? 475 ALA H C   1 
ATOM   583  O O   . ALA A 1 72 ? 1.830   -15.005 11.063  1.00 57.60 ? 475 ALA H O   1 
ATOM   584  C CB  . ALA A 1 72 ? 1.002   -12.839 8.607   1.00 54.98 ? 475 ALA H CB  1 
ATOM   585  N N   . GLN A 1 73 ? 3.598   -14.403 9.818   1.00 58.47 ? 476 GLN H N   1 
ATOM   586  C CA  . GLN A 1 73 ? 4.383   -15.622 10.088  1.00 59.01 ? 476 GLN H CA  1 
ATOM   587  C C   . GLN A 1 73 ? 4.757   -15.759 11.545  1.00 59.07 ? 476 GLN H C   1 
ATOM   588  O O   . GLN A 1 73 ? 4.742   -16.853 12.113  1.00 59.65 ? 476 GLN H O   1 
ATOM   589  C CB  . GLN A 1 73 ? 5.681   -15.588 9.322   1.00 59.64 ? 476 GLN H CB  1 
ATOM   590  C CG  . GLN A 1 73 ? 5.538   -15.701 7.852   1.00 61.57 ? 476 GLN H CG  1 
ATOM   591  C CD  . GLN A 1 73 ? 6.883   -15.920 7.154   1.00 63.40 ? 476 GLN H CD  1 
ATOM   592  O OE1 . GLN A 1 73 ? 7.690   -14.995 7.022   1.00 67.86 ? 476 GLN H OE1 1 
ATOM   593  N NE2 . GLN A 1 73 ? 7.109   -17.145 6.670   1.00 66.73 ? 476 GLN H NE2 1 
ATOM   594  N N   . ILE A 1 74 ? 5.123   -14.638 12.148  1.00 58.95 ? 477 ILE H N   1 
ATOM   595  C CA  . ILE A 1 74 ? 5.379   -14.590 13.560  1.00 59.07 ? 477 ILE H CA  1 
ATOM   596  C C   . ILE A 1 74 ? 4.119   -15.019 14.364  1.00 60.37 ? 477 ILE H C   1 
ATOM   597  O O   . ILE A 1 74 ? 4.252   -15.831 15.268  1.00 61.42 ? 477 ILE H O   1 
ATOM   598  C CB  . ILE A 1 74 ? 5.893   -13.202 13.989  1.00 58.25 ? 477 ILE H CB  1 
ATOM   599  C CG1 . ILE A 1 74 ? 7.334   -13.009 13.499  1.00 58.13 ? 477 ILE H CG1 1 
ATOM   600  C CG2 . ILE A 1 74 ? 5.775   -12.994 15.519  1.00 57.19 ? 477 ILE H CG2 1 
ATOM   601  C CD1 . ILE A 1 74 ? 7.862   -11.543 13.601  1.00 56.73 ? 477 ILE H CD1 1 
ATOM   602  N N   . ARG A 1 75 ? 2.940   -14.461 14.034  1.00 60.80 ? 478 ARG H N   1 
ATOM   603  C CA  . ARG A 1 75 ? 1.642   -14.819 14.650  1.00 60.89 ? 478 ARG H CA  1 
ATOM   604  C C   . ARG A 1 75 ? 1.490   -16.339 14.548  1.00 61.23 ? 478 ARG H C   1 
ATOM   605  O O   . ARG A 1 75 ? 1.179   -17.018 15.544  1.00 60.92 ? 478 ARG H O   1 
ATOM   606  C CB  . ARG A 1 75 ? 0.474   -14.052 13.968  1.00 61.17 ? 478 ARG H CB  1 
ATOM   607  C CG  . ARG A 1 75 ? -1.027  -14.340 14.428  1.00 61.90 ? 478 ARG H CG  1 
ATOM   608  C CD  . ARG A 1 75 ? -1.991  -13.340 13.711  1.00 63.63 ? 478 ARG H CD  1 
ATOM   609  N NE  . ARG A 1 75 ? -3.439  -13.480 14.023  1.00 66.74 ? 478 ARG H NE  1 
ATOM   610  C CZ  . ARG A 1 75 ? -4.369  -12.525 13.843  1.00 66.84 ? 478 ARG H CZ  1 
ATOM   611  N NH1 . ARG A 1 75 ? -4.031  -11.321 13.378  1.00 67.49 ? 478 ARG H NH1 1 
ATOM   612  N NH2 . ARG A 1 75 ? -5.667  -12.758 14.140  1.00 70.11 ? 478 ARG H NH2 1 
ATOM   613  N N   . ASP A 1 76 ? 1.768   -16.887 13.372  1.00 60.73 ? 479 ASP H N   1 
ATOM   614  C CA  . ASP A 1 76 ? 1.533   -18.315 13.168  1.00 60.64 ? 479 ASP H CA  1 
ATOM   615  C C   . ASP A 1 76 ? 2.513   -19.246 13.936  1.00 60.07 ? 479 ASP H C   1 
ATOM   616  O O   . ASP A 1 76 ? 2.117   -20.331 14.385  1.00 59.61 ? 479 ASP H O   1 
ATOM   617  C CB  . ASP A 1 76 ? 1.501   -18.628 11.691  1.00 60.85 ? 479 ASP H CB  1 
ATOM   618  C CG  . ASP A 1 76 ? 0.364   -17.914 10.979  1.00 62.79 ? 479 ASP H CG  1 
ATOM   619  O OD1 . ASP A 1 76 ? -0.771  -17.866 11.490  1.00 67.00 ? 479 ASP H OD1 1 
ATOM   620  O OD2 . ASP A 1 76 ? 0.596   -17.417 9.879   1.00 63.33 ? 479 ASP H OD2 1 
ATOM   621  N N   . ALA A 1 77 ? 3.757   -18.794 14.077  1.00 58.71 ? 480 ALA H N   1 
ATOM   622  C CA  . ALA A 1 77 ? 4.777   -19.468 14.830  1.00 59.13 ? 480 ALA H CA  1 
ATOM   623  C C   . ALA A 1 77 ? 4.506   -19.443 16.334  1.00 59.14 ? 480 ALA H C   1 
ATOM   624  O O   . ALA A 1 77 ? 4.812   -20.415 17.035  1.00 59.30 ? 480 ALA H O   1 
ATOM   625  C CB  . ALA A 1 77 ? 6.195   -18.872 14.510  1.00 57.66 ? 480 ALA H CB  1 
ATOM   626  N N   . ARG A 1 78 ? 3.975   -18.334 16.826  1.00 59.86 ? 481 ARG H N   1 
ATOM   627  C CA  . ARG A 1 78 ? 3.527   -18.229 18.230  1.00 59.69 ? 481 ARG H CA  1 
ATOM   628  C C   . ARG A 1 78 ? 2.297   -19.089 18.474  1.00 58.83 ? 481 ARG H C   1 
ATOM   629  O O   . ARG A 1 78 ? 2.229   -19.768 19.482  1.00 58.58 ? 481 ARG H O   1 
ATOM   630  C CB  . ARG A 1 78 ? 3.273   -16.757 18.617  1.00 59.92 ? 481 ARG H CB  1 
ATOM   631  C CG  . ARG A 1 78 ? 2.414   -16.514 19.864  1.00 62.43 ? 481 ARG H CG  1 
ATOM   632  C CD  . ARG A 1 78 ? 3.023   -17.040 21.195  1.00 68.73 ? 481 ARG H CD  1 
ATOM   633  N NE  . ARG A 1 78 ? 4.287   -16.371 21.494  1.00 70.23 ? 481 ARG H NE  1 
ATOM   634  C CZ  . ARG A 1 78 ? 5.162   -16.747 22.422  1.00 69.61 ? 481 ARG H CZ  1 
ATOM   635  N NH1 . ARG A 1 78 ? 4.939   -17.797 23.199  1.00 70.29 ? 481 ARG H NH1 1 
ATOM   636  N NH2 . ARG A 1 78 ? 6.275   -16.049 22.563  1.00 71.07 ? 481 ARG H NH2 1 
ATOM   637  N N   . GLY A 1 79 ? 1.342   -19.055 17.547  1.00 58.18 ? 482 GLY H N   1 
ATOM   638  C CA  . GLY A 1 79 ? 0.146   -19.907 17.600  1.00 58.44 ? 482 GLY H CA  1 
ATOM   639  C C   . GLY A 1 79 ? 0.542   -21.395 17.628  1.00 58.73 ? 482 GLY H C   1 
ATOM   640  O O   . GLY A 1 79 ? 0.040   -22.142 18.441  1.00 59.92 ? 482 GLY H O   1 
ATOM   641  N N   . ALA A 1 80 ? 1.494   -21.793 16.786  1.00 58.93 ? 483 ALA H N   1 
ATOM   642  C CA  . ALA A 1 80 ? 1.946   -23.176 16.674  1.00 58.81 ? 483 ALA H CA  1 
ATOM   643  C C   . ALA A 1 80 ? 2.530   -23.624 17.996  1.00 58.75 ? 483 ALA H C   1 
ATOM   644  O O   . ALA A 1 80 ? 2.232   -24.708 18.474  1.00 59.57 ? 483 ALA H O   1 
ATOM   645  C CB  . ALA A 1 80 ? 2.989   -23.359 15.529  1.00 57.76 ? 483 ALA H CB  1 
ATOM   646  N N   . LEU A 1 81 ? 3.381   -22.787 18.559  1.00 58.85 ? 484 LEU H N   1 
ATOM   647  C CA  . LEU A 1 81 ? 4.034   -23.075 19.815  1.00 58.29 ? 484 LEU H CA  1 
ATOM   648  C C   . LEU A 1 81 ? 3.026   -23.234 20.966  1.00 58.21 ? 484 LEU H C   1 
ATOM   649  O O   . LEU A 1 81 ? 3.186   -24.150 21.780  1.00 58.98 ? 484 LEU H O   1 
ATOM   650  C CB  . LEU A 1 81 ? 5.074   -21.970 20.081  1.00 58.67 ? 484 LEU H CB  1 
ATOM   651  C CG  . LEU A 1 81 ? 5.943   -21.979 21.322  1.00 59.26 ? 484 LEU H CG  1 
ATOM   652  C CD1 . LEU A 1 81 ? 6.784   -23.290 21.446  1.00 60.18 ? 484 LEU H CD1 1 
ATOM   653  C CD2 . LEU A 1 81 ? 6.842   -20.714 21.355  1.00 56.01 ? 484 LEU H CD2 1 
ATOM   654  N N   . SER A 1 82 ? 1.996   -22.373 21.032  1.00 57.35 ? 485 SER H N   1 
ATOM   655  C CA  . SER A 1 82 ? 0.942   -22.530 22.026  1.00 57.93 ? 485 SER H CA  1 
ATOM   656  C C   . SER A 1 82 ? 0.142   -23.811 21.870  1.00 57.07 ? 485 SER H C   1 
ATOM   657  O O   . SER A 1 82 ? -0.148  -24.492 22.874  1.00 57.12 ? 485 SER H O   1 
ATOM   658  C CB  . SER A 1 82 ? -0.071  -21.396 21.961  1.00 58.09 ? 485 SER H CB  1 
ATOM   659  O OG  . SER A 1 82 ? 0.597   -20.191 22.129  1.00 62.27 ? 485 SER H OG  1 
ATOM   660  N N   . ALA A 1 83 ? -0.259  -24.094 20.632  1.00 56.25 ? 486 ALA H N   1 
ATOM   661  C CA  . ALA A 1 83 ? -1.076  -25.279 20.340  1.00 56.46 ? 486 ALA H CA  1 
ATOM   662  C C   . ALA A 1 83 ? -0.306  -26.561 20.698  1.00 55.73 ? 486 ALA H C   1 
ATOM   663  O O   . ALA A 1 83 ? -0.843  -27.452 21.298  1.00 54.70 ? 486 ALA H O   1 
ATOM   664  C CB  . ALA A 1 83 ? -1.536  -25.277 18.867  1.00 55.97 ? 486 ALA H CB  1 
ATOM   665  N N   . LEU A 1 84 ? 0.985   -26.579 20.398  1.00 56.14 ? 487 LEU H N   1 
ATOM   666  C CA  . LEU A 1 84 ? 1.841   -27.732 20.639  1.00 56.17 ? 487 LEU H CA  1 
ATOM   667  C C   . LEU A 1 84 ? 2.177   -27.871 22.152  1.00 56.37 ? 487 LEU H C   1 
ATOM   668  O O   . LEU A 1 84 ? 2.308   -28.979 22.677  1.00 55.59 ? 487 LEU H O   1 
ATOM   669  C CB  . LEU A 1 84 ? 3.115   -27.616 19.772  1.00 55.75 ? 487 LEU H CB  1 
ATOM   670  C CG  . LEU A 1 84 ? 2.974   -27.802 18.237  1.00 54.92 ? 487 LEU H CG  1 
ATOM   671  C CD1 . LEU A 1 84 ? 4.237   -27.407 17.466  1.00 51.22 ? 487 LEU H CD1 1 
ATOM   672  C CD2 . LEU A 1 84 ? 2.584   -29.260 17.873  1.00 53.91 ? 487 LEU H CD2 1 
ATOM   673  N N   . ARG A 1 85 ? 2.293   -26.739 22.842  1.00 57.00 ? 488 ARG H N   1 
ATOM   674  C CA  . ARG A 1 85 ? 2.431   -26.730 24.300  1.00 56.84 ? 488 ARG H CA  1 
ATOM   675  C C   . ARG A 1 85 ? 1.187   -27.301 24.952  1.00 56.80 ? 488 ARG H C   1 
ATOM   676  O O   . ARG A 1 85 ? 1.299   -28.107 25.857  1.00 56.65 ? 488 ARG H O   1 
ATOM   677  C CB  . ARG A 1 85 ? 2.684   -25.328 24.818  1.00 57.01 ? 488 ARG H CB  1 
ATOM   678  C CG  . ARG A 1 85 ? 4.123   -24.948 24.744  1.00 58.11 ? 488 ARG H CG  1 
ATOM   679  C CD  . ARG A 1 85 ? 4.363   -23.464 24.890  1.00 56.89 ? 488 ARG H CD  1 
ATOM   680  N NE  . ARG A 1 85 ? 5.782   -23.217 25.102  1.00 54.83 ? 488 ARG H NE  1 
ATOM   681  C CZ  . ARG A 1 85 ? 6.358   -22.028 25.102  1.00 53.74 ? 488 ARG H CZ  1 
ATOM   682  N NH1 . ARG A 1 85 ? 5.639   -20.945 24.879  1.00 55.09 ? 488 ARG H NH1 1 
ATOM   683  N NH2 . ARG A 1 85 ? 7.666   -21.931 25.339  1.00 54.75 ? 488 ARG H NH2 1 
ATOM   684  N N   . GLU A 1 86 ? 0.012   -26.893 24.475  1.00 56.71 ? 489 GLU H N   1 
ATOM   685  C CA  . GLU A 1 86 ? -1.246  -27.437 24.975  1.00 56.20 ? 489 GLU H CA  1 
ATOM   686  C C   . GLU A 1 86 ? -1.269  -28.946 24.717  1.00 56.14 ? 489 GLU H C   1 
ATOM   687  O O   . GLU A 1 86 ? -1.616  -29.707 25.621  1.00 55.21 ? 489 GLU H O   1 
ATOM   688  C CB  . GLU A 1 86 ? -2.463  -26.697 24.373  1.00 56.24 ? 489 GLU H CB  1 
ATOM   689  C CG  . GLU A 1 86 ? -3.848  -27.248 24.726  1.00 57.96 ? 489 GLU H CG  1 
ATOM   690  C CD  . GLU A 1 86 ? -4.160  -27.360 26.252  1.00 62.33 ? 489 GLU H CD  1 
ATOM   691  O OE1 . GLU A 1 86 ? -3.465  -26.729 27.072  1.00 66.30 ? 489 GLU H OE1 1 
ATOM   692  O OE2 . GLU A 1 86 ? -5.124  -28.074 26.629  1.00 62.47 ? 489 GLU H OE2 1 
ATOM   693  N N   . GLU A 1 87 ? -0.853  -29.384 23.520  1.00 55.73 ? 490 GLU H N   1 
ATOM   694  C CA  . GLU A 1 87 ? -0.803  -30.818 23.228  1.00 55.87 ? 490 GLU H CA  1 
ATOM   695  C C   . GLU A 1 87 ? 0.084   -31.543 24.203  1.00 55.59 ? 490 GLU H C   1 
ATOM   696  O O   . GLU A 1 87 ? -0.257  -32.618 24.660  1.00 55.81 ? 490 GLU H O   1 
ATOM   697  C CB  . GLU A 1 87 ? -0.303  -31.135 21.822  1.00 55.86 ? 490 GLU H CB  1 
ATOM   698  C CG  . GLU A 1 87 ? -0.423  -32.650 21.529  1.00 55.99 ? 490 GLU H CG  1 
ATOM   699  C CD  . GLU A 1 87 ? 0.104   -33.058 20.171  1.00 56.27 ? 490 GLU H CD  1 
ATOM   700  O OE1 . GLU A 1 87 ? 0.278   -32.181 19.289  1.00 56.51 ? 490 GLU H OE1 1 
ATOM   701  O OE2 . GLU A 1 87 ? 0.334   -34.278 19.998  1.00 55.84 ? 490 GLU H OE2 1 
ATOM   702  N N   . HIS A 1 88 ? 1.236   -30.960 24.504  1.00 56.15 ? 491 HIS H N   1 
ATOM   703  C CA  . HIS A 1 88 ? 2.144   -31.531 25.476  1.00 56.34 ? 491 HIS H CA  1 
ATOM   704  C C   . HIS A 1 88 ? 1.483   -31.696 26.839  1.00 56.73 ? 491 HIS H C   1 
ATOM   705  O O   . HIS A 1 88 ? 1.617   -32.747 27.454  1.00 56.96 ? 491 HIS H O   1 
ATOM   706  C CB  . HIS A 1 88 ? 3.373   -30.674 25.603  1.00 56.40 ? 491 HIS H CB  1 
ATOM   707  C CG  . HIS A 1 88 ? 4.394   -31.232 26.531  1.00 54.98 ? 491 HIS H CG  1 
ATOM   708  N ND1 . HIS A 1 88 ? 4.831   -32.537 26.461  1.00 54.94 ? 491 HIS H ND1 1 
ATOM   709  C CD2 . HIS A 1 88 ? 5.061   -30.663 27.556  1.00 55.24 ? 491 HIS H CD2 1 
ATOM   710  C CE1 . HIS A 1 88 ? 5.724   -32.747 27.408  1.00 54.85 ? 491 HIS H CE1 1 
ATOM   711  N NE2 . HIS A 1 88 ? 5.890   -31.619 28.079  1.00 54.20 ? 491 HIS H NE2 1 
ATOM   712  N N   . ARG A 1 89 ? 0.743   -30.690 27.299  1.00 57.36 ? 492 ARG H N   1 
ATOM   713  C CA  . ARG A 1 89 ? 0.063   -30.802 28.602  1.00 58.40 ? 492 ARG H CA  1 
ATOM   714  C C   . ARG A 1 89 ? -1.067  -31.816 28.586  1.00 58.34 ? 492 ARG H C   1 
ATOM   715  O O   . ARG A 1 89 ? -1.221  -32.561 29.554  1.00 58.45 ? 492 ARG H O   1 
ATOM   716  C CB  . ARG A 1 89 ? -0.405  -29.449 29.130  1.00 58.31 ? 492 ARG H CB  1 
ATOM   717  C CG  . ARG A 1 89 ? 0.802   -28.502 29.343  1.00 60.64 ? 492 ARG H CG  1 
ATOM   718  C CD  . ARG A 1 89 ? 0.415   -27.171 29.981  1.00 60.67 ? 492 ARG H CD  1 
ATOM   719  N NE  . ARG A 1 89 ? -0.452  -26.397 29.103  1.00 61.46 ? 492 ARG H NE  1 
ATOM   720  C CZ  . ARG A 1 89 ? -0.058  -25.421 28.294  1.00 62.80 ? 492 ARG H CZ  1 
ATOM   721  N NH1 . ARG A 1 89 ? 1.221   -25.045 28.238  1.00 63.74 ? 492 ARG H NH1 1 
ATOM   722  N NH2 . ARG A 1 89 ? -0.966  -24.806 27.539  1.00 61.62 ? 492 ARG H NH2 1 
ATOM   723  N N   . GLU A 1 90 ? -1.823  -31.880 27.491  1.00 58.63 ? 493 GLU H N   1 
ATOM   724  C CA  . GLU A 1 90 ? -2.857  -32.913 27.345  1.00 59.34 ? 493 GLU H CA  1 
ATOM   725  C C   . GLU A 1 90 ? -2.259  -34.301 27.576  1.00 59.93 ? 493 GLU H C   1 
ATOM   726  O O   . GLU A 1 90 ? -2.758  -35.063 28.381  1.00 59.80 ? 493 GLU H O   1 
ATOM   727  C CB  . GLU A 1 90 ? -3.528  -32.842 25.969  1.00 59.26 ? 493 GLU H CB  1 
ATOM   728  C CG  . GLU A 1 90 ? -4.611  -31.772 25.876  1.00 58.53 ? 493 GLU H CG  1 
ATOM   729  C CD  . GLU A 1 90 ? -4.915  -31.310 24.446  1.00 57.87 ? 493 GLU H CD  1 
ATOM   730  O OE1 . GLU A 1 90 ? -4.479  -32.107 23.449  1.00 56.09 ? 493 GLU H OE1 1 
ATOM   731  O OE2 . GLU A 1 90 ? -5.650  -30.227 24.368  1.00 58.94 ? 493 GLU H OE2 1 
ATOM   732  N N   . LYS A 1 91 ? -1.166  -34.586 26.877  1.00 61.26 ? 494 LYS H N   1 
ATOM   733  C CA  . LYS A 1 91 ? -0.472  -35.863 26.950  1.00 61.93 ? 494 LYS H CA  1 
ATOM   734  C C   . LYS A 1 91 ? 0.051   -36.202 28.332  1.00 62.79 ? 494 LYS H C   1 
ATOM   735  O O   . LYS A 1 91 ? -0.037  -37.370 28.751  1.00 62.75 ? 494 LYS H O   1 
ATOM   736  C CB  . LYS A 1 91 ? 0.673   -35.895 25.942  1.00 61.80 ? 494 LYS H CB  1 
ATOM   737  C CG  . LYS A 1 91 ? 0.198   -36.268 24.560  1.00 62.46 ? 494 LYS H CG  1 
ATOM   738  C CD  . LYS A 1 91 ? 1.227   -35.946 23.487  1.00 62.62 ? 494 LYS H CD  1 
ATOM   739  C CE  . LYS A 1 91 ? 0.918   -36.711 22.185  1.00 63.05 ? 494 LYS H CE  1 
ATOM   740  N NZ  . LYS A 1 91 ? 1.648   -36.118 21.026  1.00 63.05 ? 494 LYS H NZ  1 
ATOM   741  N N   . LEU A 1 92 ? 0.607   -35.206 29.026  1.00 63.65 ? 495 LEU H N   1 
ATOM   742  C CA  . LEU A 1 92 ? 1.091   -35.405 30.405  1.00 64.31 ? 495 LEU H CA  1 
ATOM   743  C C   . LEU A 1 92 ? -0.034  -35.772 31.385  1.00 65.24 ? 495 LEU H C   1 
ATOM   744  O O   . LEU A 1 92 ? 0.174   -36.573 32.308  1.00 65.47 ? 495 LEU H O   1 
ATOM   745  C CB  . LEU A 1 92 ? 1.830   -34.166 30.915  1.00 64.28 ? 495 LEU H CB  1 
ATOM   746  C CG  . LEU A 1 92 ? 3.216   -33.877 30.336  1.00 63.28 ? 495 LEU H CG  1 
ATOM   747  C CD1 . LEU A 1 92 ? 3.775   -32.594 30.941  1.00 62.07 ? 495 LEU H CD1 1 
ATOM   748  C CD2 . LEU A 1 92 ? 4.162   -35.057 30.567  1.00 60.94 ? 495 LEU H CD2 1 
ATOM   749  N N   . ARG A 1 93 ? -1.216  -35.192 31.184  1.00 66.05 ? 496 ARG H N   1 
ATOM   750  C CA  . ARG A 1 93 ? -2.397  -35.557 31.973  1.00 66.78 ? 496 ARG H CA  1 
ATOM   751  C C   . ARG A 1 93 ? -2.883  -36.962 31.623  1.00 67.19 ? 496 ARG H C   1 
ATOM   752  O O   . ARG A 1 93 ? -3.288  -37.715 32.507  1.00 67.62 ? 496 ARG H O   1 
ATOM   753  C CB  . ARG A 1 93 ? -3.534  -34.540 31.770  1.00 67.07 ? 496 ARG H CB  1 
ATOM   754  C CG  . ARG A 1 93 ? -3.277  -33.178 32.426  1.00 67.43 ? 496 ARG H CG  1 
ATOM   755  C CD  . ARG A 1 93 ? -4.423  -32.196 32.209  1.00 67.30 ? 496 ARG H CD  1 
ATOM   756  N NE  . ARG A 1 93 ? -4.292  -31.439 30.956  1.00 68.62 ? 496 ARG H NE  1 
ATOM   757  C CZ  . ARG A 1 93 ? -5.111  -30.454 30.591  1.00 68.60 ? 496 ARG H CZ  1 
ATOM   758  N NH1 . ARG A 1 93 ? -6.137  -30.101 31.374  1.00 70.97 ? 496 ARG H NH1 1 
ATOM   759  N NH2 . ARG A 1 93 ? -4.924  -29.828 29.444  1.00 68.25 ? 496 ARG H NH2 1 
ATOM   760  N N   . ARG A 1 94 ? -2.826  -37.312 30.341  1.00 67.76 ? 497 ARG H N   1 
ATOM   761  C CA  . ARG A 1 94 ? -3.281  -38.612 29.856  1.00 68.31 ? 497 ARG H CA  1 
ATOM   762  C C   . ARG A 1 94 ? -2.373  -39.756 30.333  1.00 68.57 ? 497 ARG H C   1 
ATOM   763  O O   . ARG A 1 94 ? -2.857  -40.880 30.575  1.00 68.67 ? 497 ARG H O   1 
ATOM   764  C CB  . ARG A 1 94 ? -3.363  -38.604 28.330  1.00 68.30 ? 497 ARG H CB  1 
ATOM   765  C CG  . ARG A 1 94 ? -4.327  -39.625 27.715  1.00 68.82 ? 497 ARG H CG  1 
ATOM   766  C CD  . ARG A 1 94 ? -4.256  -39.589 26.179  1.00 70.69 ? 497 ARG H CD  1 
ATOM   767  N NE  . ARG A 1 94 ? -2.892  -39.882 25.698  1.00 73.14 ? 497 ARG H NE  1 
ATOM   768  C CZ  . ARG A 1 94 ? -2.386  -39.532 24.512  1.00 73.29 ? 497 ARG H CZ  1 
ATOM   769  N NH1 . ARG A 1 94 ? -3.106  -38.839 23.622  1.00 73.59 ? 497 ARG H NH1 1 
ATOM   770  N NH2 . ARG A 1 94 ? -1.131  -39.877 24.217  1.00 73.11 ? 497 ARG H NH2 1 
ATOM   771  N N   . ALA A 1 95 ? -1.074  -39.467 30.474  1.00 68.65 ? 498 ALA H N   1 
ATOM   772  C CA  . ALA A 1 95 ? -0.100  -40.429 31.004  1.00 68.75 ? 498 ALA H CA  1 
ATOM   773  C C   . ALA A 1 95 ? -0.177  -40.566 32.532  1.00 69.04 ? 498 ALA H C   1 
ATOM   774  O O   . ALA A 1 95 ? 0.135   -41.633 33.075  1.00 68.92 ? 498 ALA H O   1 
ATOM   775  C CB  . ALA A 1 95 ? 1.301   -40.047 30.594  1.00 68.38 ? 498 ALA H CB  1 
ATOM   776  N N   . ALA A 1 96 ? -0.565  -39.489 33.219  1.00 69.32 ? 499 ALA H N   1 
ATOM   777  C CA  . ALA A 1 96 ? -0.746  -39.518 34.675  1.00 69.50 ? 499 ALA H CA  1 
ATOM   778  C C   . ALA A 1 96 ? -2.009  -40.302 35.048  1.00 69.80 ? 499 ALA H C   1 
ATOM   779  O O   . ALA A 1 96 ? -2.060  -40.956 36.102  1.00 69.98 ? 499 ALA H O   1 
ATOM   780  C CB  . ALA A 1 96 ? -0.804  -38.106 35.233  1.00 69.41 ? 499 ALA H CB  1 
ATOM   781  N N   . GLU A 1 97 ? -3.013  -40.246 34.174  1.00 70.11 ? 500 GLU H N   1 
ATOM   782  C CA  . GLU A 1 97 ? -4.234  -41.039 34.325  1.00 70.46 ? 500 GLU H CA  1 
ATOM   783  C C   . GLU A 1 97 ? -4.015  -42.522 34.006  1.00 70.76 ? 500 GLU H C   1 
ATOM   784  O O   . GLU A 1 97 ? -4.906  -43.342 34.249  1.00 70.82 ? 500 GLU H O   1 
ATOM   785  C CB  . GLU A 1 97 ? -5.352  -40.481 33.446  1.00 70.49 ? 500 GLU H CB  1 
ATOM   786  C CG  . GLU A 1 97 ? -5.836  -39.101 33.878  1.00 70.83 ? 500 GLU H CG  1 
ATOM   787  C CD  . GLU A 1 97 ? -6.466  -38.311 32.741  1.00 70.62 ? 500 GLU H CD  1 
ATOM   788  O OE1 . GLU A 1 97 ? -7.254  -38.897 31.953  1.00 70.71 ? 500 GLU H OE1 1 
ATOM   789  O OE2 . GLU A 1 97 ? -6.174  -37.097 32.636  1.00 71.29 ? 500 GLU H OE2 1 
ATOM   790  N N   . GLU A 1 98 ? -2.847  -42.853 33.451  1.00 71.04 ? 501 GLU H N   1 
ATOM   791  C CA  . GLU A 1 98 ? -2.404  -44.248 33.326  1.00 71.23 ? 501 GLU H CA  1 
ATOM   792  C C   . GLU A 1 98 ? -1.783  -44.757 34.638  1.00 71.44 ? 501 GLU H C   1 
ATOM   793  O O   . GLU A 1 98 ? -1.011  -44.050 35.292  1.00 71.54 ? 501 GLU H O   1 
ATOM   794  C CB  . GLU A 1 98 ? -1.413  -44.417 32.158  1.00 71.38 ? 501 GLU H CB  1 
ATOM   795  C CG  . GLU A 1 98 ? -2.048  -44.925 30.858  1.00 71.58 ? 501 GLU H CG  1 
ATOM   796  C CD  . GLU A 1 98 ? -2.397  -46.425 30.900  1.00 72.28 ? 501 GLU H CD  1 
ATOM   797  O OE1 . GLU A 1 98 ? -2.451  -47.024 32.003  1.00 69.72 ? 501 GLU H OE1 1 
ATOM   798  O OE2 . GLU A 1 98 ? -2.624  -47.005 29.815  1.00 73.62 ? 501 GLU H OE2 1 
ATOM   799  N N   . PHE B 2 1  ? 11.527  2.823   14.495  1.00 60.03 ? 301 PHE S N   1 
ATOM   800  C CA  . PHE B 2 1  ? 10.910  1.827   15.416  1.00 59.60 ? 301 PHE S CA  1 
ATOM   801  C C   . PHE B 2 1  ? 10.486  0.540   14.710  1.00 59.52 ? 301 PHE S C   1 
ATOM   802  O O   . PHE B 2 1  ? 10.585  -0.559  15.295  1.00 59.78 ? 301 PHE S O   1 
ATOM   803  C CB  . PHE B 2 1  ? 9.699   2.421   16.167  1.00 60.22 ? 301 PHE S CB  1 
ATOM   804  C CG  . PHE B 2 1  ? 9.153   1.496   17.237  1.00 60.54 ? 301 PHE S CG  1 
ATOM   805  C CD1 . PHE B 2 1  ? 9.529   1.650   18.565  1.00 61.21 ? 301 PHE S CD1 1 
ATOM   806  C CD2 . PHE B 2 1  ? 8.306   0.430   16.901  1.00 60.59 ? 301 PHE S CD2 1 
ATOM   807  C CE1 . PHE B 2 1  ? 9.051   0.770   19.543  1.00 61.28 ? 301 PHE S CE1 1 
ATOM   808  C CE2 . PHE B 2 1  ? 7.832   -0.449  17.870  1.00 60.12 ? 301 PHE S CE2 1 
ATOM   809  C CZ  . PHE B 2 1  ? 8.202   -0.281  19.187  1.00 60.67 ? 301 PHE S CZ  1 
ATOM   810  N N   . ILE B 2 2  ? 9.991   0.659   13.478  1.00 58.80 ? 302 ILE S N   1 
ATOM   811  C CA  . ILE B 2 2  ? 9.681   -0.523  12.654  1.00 58.74 ? 302 ILE S CA  1 
ATOM   812  C C   . ILE B 2 2  ? 11.006  -1.170  12.279  1.00 59.11 ? 302 ILE S C   1 
ATOM   813  O O   . ILE B 2 2  ? 11.818  -0.530  11.584  1.00 59.78 ? 302 ILE S O   1 
ATOM   814  C CB  . ILE B 2 2  ? 8.936   -0.153  11.333  1.00 58.32 ? 302 ILE S CB  1 
ATOM   815  C CG1 . ILE B 2 2  ? 7.519   0.370   11.631  1.00 57.61 ? 302 ILE S CG1 1 
ATOM   816  C CG2 . ILE B 2 2  ? 8.894   -1.360  10.418  1.00 57.70 ? 302 ILE S CG2 1 
ATOM   817  C CD1 . ILE B 2 2  ? 6.774   0.934   10.419  1.00 57.60 ? 302 ILE S CD1 1 
ATOM   818  N N   . ASP B 2 3  ? 11.227  -2.409  12.724  1.00 58.83 ? 303 ASP S N   1 
ATOM   819  C CA  . ASP B 2 3  ? 12.552  -3.037  12.634  1.00 58.59 ? 303 ASP S CA  1 
ATOM   820  C C   . ASP B 2 3  ? 12.436  -4.489  12.222  1.00 58.14 ? 303 ASP S C   1 
ATOM   821  O O   . ASP B 2 3  ? 12.132  -5.370  13.031  1.00 58.49 ? 303 ASP S O   1 
ATOM   822  C CB  . ASP B 2 3  ? 13.306  -2.921  13.983  1.00 58.94 ? 303 ASP S CB  1 
ATOM   823  C CG  . ASP B 2 3  ? 14.798  -3.323  13.892  1.00 59.08 ? 303 ASP S CG  1 
ATOM   824  O OD1 . ASP B 2 3  ? 15.205  -4.089  12.991  1.00 59.07 ? 303 ASP S OD1 1 
ATOM   825  O OD2 . ASP B 2 3  ? 15.581  -2.865  14.758  1.00 61.50 ? 303 ASP S OD2 1 
ATOM   826  N N   . GLU B 2 4  ? 12.712  -4.726  10.948  1.00 57.65 ? 304 GLU S N   1 
ATOM   827  C CA  . GLU B 2 4  ? 12.675  -6.051  10.381  1.00 57.23 ? 304 GLU S CA  1 
ATOM   828  C C   . GLU B 2 4  ? 13.730  -7.028  10.941  1.00 55.96 ? 304 GLU S C   1 
ATOM   829  O O   . GLU B 2 4  ? 13.495  -8.216  10.966  1.00 55.00 ? 304 GLU S O   1 
ATOM   830  C CB  . GLU B 2 4  ? 12.817  -5.934  8.863   1.00 56.94 ? 304 GLU S CB  1 
ATOM   831  C CG  . GLU B 2 4  ? 12.559  -7.244  8.161   1.00 58.43 ? 304 GLU S CG  1 
ATOM   832  C CD  . GLU B 2 4  ? 12.560  -7.140  6.661   1.00 59.09 ? 304 GLU S CD  1 
ATOM   833  O OE1 . GLU B 2 4  ? 13.014  -6.113  6.098   1.00 62.56 ? 304 GLU S OE1 1 
ATOM   834  O OE2 . GLU B 2 4  ? 12.104  -8.125  6.043   1.00 65.03 ? 304 GLU S OE2 1 
ATOM   835  N N   . ASP B 2 5  ? 14.900  -6.552  11.340  1.00 55.39 ? 305 ASP S N   1 
ATOM   836  C CA  . ASP B 2 5  ? 15.891  -7.433  11.970  1.00 55.96 ? 305 ASP S CA  1 
ATOM   837  C C   . ASP B 2 5  ? 15.341  -8.041  13.277  1.00 56.19 ? 305 ASP S C   1 
ATOM   838  O O   . ASP B 2 5  ? 15.596  -9.204  13.579  1.00 55.93 ? 305 ASP S O   1 
ATOM   839  C CB  . ASP B 2 5  ? 17.212  -6.698  12.252  1.00 55.67 ? 305 ASP S CB  1 
ATOM   840  C CG  . ASP B 2 5  ? 17.929  -6.218  10.965  1.00 55.03 ? 305 ASP S CG  1 
ATOM   841  O OD1 . ASP B 2 5  ? 17.767  -6.829  9.916   1.00 53.93 ? 305 ASP S OD1 1 
ATOM   842  O OD2 . ASP B 2 5  ? 18.681  -5.230  11.002  1.00 57.65 ? 305 ASP S OD2 1 
ATOM   843  N N   . LYS B 2 6  ? 14.573  -7.258  14.034  1.00 56.13 ? 306 LYS S N   1 
ATOM   844  C CA  . LYS B 2 6  ? 13.965  -7.749  15.252  1.00 56.81 ? 306 LYS S CA  1 
ATOM   845  C C   . LYS B 2 6  ? 12.886  -8.780  14.938  1.00 56.87 ? 306 LYS S C   1 
ATOM   846  O O   . LYS B 2 6  ? 12.720  -9.753  15.689  1.00 57.03 ? 306 LYS S O   1 
ATOM   847  C CB  . LYS B 2 6  ? 13.376  -6.611  16.089  1.00 56.76 ? 306 LYS S CB  1 
ATOM   848  C CG  . LYS B 2 6  ? 14.406  -5.766  16.836  1.00 57.18 ? 306 LYS S CG  1 
ATOM   849  C CD  . LYS B 2 6  ? 13.705  -4.790  17.788  1.00 56.92 ? 306 LYS S CD  1 
ATOM   850  C CE  . LYS B 2 6  ? 14.628  -3.690  18.284  1.00 58.91 ? 306 LYS S CE  1 
ATOM   851  N NZ  . LYS B 2 6  ? 13.867  -2.462  18.726  1.00 59.53 ? 306 LYS S NZ  1 
ATOM   852  N N   . MET B 2 7  ? 12.157  -8.559  13.851  1.00 56.50 ? 307 MET S N   1 
ATOM   853  C CA  . MET B 2 7  ? 11.173  -9.524  13.384  1.00 57.31 ? 307 MET S CA  1 
ATOM   854  C C   . MET B 2 7  ? 11.833  -10.847 12.977  1.00 57.48 ? 307 MET S C   1 
ATOM   855  O O   . MET B 2 7  ? 11.300  -11.909 13.312  1.00 57.16 ? 307 MET S O   1 
ATOM   856  C CB  . MET B 2 7  ? 10.402  -9.019  12.179  1.00 56.65 ? 307 MET S CB  1 
ATOM   857  C CG  . MET B 2 7  ? 9.552   -7.774  12.403  1.00 58.75 ? 307 MET S CG  1 
ATOM   858  S SD  . MET B 2 7  ? 8.723   -7.348  10.849  1.00 59.35 ? 307 MET S SD  1 
ATOM   859  C CE  . MET B 2 7  ? 8.041   -5.764  11.323  1.00 60.47 ? 307 MET S CE  1 
ATOM   860  N N   . ASP B 2 8  ? 12.937  -10.775 12.218  1.00 57.03 ? 308 ASP S N   1 
ATOM   861  C CA  . ASP B 2 8  ? 13.654  -11.976 11.764  1.00 57.83 ? 308 ASP S CA  1 
ATOM   862  C C   . ASP B 2 8  ? 14.114  -12.770 12.981  1.00 57.64 ? 308 ASP S C   1 
ATOM   863  O O   . ASP B 2 8  ? 13.932  -13.994 13.039  1.00 57.93 ? 308 ASP S O   1 
ATOM   864  C CB  . ASP B 2 8  ? 14.871  -11.631 10.889  1.00 58.27 ? 308 ASP S CB  1 
ATOM   865  C CG  . ASP B 2 8  ? 14.486  -11.127 9.509   1.00 61.35 ? 308 ASP S CG  1 
ATOM   866  O OD1 . ASP B 2 8  ? 13.342  -11.375 9.053   1.00 63.90 ? 308 ASP S OD1 1 
ATOM   867  O OD2 . ASP B 2 8  ? 15.341  -10.485 8.873   1.00 64.12 ? 308 ASP S OD2 1 
ATOM   868  N N   . GLN B 2 9  ? 14.616  -12.050 13.971  1.00 57.56 ? 309 GLN S N   1 
ATOM   869  C CA  . GLN B 2 9  ? 15.120  -12.653 15.204  1.00 58.41 ? 309 GLN S CA  1 
ATOM   870  C C   . GLN B 2 9  ? 14.035  -13.316 16.078  1.00 58.42 ? 309 GLN S C   1 
ATOM   871  O O   . GLN B 2 9  ? 14.240  -14.387 16.594  1.00 59.58 ? 309 GLN S O   1 
ATOM   872  C CB  . GLN B 2 9  ? 15.863  -11.593 15.989  1.00 58.05 ? 309 GLN S CB  1 
ATOM   873  C CG  . GLN B 2 9  ? 16.462  -12.023 17.308  1.00 59.08 ? 309 GLN S CG  1 
ATOM   874  C CD  . GLN B 2 9  ? 17.062  -10.832 18.032  1.00 60.53 ? 309 GLN S CD  1 
ATOM   875  O OE1 . GLN B 2 9  ? 16.991  -9.695  17.541  1.00 65.62 ? 309 GLN S OE1 1 
ATOM   876  N NE2 . GLN B 2 9  ? 17.650  -11.074 19.194  1.00 64.47 ? 309 GLN S NE2 1 
ATOM   877  N N   . LEU B 2 10 ? 12.912  -12.652 16.272  1.00 58.26 ? 310 LEU S N   1 
ATOM   878  C CA  . LEU B 2 10 ? 11.802  -13.228 16.951  1.00 58.18 ? 310 LEU S CA  1 
ATOM   879  C C   . LEU B 2 10 ? 11.313  -14.483 16.219  1.00 59.32 ? 310 LEU S C   1 
ATOM   880  O O   . LEU B 2 10 ? 11.100  -15.519 16.852  1.00 59.04 ? 310 LEU S O   1 
ATOM   881  C CB  . LEU B 2 10 ? 10.659  -12.202 17.059  1.00 58.01 ? 310 LEU S CB  1 
ATOM   882  C CG  . LEU B 2 10 ? 9.365   -12.675 17.735  1.00 58.19 ? 310 LEU S CG  1 
ATOM   883  C CD1 . LEU B 2 10 ? 9.629   -13.220 19.131  1.00 56.99 ? 310 LEU S CD1 1 
ATOM   884  C CD2 . LEU B 2 10 ? 8.278   -11.588 17.778  1.00 56.38 ? 310 LEU S CD2 1 
ATOM   885  N N   . LEU B 2 11 ? 11.086  -14.392 14.898  1.00 58.95 ? 311 LEU S N   1 
ATOM   886  C CA  . LEU B 2 11 ? 10.609  -15.560 14.178  1.00 59.09 ? 311 LEU S CA  1 
ATOM   887  C C   . LEU B 2 11 ? 11.575  -16.775 14.333  1.00 59.48 ? 311 LEU S C   1 
ATOM   888  O O   . LEU B 2 11 ? 11.095  -17.888 14.545  1.00 59.27 ? 311 LEU S O   1 
ATOM   889  C CB  . LEU B 2 11 ? 10.347  -15.253 12.690  1.00 58.83 ? 311 LEU S CB  1 
ATOM   890  C CG  . LEU B 2 11 ? 9.816   -16.394 11.842  1.00 59.87 ? 311 LEU S CG  1 
ATOM   891  C CD1 . LEU B 2 11 ? 8.366   -16.768 12.262  1.00 57.89 ? 311 LEU S CD1 1 
ATOM   892  C CD2 . LEU B 2 11 ? 9.870   -16.074 10.296  1.00 57.16 ? 311 LEU S CD2 1 
ATOM   893  N N   . GLN B 2 12 ? 12.901  -16.582 14.259  1.00 59.48 ? 312 GLN S N   1 
ATOM   894  C CA  . GLN B 2 12 ? 13.799  -17.723 14.508  1.00 59.92 ? 312 GLN S CA  1 
ATOM   895  C C   . GLN B 2 12 ? 13.739  -18.245 15.926  1.00 59.51 ? 312 GLN S C   1 
ATOM   896  O O   . GLN B 2 12 ? 13.848  -19.447 16.114  1.00 58.44 ? 312 GLN S O   1 
ATOM   897  C CB  . GLN B 2 12 ? 15.242  -17.567 13.967  1.00 60.60 ? 312 GLN S CB  1 
ATOM   898  C CG  . GLN B 2 12 ? 16.339  -17.047 14.800  1.00 64.57 ? 312 GLN S CG  1 
ATOM   899  C CD  . GLN B 2 12 ? 16.790  -17.889 16.004  1.00 66.89 ? 312 GLN S CD  1 
ATOM   900  O OE1 . GLN B 2 12 ? 17.035  -17.309 17.059  1.00 70.94 ? 312 GLN S OE1 1 
ATOM   901  N NE2 . GLN B 2 12 ? 16.938  -19.210 15.856  1.00 64.91 ? 312 GLN S NE2 1 
ATOM   902  N N   . MET B 2 13 ? 13.538  -17.358 16.892  1.00 58.74 ? 313 MET S N   1 
ATOM   903  C CA  . MET B 2 13 ? 13.441  -17.758 18.306  1.00 59.19 ? 313 MET S CA  1 
ATOM   904  C C   . MET B 2 13 ? 12.230  -18.664 18.539  1.00 58.28 ? 313 MET S C   1 
ATOM   905  O O   . MET B 2 13 ? 12.351  -19.709 19.204  1.00 57.73 ? 313 MET S O   1 
ATOM   906  C CB  . MET B 2 13 ? 13.351  -16.531 19.223  1.00 58.62 ? 313 MET S CB  1 
ATOM   907  C CG  . MET B 2 13 ? 14.690  -15.858 19.461  1.00 60.56 ? 313 MET S CG  1 
ATOM   908  S SD  . MET B 2 13 ? 14.606  -14.263 20.320  1.00 63.76 ? 313 MET S SD  1 
ATOM   909  C CE  . MET B 2 13 ? 14.987  -14.739 21.995  1.00 61.34 ? 313 MET S CE  1 
ATOM   910  N N   . LEU B 2 14 ? 11.086  -18.265 17.980  1.00 56.56 ? 314 LEU S N   1 
ATOM   911  C CA  . LEU B 2 14 ? 9.844   -19.025 18.104  1.00 56.73 ? 314 LEU S CA  1 
ATOM   912  C C   . LEU B 2 14 ? 9.965   -20.340 17.383  1.00 56.35 ? 314 LEU S C   1 
ATOM   913  O O   . LEU B 2 14 ? 9.701   -21.395 17.945  1.00 56.29 ? 314 LEU S O   1 
ATOM   914  C CB  . LEU B 2 14 ? 8.658   -18.245 17.522  1.00 56.23 ? 314 LEU S CB  1 
ATOM   915  C CG  . LEU B 2 14 ? 8.289   -17.029 18.340  1.00 56.16 ? 314 LEU S CG  1 
ATOM   916  C CD1 . LEU B 2 14 ? 7.476   -16.034 17.485  1.00 54.99 ? 314 LEU S CD1 1 
ATOM   917  C CD2 . LEU B 2 14 ? 7.565   -17.437 19.653  1.00 54.02 ? 314 LEU S CD2 1 
ATOM   918  N N   . GLN B 2 15 ? 10.380  -20.263 16.132  1.00 56.53 ? 315 GLN S N   1 
ATOM   919  C CA  . GLN B 2 15 ? 10.541  -21.442 15.302  1.00 56.72 ? 315 GLN S CA  1 
ATOM   920  C C   . GLN B 2 15 ? 11.412  -22.529 15.928  1.00 56.31 ? 315 GLN S C   1 
ATOM   921  O O   . GLN B 2 15 ? 11.045  -23.688 15.903  1.00 55.48 ? 315 GLN S O   1 
ATOM   922  C CB  . GLN B 2 15 ? 11.066  -21.069 13.919  1.00 56.47 ? 315 GLN S CB  1 
ATOM   923  C CG  . GLN B 2 15 ? 9.967   -20.552 13.040  1.00 55.88 ? 315 GLN S CG  1 
ATOM   924  C CD  . GLN B 2 15 ? 10.462  -20.118 11.686  1.00 58.08 ? 315 GLN S CD  1 
ATOM   925  O OE1 . GLN B 2 15 ? 11.656  -19.936 11.497  1.00 60.76 ? 315 GLN S OE1 1 
ATOM   926  N NE2 . GLN B 2 15 ? 9.537   -19.922 10.737  1.00 57.72 ? 315 GLN S NE2 1 
ATOM   927  N N   . SER B 2 16 ? 12.528  -22.141 16.538  1.00 56.86 ? 316 SER S N   1 
ATOM   928  C CA  . SER B 2 16 ? 13.469  -23.079 17.113  1.00 55.87 ? 316 SER S CA  1 
ATOM   929  C C   . SER B 2 16 ? 13.096  -23.539 18.530  1.00 56.58 ? 316 SER S C   1 
ATOM   930  O O   . SER B 2 16 ? 13.824  -24.336 19.135  1.00 55.87 ? 316 SER S O   1 
ATOM   931  C CB  . SER B 2 16 ? 14.859  -22.466 17.109  1.00 56.30 ? 316 SER S CB  1 
ATOM   932  O OG  . SER B 2 16 ? 14.885  -21.259 17.809  1.00 54.39 ? 316 SER S OG  1 
ATOM   933  N N   . THR B 2 17 ? 11.974  -23.063 19.073  1.00 56.69 ? 317 THR S N   1 
ATOM   934  C CA  . THR B 2 17 ? 11.629  -23.397 20.460  1.00 56.86 ? 317 THR S CA  1 
ATOM   935  C C   . THR B 2 17 ? 10.916  -24.746 20.501  1.00 57.06 ? 317 THR S C   1 
ATOM   936  O O   . THR B 2 17 ? 9.957   -24.967 19.745  1.00 55.68 ? 317 THR S O   1 
ATOM   937  C CB  . THR B 2 17 ? 10.709  -22.359 21.131  1.00 57.19 ? 317 THR S CB  1 
ATOM   938  O OG1 . THR B 2 17 ? 11.356  -21.087 21.161  1.00 57.41 ? 317 THR S OG1 1 
ATOM   939  C CG2 . THR B 2 17 ? 10.402  -22.806 22.586  1.00 55.82 ? 317 THR S CG2 1 
ATOM   940  N N   . ASP B 2 18 ? 11.461  -25.641 21.329  1.00 57.24 ? 318 ASP S N   1 
ATOM   941  C CA  . ASP B 2 18 ? 10.922  -26.971 21.610  1.00 57.27 ? 318 ASP S CA  1 
ATOM   942  C C   . ASP B 2 18 ? 9.696   -26.794 22.510  1.00 57.14 ? 318 ASP S C   1 
ATOM   943  O O   . ASP B 2 18 ? 9.867   -26.364 23.654  1.00 57.58 ? 318 ASP S O   1 
ATOM   944  C CB  . ASP B 2 18 ? 12.005  -27.767 22.368  1.00 57.52 ? 318 ASP S CB  1 
ATOM   945  C CG  . ASP B 2 18 ? 11.522  -29.133 22.908  1.00 57.34 ? 318 ASP S CG  1 
ATOM   946  O OD1 . ASP B 2 18 ? 10.405  -29.616 22.554  1.00 58.35 ? 318 ASP S OD1 1 
ATOM   947  O OD2 . ASP B 2 18 ? 12.313  -29.737 23.675  1.00 55.85 ? 318 ASP S OD2 1 
ATOM   948  N N   . PRO B 2 19 ? 8.482   -27.118 22.013  1.00 57.36 ? 319 PRO S N   1 
ATOM   949  C CA  . PRO B 2 19 ? 7.233   -27.056 22.782  1.00 58.02 ? 319 PRO S CA  1 
ATOM   950  C C   . PRO B 2 19 ? 7.112   -28.021 23.957  1.00 58.25 ? 319 PRO S C   1 
ATOM   951  O O   . PRO B 2 19 ? 6.216   -27.824 24.769  1.00 58.50 ? 319 PRO S O   1 
ATOM   952  C CB  . PRO B 2 19 ? 6.147   -27.396 21.762  1.00 58.06 ? 319 PRO S CB  1 
ATOM   953  C CG  . PRO B 2 19 ? 6.798   -27.790 20.555  1.00 58.52 ? 319 PRO S CG  1 
ATOM   954  C CD  . PRO B 2 19 ? 8.249   -27.555 20.628  1.00 57.75 ? 319 PRO S CD  1 
ATOM   955  N N   . SER B 2 20 ? 7.979   -29.042 24.006  1.00 58.28 ? 320 SER S N   1 
ATOM   956  C CA  . SER B 2 20 ? 7.971   -30.121 24.998  1.00 59.71 ? 320 SER S CA  1 
ATOM   957  C C   . SER B 2 20 ? 8.859   -29.893 26.208  1.00 59.56 ? 320 SER S C   1 
ATOM   958  O O   . SER B 2 20 ? 8.880   -30.737 27.077  1.00 58.23 ? 320 SER S O   1 
ATOM   959  C CB  . SER B 2 20 ? 8.549   -31.417 24.390  1.00 60.40 ? 320 SER S CB  1 
ATOM   960  O OG  . SER B 2 20 ? 8.102   -31.607 23.069  1.00 65.68 ? 320 SER S OG  1 
ATOM   961  N N   . ASP B 2 21 ? 9.623   -28.797 26.218  1.00 59.89 ? 321 ASP S N   1 
ATOM   962  C CA  . ASP B 2 21 ? 10.743  -28.632 27.167  1.00 60.02 ? 321 ASP S CA  1 
ATOM   963  C C   . ASP B 2 21 ? 10.309  -28.214 28.578  1.00 59.60 ? 321 ASP S C   1 
ATOM   964  O O   . ASP B 2 21 ? 11.140  -28.195 29.465  1.00 59.53 ? 321 ASP S O   1 
ATOM   965  C CB  . ASP B 2 21 ? 11.833  -27.669 26.606  1.00 59.74 ? 321 ASP S CB  1 
ATOM   966  C CG  . ASP B 2 21 ? 11.352  -26.214 26.457  1.00 60.58 ? 321 ASP S CG  1 
ATOM   967  O OD1 . ASP B 2 21 ? 10.289  -25.863 26.979  1.00 59.27 ? 321 ASP S OD1 1 
ATOM   968  O OD2 . ASP B 2 21 ? 12.044  -25.393 25.815  1.00 63.61 ? 321 ASP S OD2 1 
ATOM   969  N N   . ASP B 2 22 ? 9.027   -27.888 28.768  1.00 59.72 ? 322 ASP S N   1 
ATOM   970  C CA  . ASP B 2 22 ? 8.492   -27.435 30.060  1.00 60.02 ? 322 ASP S CA  1 
ATOM   971  C C   . ASP B 2 22 ? 9.239   -26.221 30.605  1.00 59.95 ? 322 ASP S C   1 
ATOM   972  O O   . ASP B 2 22 ? 9.387   -26.060 31.811  1.00 59.91 ? 322 ASP S O   1 
ATOM   973  C CB  . ASP B 2 22 ? 8.529   -28.580 31.080  1.00 60.45 ? 322 ASP S CB  1 
ATOM   974  C CG  . ASP B 2 22 ? 7.819   -29.818 30.581  1.00 61.83 ? 322 ASP S CG  1 
ATOM   975  O OD1 . ASP B 2 22 ? 6.714   -29.657 30.008  1.00 65.42 ? 322 ASP S OD1 1 
ATOM   976  O OD2 . ASP B 2 22 ? 8.361   -30.935 30.735  1.00 63.23 ? 322 ASP S OD2 1 
ATOM   977  N N   . GLN B 2 23 ? 9.727   -25.388 29.693  1.00 60.19 ? 323 GLN S N   1 
ATOM   978  C CA  . GLN B 2 23 ? 10.450  -24.162 30.014  1.00 60.63 ? 323 GLN S CA  1 
ATOM   979  C C   . GLN B 2 23 ? 9.561   -22.979 29.637  1.00 60.69 ? 323 GLN S C   1 
ATOM   980  O O   . GLN B 2 23 ? 8.903   -23.027 28.603  1.00 59.88 ? 323 GLN S O   1 
ATOM   981  C CB  . GLN B 2 23 ? 11.755  -24.072 29.210  1.00 60.23 ? 323 GLN S CB  1 
ATOM   982  C CG  . GLN B 2 23 ? 12.780  -25.139 29.549  1.00 60.70 ? 323 GLN S CG  1 
ATOM   983  C CD  . GLN B 2 23 ? 13.509  -24.834 30.819  1.00 60.25 ? 323 GLN S CD  1 
ATOM   984  O OE1 . GLN B 2 23 ? 14.216  -23.835 30.904  1.00 61.25 ? 323 GLN S OE1 1 
ATOM   985  N NE2 . GLN B 2 23 ? 13.333  -25.680 31.831  1.00 60.13 ? 323 GLN S NE2 1 
ATOM   986  N N   . PRO B 2 24 ? 9.525   -21.930 30.487  1.00 61.53 ? 324 PRO S N   1 
ATOM   987  C CA  . PRO B 2 24 ? 8.834   -20.678 30.154  1.00 62.03 ? 324 PRO S CA  1 
ATOM   988  C C   . PRO B 2 24 ? 9.565   -19.906 29.068  1.00 62.89 ? 324 PRO S C   1 
ATOM   989  O O   . PRO B 2 24 ? 10.641  -20.318 28.646  1.00 63.74 ? 324 PRO S O   1 
ATOM   990  C CB  . PRO B 2 24 ? 8.813   -19.902 31.474  1.00 61.96 ? 324 PRO S CB  1 
ATOM   991  C CG  . PRO B 2 24 ? 9.852   -20.532 32.342  1.00 61.90 ? 324 PRO S CG  1 
ATOM   992  C CD  . PRO B 2 24 ? 10.117  -21.919 31.842  1.00 61.47 ? 324 PRO S CD  1 
ATOM   993  N N   . ASP B 2 25 ? 8.988   -18.817 28.578  1.00 63.42 ? 325 ASP S N   1 
ATOM   994  C CA  . ASP B 2 25 ? 9.662   -18.066 27.528  1.00 63.54 ? 325 ASP S CA  1 
ATOM   995  C C   . ASP B 2 25 ? 10.758  -17.192 28.132  1.00 63.39 ? 325 ASP S C   1 
ATOM   996  O O   . ASP B 2 25 ? 10.635  -16.700 29.249  1.00 62.65 ? 325 ASP S O   1 
ATOM   997  C CB  . ASP B 2 25 ? 8.675   -17.253 26.685  1.00 63.70 ? 325 ASP S CB  1 
ATOM   998  C CG  . ASP B 2 25 ? 7.791   -18.143 25.796  1.00 64.72 ? 325 ASP S CG  1 
ATOM   999  O OD1 . ASP B 2 25 ? 8.320   -19.070 25.142  1.00 64.73 ? 325 ASP S OD1 1 
ATOM   1000 O OD2 . ASP B 2 25 ? 6.563   -17.910 25.748  1.00 65.19 ? 325 ASP S OD2 1 
ATOM   1001 N N   . LEU B 2 26 ? 11.838  -17.022 27.372  1.00 63.90 ? 326 LEU S N   1 
ATOM   1002 C CA  . LEU B 2 26 ? 12.917  -16.091 27.745  1.00 64.17 ? 326 LEU S CA  1 
ATOM   1003 C C   . LEU B 2 26 ? 12.407  -14.643 27.850  1.00 63.92 ? 326 LEU S C   1 
ATOM   1004 O O   . LEU B 2 26 ? 11.588  -14.206 27.034  1.00 63.76 ? 326 LEU S O   1 
ATOM   1005 C CB  . LEU B 2 26 ? 14.058  -16.135 26.698  1.00 64.63 ? 326 LEU S CB  1 
ATOM   1006 C CG  . LEU B 2 26 ? 15.020  -17.341 26.631  1.00 65.27 ? 326 LEU S CG  1 
ATOM   1007 C CD1 . LEU B 2 26 ? 15.336  -17.924 28.037  1.00 65.02 ? 326 LEU S CD1 1 
ATOM   1008 C CD2 . LEU B 2 26 ? 14.497  -18.420 25.671  1.00 66.51 ? 326 LEU S CD2 1 
ATOM   1009 N N   . PRO B 2 27 ? 12.902  -13.888 28.834  1.00 63.06 ? 327 PRO S N   1 
ATOM   1010 C CA  . PRO B 2 27 ? 12.626  -12.438 28.836  1.00 62.68 ? 327 PRO S CA  1 
ATOM   1011 C C   . PRO B 2 27 ? 12.899  -11.728 27.498  1.00 62.10 ? 327 PRO S C   1 
ATOM   1012 O O   . PRO B 2 27 ? 12.133  -10.839 27.107  1.00 62.24 ? 327 PRO S O   1 
ATOM   1013 C CB  . PRO B 2 27 ? 13.565  -11.905 29.939  1.00 62.88 ? 327 PRO S CB  1 
ATOM   1014 C CG  . PRO B 2 27 ? 13.734  -13.083 30.882  1.00 62.59 ? 327 PRO S CG  1 
ATOM   1015 C CD  . PRO B 2 27 ? 13.709  -14.307 29.996  1.00 63.39 ? 327 PRO S CD  1 
ATOM   1016 N N   . GLU B 2 28 ? 13.987  -12.110 26.825  1.00 61.27 ? 328 GLU S N   1 
ATOM   1017 C CA  . GLU B 2 28 ? 14.371  -11.546 25.529  1.00 60.73 ? 328 GLU S CA  1 
ATOM   1018 C C   . GLU B 2 28 ? 13.266  -11.790 24.500  1.00 59.81 ? 328 GLU S C   1 
ATOM   1019 O O   . GLU B 2 28 ? 12.967  -10.919 23.691  1.00 59.36 ? 328 GLU S O   1 
ATOM   1020 C CB  . GLU B 2 28 ? 15.707  -12.155 25.031  1.00 60.52 ? 328 GLU S CB  1 
ATOM   1021 C CG  . GLU B 2 28 ? 16.193  -11.630 23.645  1.00 60.88 ? 328 GLU S CG  1 
ATOM   1022 C CD  . GLU B 2 28 ? 17.611  -12.110 23.226  1.00 61.64 ? 328 GLU S CD  1 
ATOM   1023 O OE1 . GLU B 2 28 ? 18.188  -13.037 23.856  1.00 59.83 ? 328 GLU S OE1 1 
ATOM   1024 O OE2 . GLU B 2 28 ? 18.145  -11.544 22.235  1.00 63.76 ? 328 GLU S OE2 1 
ATOM   1025 N N   . LEU B 2 29 ? 12.679  -12.985 24.545  1.00 59.21 ? 329 LEU S N   1 
ATOM   1026 C CA  . LEU B 2 29 ? 11.605  -13.392 23.634  1.00 58.84 ? 329 LEU S CA  1 
ATOM   1027 C C   . LEU B 2 29 ? 10.338  -12.574 23.861  1.00 58.08 ? 329 LEU S C   1 
ATOM   1028 O O   . LEU B 2 29 ? 9.787   -11.987 22.935  1.00 57.37 ? 329 LEU S O   1 
ATOM   1029 C CB  . LEU B 2 29 ? 11.293  -14.876 23.817  1.00 58.48 ? 329 LEU S CB  1 
ATOM   1030 C CG  . LEU B 2 29 ? 10.186  -15.461 22.918  1.00 59.29 ? 329 LEU S CG  1 
ATOM   1031 C CD1 . LEU B 2 29 ? 10.376  -15.064 21.516  1.00 59.10 ? 329 LEU S CD1 1 
ATOM   1032 C CD2 . LEU B 2 29 ? 10.221  -16.966 23.004  1.00 59.27 ? 329 LEU S CD2 1 
ATOM   1033 N N   . LEU B 2 30 ? 9.895   -12.531 25.108  1.00 58.17 ? 330 LEU S N   1 
ATOM   1034 C CA  . LEU B 2 30 ? 8.692   -11.790 25.479  1.00 58.58 ? 330 LEU S CA  1 
ATOM   1035 C C   . LEU B 2 30 ? 8.822   -10.314 25.124  1.00 58.74 ? 330 LEU S C   1 
ATOM   1036 O O   . LEU B 2 30 ? 7.853   -9.683  24.678  1.00 59.00 ? 330 LEU S O   1 
ATOM   1037 C CB  . LEU B 2 30 ? 8.381   -11.968 26.967  1.00 58.29 ? 330 LEU S CB  1 
ATOM   1038 C CG  . LEU B 2 30 ? 7.942   -13.370 27.383  1.00 57.86 ? 330 LEU S CG  1 
ATOM   1039 C CD1 . LEU B 2 30 ? 7.746   -13.468 28.899  1.00 56.65 ? 330 LEU S CD1 1 
ATOM   1040 C CD2 . LEU B 2 30 ? 6.672   -13.737 26.641  1.00 57.21 ? 330 LEU S CD2 1 
ATOM   1041 N N   . HIS B 2 31 ? 10.035  -9.791  25.250  1.00 58.76 ? 331 HIS S N   1 
ATOM   1042 C CA  . HIS B 2 31 ? 10.290  -8.395  24.918  1.00 58.61 ? 331 HIS S CA  1 
ATOM   1043 C C   . HIS B 2 31 ? 10.240  -8.126  23.421  1.00 57.95 ? 331 HIS S C   1 
ATOM   1044 O O   . HIS B 2 31 ? 9.606   -7.161  23.001  1.00 58.19 ? 331 HIS S O   1 
ATOM   1045 C CB  . HIS B 2 31 ? 11.627  -7.928  25.521  1.00 59.58 ? 331 HIS S CB  1 
ATOM   1046 C CG  . HIS B 2 31 ? 11.979  -6.516  25.178  1.00 59.91 ? 331 HIS S CG  1 
ATOM   1047 N ND1 . HIS B 2 31 ? 11.454  -5.438  25.854  1.00 62.79 ? 331 HIS S ND1 1 
ATOM   1048 C CD2 . HIS B 2 31 ? 12.783  -6.005  24.215  1.00 63.01 ? 331 HIS S CD2 1 
ATOM   1049 C CE1 . HIS B 2 31 ? 11.931  -4.319  25.329  1.00 64.12 ? 331 HIS S CE1 1 
ATOM   1050 N NE2 . HIS B 2 31 ? 12.742  -4.636  24.336  1.00 64.00 ? 331 HIS S NE2 1 
ATOM   1051 N N   . LEU B 2 32 ? 10.911  -8.955  22.622  1.00 57.30 ? 332 LEU S N   1 
ATOM   1052 C CA  . LEU B 2 32 ? 10.802  -8.864  21.166  1.00 57.07 ? 332 LEU S CA  1 
ATOM   1053 C C   . LEU B 2 32 ? 9.343   -8.983  20.694  1.00 56.77 ? 332 LEU S C   1 
ATOM   1054 O O   . LEU B 2 32 ? 8.913   -8.277  19.791  1.00 56.97 ? 332 LEU S O   1 
ATOM   1055 C CB  . LEU B 2 32 ? 11.647  -9.947  20.461  1.00 56.82 ? 332 LEU S CB  1 
ATOM   1056 C CG  . LEU B 2 32 ? 13.123  -9.656  20.169  1.00 56.94 ? 332 LEU S CG  1 
ATOM   1057 C CD1 . LEU B 2 32 ? 13.893  -10.925 19.800  1.00 55.60 ? 332 LEU S CD1 1 
ATOM   1058 C CD2 . LEU B 2 32 ? 13.277  -8.597  19.091  1.00 55.08 ? 332 LEU S CD2 1 
ATOM   1059 N N   . GLU B 2 33 ? 8.604   -9.909  21.292  1.00 56.62 ? 333 GLU S N   1 
ATOM   1060 C CA  . GLU B 2 33 ? 7.215   -10.142 20.948  1.00 56.98 ? 333 GLU S CA  1 
ATOM   1061 C C   . GLU B 2 33 ? 6.322   -8.891  21.129  1.00 56.93 ? 333 GLU S C   1 
ATOM   1062 O O   . GLU B 2 33 ? 5.581   -8.512  20.207  1.00 56.75 ? 333 GLU S O   1 
ATOM   1063 C CB  . GLU B 2 33 ? 6.696   -11.320 21.756  1.00 56.52 ? 333 GLU S CB  1 
ATOM   1064 C CG  . GLU B 2 33 ? 5.405   -11.848 21.265  1.00 58.67 ? 333 GLU S CG  1 
ATOM   1065 C CD  . GLU B 2 33 ? 4.914   -13.042 22.066  1.00 59.59 ? 333 GLU S CD  1 
ATOM   1066 O OE1 . GLU B 2 33 ? 5.674   -13.520 22.943  1.00 59.70 ? 333 GLU S OE1 1 
ATOM   1067 O OE2 . GLU B 2 33 ? 3.755   -13.475 21.805  1.00 62.77 ? 333 GLU S OE2 1 
ATOM   1068 N N   . ALA B 2 34 ? 6.416   -8.238  22.285  1.00 56.66 ? 334 ALA S N   1 
ATOM   1069 C CA  . ALA B 2 34 ? 5.672   -7.018  22.533  1.00 57.20 ? 334 ALA S CA  1 
ATOM   1070 C C   . ALA B 2 34 ? 6.096   -5.915  21.573  1.00 57.72 ? 334 ALA S C   1 
ATOM   1071 O O   . ALA B 2 34 ? 5.260   -5.129  21.105  1.00 56.77 ? 334 ALA S O   1 
ATOM   1072 C CB  . ALA B 2 34 ? 5.840   -6.547  23.986  1.00 57.10 ? 334 ALA S CB  1 
ATOM   1073 N N   . MET B 2 35 ? 7.389   -5.858  21.261  1.00 58.37 ? 335 MET S N   1 
ATOM   1074 C CA  . MET B 2 35 ? 7.865   -4.832  20.339  1.00 59.02 ? 335 MET S CA  1 
ATOM   1075 C C   . MET B 2 35 ? 7.309   -5.053  18.954  1.00 58.79 ? 335 MET S C   1 
ATOM   1076 O O   . MET B 2 35 ? 6.855   -4.106  18.333  1.00 59.18 ? 335 MET S O   1 
ATOM   1077 C CB  . MET B 2 35 ? 9.380   -4.804  20.273  1.00 59.12 ? 335 MET S CB  1 
ATOM   1078 C CG  . MET B 2 35 ? 10.015  -4.462  21.597  1.00 61.18 ? 335 MET S CG  1 
ATOM   1079 S SD  . MET B 2 35 ? 11.513  -3.531  21.356  1.00 63.48 ? 335 MET S SD  1 
ATOM   1080 C CE  . MET B 2 35 ? 10.896  -1.831  21.327  1.00 63.96 ? 335 MET S CE  1 
ATOM   1081 N N   . CYS B 2 36 ? 7.337   -6.294  18.471  1.00 58.78 ? 336 CYS S N   1 
ATOM   1082 C CA  . CYS B 2 36 ? 6.870   -6.578  17.106  1.00 58.58 ? 336 CYS S CA  1 
ATOM   1083 C C   . CYS B 2 36 ? 5.360   -6.356  16.992  1.00 58.52 ? 336 CYS S C   1 
ATOM   1084 O O   . CYS B 2 36 ? 4.887   -5.886  15.976  1.00 58.66 ? 336 CYS S O   1 
ATOM   1085 C CB  . CYS B 2 36 ? 7.295   -7.972  16.647  1.00 57.99 ? 336 CYS S CB  1 
ATOM   1086 S SG  . CYS B 2 36 ? 9.131   -8.148  16.405  1.00 58.68 ? 336 CYS S SG  1 
ATOM   1087 N N   . HIS B 2 37 ? 4.620   -6.652  18.062  1.00 58.96 ? 337 HIS S N   1 
ATOM   1088 C CA  . HIS B 2 37 ? 3.175   -6.398  18.125  1.00 58.72 ? 337 HIS S CA  1 
ATOM   1089 C C   . HIS B 2 37 ? 2.848   -4.890  17.956  1.00 58.58 ? 337 HIS S C   1 
ATOM   1090 O O   . HIS B 2 37 ? 1.884   -4.529  17.258  1.00 58.35 ? 337 HIS S O   1 
ATOM   1091 C CB  . HIS B 2 37 ? 2.607   -6.956  19.437  1.00 58.86 ? 337 HIS S CB  1 
ATOM   1092 C CG  . HIS B 2 37 ? 1.118   -7.133  19.440  1.00 60.13 ? 337 HIS S CG  1 
ATOM   1093 N ND1 . HIS B 2 37 ? 0.393   -7.428  18.302  1.00 62.70 ? 337 HIS S ND1 1 
ATOM   1094 C CD2 . HIS B 2 37 ? 0.219   -7.099  20.458  1.00 61.55 ? 337 HIS S CD2 1 
ATOM   1095 C CE1 . HIS B 2 37 ? -0.886  -7.558  18.621  1.00 62.42 ? 337 HIS S CE1 1 
ATOM   1096 N NE2 . HIS B 2 37 ? -1.018  -7.358  19.921  1.00 60.06 ? 337 HIS S NE2 1 
ATOM   1097 N N   . GLN B 2 38 ? 3.655   -4.021  18.563  1.00 58.20 ? 338 GLN S N   1 
ATOM   1098 C CA  . GLN B 2 38 ? 3.493   -2.583  18.385  1.00 58.41 ? 338 GLN S CA  1 
ATOM   1099 C C   . GLN B 2 38 ? 3.791   -2.127  16.953  1.00 58.08 ? 338 GLN S C   1 
ATOM   1100 O O   . GLN B 2 38 ? 3.243   -1.126  16.501  1.00 58.19 ? 338 GLN S O   1 
ATOM   1101 C CB  . GLN B 2 38 ? 4.363   -1.808  19.372  1.00 59.28 ? 338 GLN S CB  1 
ATOM   1102 C CG  . GLN B 2 38 ? 3.839   -1.781  20.820  1.00 60.60 ? 338 GLN S CG  1 
ATOM   1103 C CD  . GLN B 2 38 ? 2.638   -0.849  21.022  1.00 64.21 ? 338 GLN S CD  1 
ATOM   1104 O OE1 . GLN B 2 38 ? 2.218   -0.112  20.103  1.00 67.63 ? 338 GLN S OE1 1 
ATOM   1105 N NE2 . GLN B 2 38 ? 2.079   -0.874  22.227  1.00 61.99 ? 338 GLN S NE2 1 
ATOM   1106 N N   . MET B 2 39 ? 4.646   -2.849  16.225  1.00 57.60 ? 339 MET S N   1 
ATOM   1107 C CA  . MET B 2 39 ? 4.922   -2.508  14.826  1.00 57.39 ? 339 MET S CA  1 
ATOM   1108 C C   . MET B 2 39 ? 3.685   -2.623  13.900  1.00 57.31 ? 339 MET S C   1 
ATOM   1109 O O   . MET B 2 39 ? 3.576   -1.889  12.933  1.00 58.02 ? 339 MET S O   1 
ATOM   1110 C CB  . MET B 2 39 ? 6.070   -3.369  14.257  1.00 57.74 ? 339 MET S CB  1 
ATOM   1111 C CG  . MET B 2 39 ? 7.399   -3.129  14.945  1.00 57.60 ? 339 MET S CG  1 
ATOM   1112 S SD  . MET B 2 39 ? 8.768   -4.150  14.343  1.00 55.55 ? 339 MET S SD  1 
ATOM   1113 C CE  . MET B 2 39 ? 9.823   -4.161  15.813  1.00 55.79 ? 339 MET S CE  1 
ATOM   1114 N N   . GLY B 2 40 ? 2.748   -3.509  14.209  1.00 57.09 ? 340 GLY S N   1 
ATOM   1115 C CA  . GLY B 2 40 ? 1.605   -3.775  13.313  1.00 56.57 ? 340 GLY S CA  1 
ATOM   1116 C C   . GLY B 2 40 ? 0.715   -2.587  12.985  1.00 56.21 ? 340 GLY S C   1 
ATOM   1117 O O   . GLY B 2 40 ? 0.508   -2.258  11.806  1.00 55.61 ? 340 GLY S O   1 
ATOM   1118 N N   . PRO B 2 41 ? 0.148   -1.956  14.019  1.00 55.92 ? 341 PRO S N   1 
ATOM   1119 C CA  . PRO B 2 41 ? -0.615  -0.737  13.795  1.00 56.26 ? 341 PRO S CA  1 
ATOM   1120 C C   . PRO B 2 41 ? 0.173   0.320   13.009  1.00 56.40 ? 341 PRO S C   1 
ATOM   1121 O O   . PRO B 2 41 ? -0.402  1.024   12.208  1.00 55.82 ? 341 PRO S O   1 
ATOM   1122 C CB  . PRO B 2 41 ? -0.938  -0.259  15.213  1.00 56.31 ? 341 PRO S CB  1 
ATOM   1123 C CG  . PRO B 2 41 ? -0.874  -1.476  16.055  1.00 55.62 ? 341 PRO S CG  1 
ATOM   1124 C CD  . PRO B 2 41 ? 0.152   -2.360  15.433  1.00 55.80 ? 341 PRO S CD  1 
ATOM   1125 N N   . LEU B 2 42 ? 1.484   0.398   13.196  1.00 57.11 ? 342 LEU S N   1 
ATOM   1126 C CA  . LEU B 2 42 ? 2.270   1.448   12.550  1.00 57.63 ? 342 LEU S CA  1 
ATOM   1127 C C   . LEU B 2 42 ? 2.407   1.173   11.072  1.00 58.15 ? 342 LEU S C   1 
ATOM   1128 O O   . LEU B 2 42 ? 2.382   2.087   10.263  1.00 58.78 ? 342 LEU S O   1 
ATOM   1129 C CB  . LEU B 2 42 ? 3.656   1.562   13.188  1.00 57.55 ? 342 LEU S CB  1 
ATOM   1130 C CG  . LEU B 2 42 ? 3.658   1.951   14.662  1.00 58.46 ? 342 LEU S CG  1 
ATOM   1131 C CD1 . LEU B 2 42 ? 5.041   1.684   15.237  1.00 60.21 ? 342 LEU S CD1 1 
ATOM   1132 C CD2 . LEU B 2 42 ? 3.234   3.420   14.882  1.00 57.59 ? 342 LEU S CD2 1 
ATOM   1133 N N   . ILE B 2 43 ? 2.544   -0.100  10.739  1.00 58.23 ? 343 ILE S N   1 
ATOM   1134 C CA  . ILE B 2 43 ? 2.665   -0.547  9.370   1.00 58.91 ? 343 ILE S CA  1 
ATOM   1135 C C   . ILE B 2 43 ? 1.354   -0.367  8.621   1.00 59.36 ? 343 ILE S C   1 
ATOM   1136 O O   . ILE B 2 43 ? 1.379   0.069   7.475   1.00 59.89 ? 343 ILE S O   1 
ATOM   1137 C CB  . ILE B 2 43 ? 3.117   -2.038  9.282   1.00 58.85 ? 343 ILE S CB  1 
ATOM   1138 C CG1 . ILE B 2 43 ? 4.535   -2.226  9.818   1.00 59.03 ? 343 ILE S CG1 1 
ATOM   1139 C CG2 . ILE B 2 43 ? 3.022   -2.557  7.863   1.00 58.48 ? 343 ILE S CG2 1 
ATOM   1140 C CD1 . ILE B 2 43 ? 4.923   -3.738  10.086  1.00 58.03 ? 343 ILE S CD1 1 
ATOM   1141 N N   . ASP B 2 44 ? 0.233   -0.695  9.265   1.00 59.42 ? 344 ASP S N   1 
ATOM   1142 C CA  . ASP B 2 44 ? -1.087  -0.455  8.700   1.00 59.82 ? 344 ASP S CA  1 
ATOM   1143 C C   . ASP B 2 44 ? -1.309  1.025   8.413   1.00 59.86 ? 344 ASP S C   1 
ATOM   1144 O O   . ASP B 2 44 ? -1.943  1.366   7.421   1.00 59.55 ? 344 ASP S O   1 
ATOM   1145 C CB  . ASP B 2 44 ? -2.205  -0.893  9.643   1.00 60.28 ? 344 ASP S CB  1 
ATOM   1146 C CG  . ASP B 2 44 ? -2.144  -2.355  9.994   1.00 63.13 ? 344 ASP S CG  1 
ATOM   1147 O OD1 . ASP B 2 44 ? -1.271  -3.064  9.437   1.00 71.29 ? 344 ASP S OD1 1 
ATOM   1148 O OD2 . ASP B 2 44 ? -2.948  -2.792  10.849  1.00 64.64 ? 344 ASP S OD2 1 
ATOM   1149 N N   . GLU B 2 45 ? -0.846  1.888   9.312   1.00 60.07 ? 345 GLU S N   1 
ATOM   1150 C CA  . GLU B 2 45 ? -0.961  3.340   9.129   1.00 60.09 ? 345 GLU S CA  1 
ATOM   1151 C C   . GLU B 2 45 ? -0.211  3.805   7.874   1.00 59.77 ? 345 GLU S C   1 
ATOM   1152 O O   . GLU B 2 45 ? -0.737  4.598   7.098   1.00 59.01 ? 345 GLU S O   1 
ATOM   1153 C CB  . GLU B 2 45 ? -0.450  4.078   10.373  1.00 59.95 ? 345 GLU S CB  1 
ATOM   1154 C CG  . GLU B 2 45 ? -0.266  5.579   10.153  1.00 61.48 ? 345 GLU S CG  1 
ATOM   1155 C CD  . GLU B 2 45 ? -0.025  6.341   11.449  1.00 62.44 ? 345 GLU S CD  1 
ATOM   1156 O OE1 . GLU B 2 45 ? 0.630   5.746   12.352  1.00 66.52 ? 345 GLU S OE1 1 
ATOM   1157 O OE2 . GLU B 2 45 ? -0.481  7.518   11.549  1.00 63.31 ? 345 GLU S OE2 1 
ATOM   1158 N N   . LYS B 2 46 ? 1.005   3.272   7.673   1.00 60.00 ? 346 LYS S N   1 
ATOM   1159 C CA  . LYS B 2 46 ? 1.826   3.532   6.468   1.00 59.89 ? 346 LYS S CA  1 
ATOM   1160 C C   . LYS B 2 46 ? 1.137   3.071   5.198   1.00 60.09 ? 346 LYS S C   1 
ATOM   1161 O O   . LYS B 2 46 ? 1.121   3.777   4.169   1.00 60.43 ? 346 LYS S O   1 
ATOM   1162 C CB  . LYS B 2 46 ? 3.171   2.800   6.520   1.00 59.80 ? 346 LYS S CB  1 
ATOM   1163 C CG  . LYS B 2 46 ? 4.120   3.241   7.618   1.00 60.58 ? 346 LYS S CG  1 
ATOM   1164 C CD  . LYS B 2 46 ? 4.888   4.460   7.234   1.00 61.11 ? 346 LYS S CD  1 
ATOM   1165 C CE  . LYS B 2 46 ? 6.000   4.723   8.244   1.00 61.62 ? 346 LYS S CE  1 
ATOM   1166 N NZ  . LYS B 2 46 ? 6.484   6.127   8.084   1.00 61.52 ? 346 LYS S NZ  1 
ATOM   1167 N N   . LEU B 2 47 ? 0.617   1.856   5.250   1.00 59.54 ? 347 LEU S N   1 
ATOM   1168 C CA  . LEU B 2 47 ? -0.080  1.304   4.102   1.00 59.29 ? 347 LEU S CA  1 
ATOM   1169 C C   . LEU B 2 47 ? -1.322  2.122   3.771   1.00 59.19 ? 347 LEU S C   1 
ATOM   1170 O O   . LEU B 2 47 ? -1.535  2.427   2.627   1.00 59.43 ? 347 LEU S O   1 
ATOM   1171 C CB  . LEU B 2 47 ? -0.441  -0.157  4.330   1.00 58.41 ? 347 LEU S CB  1 
ATOM   1172 C CG  . LEU B 2 47 ? 0.789   -1.041  4.137   1.00 58.04 ? 347 LEU S CG  1 
ATOM   1173 C CD1 . LEU B 2 47 ? 0.522   -2.427  4.716   1.00 56.12 ? 347 LEU S CD1 1 
ATOM   1174 C CD2 . LEU B 2 47 ? 1.181   -1.114  2.651   1.00 55.87 ? 347 LEU S CD2 1 
ATOM   1175 N N   . GLU B 2 48 ? -2.104  2.488   4.777   1.00 59.00 ? 348 GLU S N   1 
ATOM   1176 C CA  . GLU B 2 48 ? -3.213  3.440   4.615   1.00 59.65 ? 348 GLU S CA  1 
ATOM   1177 C C   . GLU B 2 48 ? -2.786  4.719   3.827   1.00 59.96 ? 348 GLU S C   1 
ATOM   1178 O O   . GLU B 2 48 ? -3.437  5.077   2.835   1.00 59.93 ? 348 GLU S O   1 
ATOM   1179 C CB  . GLU B 2 48 ? -3.843  3.753   5.986   1.00 58.96 ? 348 GLU S CB  1 
ATOM   1180 C CG  . GLU B 2 48 ? -4.289  5.187   6.183   1.00 61.15 ? 348 GLU S CG  1 
ATOM   1181 C CD  . GLU B 2 48 ? -4.987  5.428   7.500   1.00 60.91 ? 348 GLU S CD  1 
ATOM   1182 O OE1 . GLU B 2 48 ? -6.062  6.059   7.469   1.00 62.19 ? 348 GLU S OE1 1 
ATOM   1183 O OE2 . GLU B 2 48 ? -4.472  4.987   8.561   1.00 63.74 ? 348 GLU S OE2 1 
ATOM   1184 N N   . ASP B 2 49 ? -1.686  5.370   4.238   1.00 60.26 ? 349 ASP S N   1 
ATOM   1185 C CA  . ASP B 2 49 ? -1.187  6.586   3.555   1.00 60.26 ? 349 ASP S CA  1 
ATOM   1186 C C   . ASP B 2 49 ? -0.846  6.287   2.110   1.00 59.99 ? 349 ASP S C   1 
ATOM   1187 O O   . ASP B 2 49 ? -1.303  6.979   1.202   1.00 59.12 ? 349 ASP S O   1 
ATOM   1188 C CB  . ASP B 2 49 ? 0.075   7.153   4.215   1.00 60.87 ? 349 ASP S CB  1 
ATOM   1189 C CG  . ASP B 2 49 ? -0.167  7.674   5.610   1.00 63.37 ? 349 ASP S CG  1 
ATOM   1190 O OD1 . ASP B 2 49 ? -1.042  8.538   5.776   1.00 64.39 ? 349 ASP S OD1 1 
ATOM   1191 O OD2 . ASP B 2 49 ? 0.534   7.213   6.558   1.00 69.08 ? 349 ASP S OD2 1 
ATOM   1192 N N   . ILE B 2 50 ? -0.029  5.248   1.919   1.00 60.01 ? 350 ILE S N   1 
ATOM   1193 C CA  . ILE B 2 50 ? 0.426   4.799   0.608   1.00 60.24 ? 350 ILE S CA  1 
ATOM   1194 C C   . ILE B 2 50 ? -0.752  4.464   -0.322  1.00 60.93 ? 350 ILE S C   1 
ATOM   1195 O O   . ILE B 2 50 ? -0.766  4.857   -1.507  1.00 61.02 ? 350 ILE S O   1 
ATOM   1196 C CB  . ILE B 2 50 ? 1.360   3.580   0.724   1.00 60.13 ? 350 ILE S CB  1 
ATOM   1197 C CG1 . ILE B 2 50 ? 2.706   4.002   1.333   1.00 60.61 ? 350 ILE S CG1 1 
ATOM   1198 C CG2 . ILE B 2 50 ? 1.617   2.940   -0.647  1.00 59.44 ? 350 ILE S CG2 1 
ATOM   1199 C CD1 . ILE B 2 50 ? 3.575   2.864   1.818   1.00 58.98 ? 350 ILE S CD1 1 
ATOM   1200 N N   . ASP B 2 51 ? -1.735  3.754   0.215   1.00 61.23 ? 351 ASP S N   1 
ATOM   1201 C CA  . ASP B 2 51 ? -2.917  3.411   -0.554  1.00 61.75 ? 351 ASP S CA  1 
ATOM   1202 C C   . ASP B 2 51 ? -3.672  4.678   -0.970  1.00 61.66 ? 351 ASP S C   1 
ATOM   1203 O O   . ASP B 2 51 ? -4.078  4.777   -2.110  1.00 61.45 ? 351 ASP S O   1 
ATOM   1204 C CB  . ASP B 2 51 ? -3.824  2.450   0.197   1.00 61.48 ? 351 ASP S CB  1 
ATOM   1205 C CG  . ASP B 2 51 ? -3.143  1.091   0.475   1.00 66.10 ? 351 ASP S CG  1 
ATOM   1206 O OD1 . ASP B 2 51 ? -2.269  0.656   -0.331  1.00 70.39 ? 351 ASP S OD1 1 
ATOM   1207 O OD2 . ASP B 2 51 ? -3.477  0.461   1.520   1.00 70.76 ? 351 ASP S OD2 1 
ATOM   1208 N N   . ARG B 2 52 ? -3.848  5.630   -0.059  1.00 61.08 ? 352 ARG S N   1 
ATOM   1209 C CA  . ARG B 2 52 ? -4.527  6.865   -0.405  1.00 61.75 ? 352 ARG S CA  1 
ATOM   1210 C C   . ARG B 2 52 ? -3.827  7.601   -1.575  1.00 61.34 ? 352 ARG S C   1 
ATOM   1211 O O   . ARG B 2 52 ? -4.480  7.959   -2.540  1.00 60.95 ? 352 ARG S O   1 
ATOM   1212 C CB  . ARG B 2 52 ? -4.662  7.775   0.819   1.00 61.42 ? 352 ARG S CB  1 
ATOM   1213 C CG  . ARG B 2 52 ? -5.619  8.903   0.608   1.00 62.59 ? 352 ARG S CG  1 
ATOM   1214 C CD  . ARG B 2 52 ? -5.683  9.873   1.773   1.00 64.15 ? 352 ARG S CD  1 
ATOM   1215 N NE  . ARG B 2 52 ? -4.374  10.061  2.398   1.00 67.38 ? 352 ARG S NE  1 
ATOM   1216 C CZ  . ARG B 2 52 ? -3.976  9.501   3.548   1.00 68.68 ? 352 ARG S CZ  1 
ATOM   1217 N NH1 . ARG B 2 52 ? -4.772  8.688   4.256   1.00 68.78 ? 352 ARG S NH1 1 
ATOM   1218 N NH2 . ARG B 2 52 ? -2.754  9.757   4.000   1.00 68.75 ? 352 ARG S NH2 1 
ATOM   1219 N N   . LYS B 2 53 ? -2.509  7.780   -1.486  1.00 61.19 ? 353 LYS S N   1 
ATOM   1220 C CA  . LYS B 2 53 ? -1.718  8.455   -2.515  1.00 62.05 ? 353 LYS S CA  1 
ATOM   1221 C C   . LYS B 2 53 ? -1.757  7.708   -3.847  1.00 60.83 ? 353 LYS S C   1 
ATOM   1222 O O   . LYS B 2 53 ? -1.793  8.300   -4.919  1.00 60.86 ? 353 LYS S O   1 
ATOM   1223 C CB  . LYS B 2 53 ? -0.254  8.580   -2.086  1.00 61.72 ? 353 LYS S CB  1 
ATOM   1224 C CG  . LYS B 2 53 ? 0.056   9.677   -1.095  1.00 64.76 ? 353 LYS S CG  1 
ATOM   1225 C CD  . LYS B 2 53 ? 1.062   9.140   0.003   1.00 65.08 ? 353 LYS S CD  1 
ATOM   1226 C CE  . LYS B 2 53 ? 1.877   10.266  0.688   1.00 66.58 ? 353 LYS S CE  1 
ATOM   1227 N NZ  . LYS B 2 53 ? 2.910   9.604   1.577   1.00 68.78 ? 353 LYS S NZ  1 
ATOM   1228 N N   . HIS B 2 54 ? -1.700  6.405   -3.778  1.00 59.64 ? 354 HIS S N   1 
ATOM   1229 C CA  . HIS B 2 54 ? -1.642  5.642   -4.979  1.00 59.40 ? 354 HIS S CA  1 
ATOM   1230 C C   . HIS B 2 54 ? -2.932  5.849   -5.743  1.00 59.35 ? 354 HIS S C   1 
ATOM   1231 O O   . HIS B 2 54 ? -2.896  6.043   -6.954  1.00 58.29 ? 354 HIS S O   1 
ATOM   1232 C CB  . HIS B 2 54 ? -1.418  4.154   -4.704  1.00 59.39 ? 354 HIS S CB  1 
ATOM   1233 C CG  . HIS B 2 54 ? -0.924  3.408   -5.901  1.00 59.15 ? 354 HIS S CG  1 
ATOM   1234 N ND1 . HIS B 2 54 ? -1.771  2.888   -6.856  1.00 58.79 ? 354 HIS S ND1 1 
ATOM   1235 C CD2 . HIS B 2 54 ? 0.328   3.143   -6.327  1.00 59.33 ? 354 HIS S CD2 1 
ATOM   1236 C CE1 . HIS B 2 54 ? -1.060  2.315   -7.807  1.00 58.49 ? 354 HIS S CE1 1 
ATOM   1237 N NE2 . HIS B 2 54 ? 0.219   2.447   -7.507  1.00 59.57 ? 354 HIS S NE2 1 
ATOM   1238 N N   . SER B 2 55 ? -4.060  5.812   -5.026  1.00 58.85 ? 355 SER S N   1 
ATOM   1239 C CA  . SER B 2 55 ? -5.363  6.064   -5.625  1.00 58.97 ? 355 SER S CA  1 
ATOM   1240 C C   . SER B 2 55 ? -5.463  7.466   -6.230  1.00 58.77 ? 355 SER S C   1 
ATOM   1241 O O   . SER B 2 55 ? -6.006  7.622   -7.330  1.00 58.72 ? 355 SER S O   1 
ATOM   1242 C CB  . SER B 2 55 ? -6.490  5.856   -4.626  1.00 59.30 ? 355 SER S CB  1 
ATOM   1243 O OG  . SER B 2 55 ? -6.728  7.037   -3.895  1.00 61.73 ? 355 SER S OG  1 
ATOM   1244 N N   . GLU B 2 56 ? -4.954  8.482   -5.533  1.00 58.13 ? 356 GLU S N   1 
ATOM   1245 C CA  . GLU B 2 56 ? -4.970  9.834   -6.085  1.00 58.65 ? 356 GLU S CA  1 
ATOM   1246 C C   . GLU B 2 56 ? -4.128  9.920   -7.366  1.00 57.69 ? 356 GLU S C   1 
ATOM   1247 O O   . GLU B 2 56 ? -4.559  10.483  -8.365  1.00 57.67 ? 356 GLU S O   1 
ATOM   1248 C CB  . GLU B 2 56 ? -4.507  10.872  -5.056  1.00 58.71 ? 356 GLU S CB  1 
ATOM   1249 C CG  . GLU B 2 56 ? -5.542  11.133  -3.972  1.00 59.90 ? 356 GLU S CG  1 
ATOM   1250 C CD  . GLU B 2 56 ? -4.981  11.702  -2.660  1.00 60.86 ? 356 GLU S CD  1 
ATOM   1251 O OE1 . GLU B 2 56 ? -3.744  11.805  -2.513  1.00 65.92 ? 356 GLU S OE1 1 
ATOM   1252 O OE2 . GLU B 2 56 ? -5.799  12.022  -1.741  1.00 63.63 ? 356 GLU S OE2 1 
ATOM   1253 N N   . LEU B 2 57 ? -2.929  9.367   -7.328  1.00 57.29 ? 357 LEU S N   1 
ATOM   1254 C CA  . LEU B 2 57 ? -2.038  9.435   -8.463  1.00 57.86 ? 357 LEU S CA  1 
ATOM   1255 C C   . LEU B 2 57 ? -2.530  8.581   -9.611  1.00 57.69 ? 357 LEU S C   1 
ATOM   1256 O O   . LEU B 2 57 ? -2.354  8.935   -10.774 1.00 58.39 ? 357 LEU S O   1 
ATOM   1257 C CB  . LEU B 2 57 ? -0.619  9.026   -8.084  1.00 58.13 ? 357 LEU S CB  1 
ATOM   1258 C CG  . LEU B 2 57 ? 0.270   10.198  -7.718  1.00 57.59 ? 357 LEU S CG  1 
ATOM   1259 C CD1 . LEU B 2 57 ? -0.172  10.789  -6.387  1.00 55.51 ? 357 LEU S CD1 1 
ATOM   1260 C CD2 . LEU B 2 57 ? 1.715   9.721   -7.650  1.00 57.50 ? 357 LEU S CD2 1 
ATOM   1261 N N   . SER B 2 58 ? -3.154  7.475   -9.280  1.00 57.86 ? 358 SER S N   1 
ATOM   1262 C CA  . SER B 2 58 ? -3.669  6.549   -10.266 1.00 58.69 ? 358 SER S CA  1 
ATOM   1263 C C   . SER B 2 58 ? -4.914  7.138   -10.968 1.00 58.48 ? 358 SER S C   1 
ATOM   1264 O O   . SER B 2 58 ? -5.064  7.048   -12.203 1.00 57.59 ? 358 SER S O   1 
ATOM   1265 C CB  . SER B 2 58 ? -3.938  5.206   -9.592  1.00 58.70 ? 358 SER S CB  1 
ATOM   1266 O OG  . SER B 2 58 ? -4.520  4.341   -10.512 1.00 62.48 ? 358 SER S OG  1 
ATOM   1267 N N   . GLU B 2 59 ? -5.758  7.825   -10.200 1.00 58.80 ? 359 GLU S N   1 
ATOM   1268 C CA  . GLU B 2 59 ? -6.877  8.570   -10.817 1.00 58.40 ? 359 GLU S CA  1 
ATOM   1269 C C   . GLU B 2 59 ? -6.426  9.677   -11.734 1.00 57.42 ? 359 GLU S C   1 
ATOM   1270 O O   . GLU B 2 59 ? -7.051  9.938   -12.742 1.00 56.73 ? 359 GLU S O   1 
ATOM   1271 C CB  . GLU B 2 59 ? -7.843  9.145   -9.783  1.00 58.81 ? 359 GLU S CB  1 
ATOM   1272 C CG  . GLU B 2 59 ? -9.032  9.926   -10.443 1.00 60.00 ? 359 GLU S CG  1 
ATOM   1273 C CD  . GLU B 2 59 ? -9.911  9.057   -11.397 1.00 63.33 ? 359 GLU S CD  1 
ATOM   1274 O OE1 . GLU B 2 59 ? -10.092 7.836   -11.119 1.00 61.33 ? 359 GLU S OE1 1 
ATOM   1275 O OE2 . GLU B 2 59 ? -10.424 9.608   -12.419 1.00 67.41 ? 359 GLU S OE2 1 
ATOM   1276 N N   . LEU B 2 60 ? -5.349  10.350  -11.379 1.00 57.50 ? 360 LEU S N   1 
ATOM   1277 C CA  . LEU B 2 60 ? -4.763  11.327  -12.266 1.00 57.71 ? 360 LEU S CA  1 
ATOM   1278 C C   . LEU B 2 60 ? -4.242  10.670  -13.543 1.00 57.50 ? 360 LEU S C   1 
ATOM   1279 O O   . LEU B 2 60 ? -4.413  11.209  -14.618 1.00 58.23 ? 360 LEU S O   1 
ATOM   1280 C CB  . LEU B 2 60 ? -3.622  12.084  -11.583 1.00 58.04 ? 360 LEU S CB  1 
ATOM   1281 C CG  . LEU B 2 60 ? -2.928  13.230  -12.343 1.00 58.33 ? 360 LEU S CG  1 
ATOM   1282 C CD1 . LEU B 2 60 ? -3.942  14.252  -12.949 1.00 53.00 ? 360 LEU S CD1 1 
ATOM   1283 C CD2 . LEU B 2 60 ? -1.921  13.921  -11.389 1.00 57.74 ? 360 LEU S CD2 1 
ATOM   1284 N N   . ASN B 2 61 ? -3.603  9.521   -13.416 1.00 57.50 ? 361 ASN S N   1 
ATOM   1285 C CA  . ASN B 2 61 ? -3.124  8.809   -14.594 1.00 58.13 ? 361 ASN S CA  1 
ATOM   1286 C C   . ASN B 2 61 ? -4.293  8.433   -15.538 1.00 58.51 ? 361 ASN S C   1 
ATOM   1287 O O   . ASN B 2 61 ? -4.179  8.610   -16.744 1.00 59.73 ? 361 ASN S O   1 
ATOM   1288 C CB  . ASN B 2 61 ? -2.316  7.565   -14.229 1.00 56.70 ? 361 ASN S CB  1 
ATOM   1289 C CG  . ASN B 2 61 ? -1.500  7.046   -15.403 1.00 56.89 ? 361 ASN S CG  1 
ATOM   1290 O OD1 . ASN B 2 61 ? -0.884  7.820   -16.132 1.00 59.22 ? 361 ASN S OD1 1 
ATOM   1291 N ND2 . ASN B 2 61 ? -1.501  5.748   -15.597 1.00 54.02 ? 361 ASN S ND2 1 
ATOM   1292 N N   . VAL B 2 62 ? -5.393  7.942   -14.991 1.00 57.79 ? 362 VAL S N   1 
ATOM   1293 C CA  . VAL B 2 62 ? -6.604  7.748   -15.785 1.00 57.87 ? 362 VAL S CA  1 
ATOM   1294 C C   . VAL B 2 62 ? -7.052  9.040   -16.509 1.00 58.67 ? 362 VAL S C   1 
ATOM   1295 O O   . VAL B 2 62 ? -7.334  9.012   -17.699 1.00 58.11 ? 362 VAL S O   1 
ATOM   1296 C CB  . VAL B 2 62 ? -7.725  7.129   -14.936 1.00 57.82 ? 362 VAL S CB  1 
ATOM   1297 C CG1 . VAL B 2 62 ? -9.029  7.066   -15.702 1.00 56.72 ? 362 VAL S CG1 1 
ATOM   1298 C CG2 . VAL B 2 62 ? -7.288  5.661   -14.435 1.00 55.13 ? 362 VAL S CG2 1 
ATOM   1299 N N   . LYS B 2 63 ? -7.075  10.168  -15.805 1.00 58.95 ? 363 LYS S N   1 
ATOM   1300 C CA  . LYS B 2 63 ? -7.489  11.419  -16.405 1.00 59.43 ? 363 LYS S CA  1 
ATOM   1301 C C   . LYS B 2 63 ? -6.535  11.861  -17.532 1.00 59.90 ? 363 LYS S C   1 
ATOM   1302 O O   . LYS B 2 63 ? -6.993  12.352  -18.575 1.00 60.06 ? 363 LYS S O   1 
ATOM   1303 C CB  . LYS B 2 63 ? -7.602  12.551  -15.375 1.00 59.45 ? 363 LYS S CB  1 
ATOM   1304 C CG  . LYS B 2 63 ? -8.687  12.393  -14.361 1.00 59.33 ? 363 LYS S CG  1 
ATOM   1305 C CD  . LYS B 2 63 ? -10.027 12.657  -14.926 1.00 59.62 ? 363 LYS S CD  1 
ATOM   1306 C CE  . LYS B 2 63 ? -11.101 12.674  -13.837 1.00 58.79 ? 363 LYS S CE  1 
ATOM   1307 N NZ  . LYS B 2 63 ? -12.115 13.703  -14.092 1.00 59.01 ? 363 LYS S NZ  1 
ATOM   1308 N N   . VAL B 2 64 ? -5.233  11.679  -17.308 1.00 59.68 ? 364 VAL S N   1 
ATOM   1309 C CA  . VAL B 2 64 ? -4.219  11.910  -18.337 1.00 59.74 ? 364 VAL S CA  1 
ATOM   1310 C C   . VAL B 2 64 ? -4.447  11.052  -19.594 1.00 59.62 ? 364 VAL S C   1 
ATOM   1311 O O   . VAL B 2 64 ? -4.527  11.590  -20.694 1.00 59.65 ? 364 VAL S O   1 
ATOM   1312 C CB  . VAL B 2 64 ? -2.773  11.649  -17.816 1.00 59.99 ? 364 VAL S CB  1 
ATOM   1313 C CG1 . VAL B 2 64 ? -1.766  11.600  -18.970 1.00 57.97 ? 364 VAL S CG1 1 
ATOM   1314 C CG2 . VAL B 2 64 ? -2.367  12.677  -16.772 1.00 59.07 ? 364 VAL S CG2 1 
ATOM   1315 N N   . MET B 2 65 ? -4.494  9.738   -19.440 1.00 58.84 ? 365 MET S N   1 
ATOM   1316 C CA  . MET B 2 65 ? -4.717  8.850   -20.579 1.00 59.46 ? 365 MET S CA  1 
ATOM   1317 C C   . MET B 2 65 ? -5.992  9.209   -21.380 1.00 59.04 ? 365 MET S C   1 
ATOM   1318 O O   . MET B 2 65 ? -5.976  9.254   -22.609 1.00 58.43 ? 365 MET S O   1 
ATOM   1319 C CB  . MET B 2 65 ? -4.774  7.397   -20.107 1.00 59.05 ? 365 MET S CB  1 
ATOM   1320 C CG  . MET B 2 65 ? -3.437  6.925   -19.543 1.00 60.35 ? 365 MET S CG  1 
ATOM   1321 S SD  . MET B 2 65 ? -3.438  5.211   -19.033 1.00 62.43 ? 365 MET S SD  1 
ATOM   1322 C CE  . MET B 2 65 ? -2.283  4.477   -20.200 1.00 64.21 ? 365 MET S CE  1 
ATOM   1323 N N   . GLU B 2 66 ? -7.092  9.453   -20.678 1.00 58.43 ? 366 GLU S N   1 
ATOM   1324 C CA  . GLU B 2 66 ? -8.336  9.750   -21.322 1.00 59.31 ? 366 GLU S CA  1 
ATOM   1325 C C   . GLU B 2 66 ? -8.302  11.103  -22.047 1.00 59.60 ? 366 GLU S C   1 
ATOM   1326 O O   . GLU B 2 66 ? -8.926  11.253  -23.086 1.00 60.26 ? 366 GLU S O   1 
ATOM   1327 C CB  . GLU B 2 66 ? -9.484  9.650   -20.325 1.00 59.26 ? 366 GLU S CB  1 
ATOM   1328 C CG  . GLU B 2 66 ? -9.660  8.218   -19.800 1.00 60.47 ? 366 GLU S CG  1 
ATOM   1329 C CD  . GLU B 2 66 ? -10.947 8.019   -19.070 1.00 61.30 ? 366 GLU S CD  1 
ATOM   1330 O OE1 . GLU B 2 66 ? -11.583 9.041   -18.765 1.00 67.95 ? 366 GLU S OE1 1 
ATOM   1331 O OE2 . GLU B 2 66 ? -11.351 6.863   -18.813 1.00 63.45 ? 366 GLU S OE2 1 
ATOM   1332 N N   . ALA B 2 67 ? -7.550  12.064  -21.515 1.00 59.86 ? 367 ALA S N   1 
ATOM   1333 C CA  . ALA B 2 67 ? -7.432  13.398  -22.110 1.00 59.71 ? 367 ALA S CA  1 
ATOM   1334 C C   . ALA B 2 67 ? -6.656  13.264  -23.412 1.00 59.74 ? 367 ALA S C   1 
ATOM   1335 O O   . ALA B 2 67 ? -6.964  13.935  -24.408 1.00 60.23 ? 367 ALA S O   1 
ATOM   1336 C CB  . ALA B 2 67 ? -6.690  14.361  -21.148 1.00 59.04 ? 367 ALA S CB  1 
ATOM   1337 N N   . LEU B 2 68 ? -5.642  12.402  -23.386 1.00 58.88 ? 368 LEU S N   1 
ATOM   1338 C CA  . LEU B 2 68 ? -4.773  12.225  -24.528 1.00 58.80 ? 368 LEU S CA  1 
ATOM   1339 C C   . LEU B 2 68 ? -5.518  11.447  -25.609 1.00 58.33 ? 368 LEU S C   1 
ATOM   1340 O O   . LEU B 2 68 ? -5.338  11.740  -26.782 1.00 58.69 ? 368 LEU S O   1 
ATOM   1341 C CB  . LEU B 2 68 ? -3.457  11.556  -24.145 1.00 58.17 ? 368 LEU S CB  1 
ATOM   1342 C CG  . LEU B 2 68 ? -2.473  12.269  -23.195 1.00 58.12 ? 368 LEU S CG  1 
ATOM   1343 C CD1 . LEU B 2 68 ? -1.226  11.319  -22.930 1.00 55.85 ? 368 LEU S CD1 1 
ATOM   1344 C CD2 . LEU B 2 68 ? -1.988  13.633  -23.690 1.00 58.07 ? 368 LEU S CD2 1 
ATOM   1345 N N   . SER B 2 69 ? -6.379  10.506  -25.223 1.00 57.43 ? 369 SER S N   1 
ATOM   1346 C CA  . SER B 2 69 ? -7.316  9.906   -26.179 1.00 57.81 ? 369 SER S CA  1 
ATOM   1347 C C   . SER B 2 69 ? -8.313  10.876  -26.796 1.00 56.94 ? 369 SER S C   1 
ATOM   1348 O O   . SER B 2 69 ? -8.618  10.781  -27.982 1.00 57.64 ? 369 SER S O   1 
ATOM   1349 C CB  . SER B 2 69 ? -8.100  8.768   -25.543 1.00 57.96 ? 369 SER S CB  1 
ATOM   1350 O OG  . SER B 2 69 ? -7.202  7.747   -25.209 1.00 61.24 ? 369 SER S OG  1 
ATOM   1351 N N   . LEU B 2 70 ? -8.850  11.776  -25.997 1.00 56.33 ? 370 LEU S N   1 
ATOM   1352 C CA  . LEU B 2 70 ? -9.820  12.732  -26.492 1.00 56.28 ? 370 LEU S CA  1 
ATOM   1353 C C   . LEU B 2 70 ? -9.164  13.618  -27.533 1.00 56.05 ? 370 LEU S C   1 
ATOM   1354 O O   . LEU B 2 70 ? -9.769  13.908  -28.575 1.00 56.56 ? 370 LEU S O   1 
ATOM   1355 C CB  . LEU B 2 70 ? -10.386 13.581  -25.363 1.00 55.81 ? 370 LEU S CB  1 
ATOM   1356 C CG  . LEU B 2 70 ? -11.384 14.683  -25.721 1.00 55.64 ? 370 LEU S CG  1 
ATOM   1357 C CD1 . LEU B 2 70 ? -12.658 14.115  -26.393 1.00 56.95 ? 370 LEU S CD1 1 
ATOM   1358 C CD2 . LEU B 2 70 ? -11.754 15.508  -24.487 1.00 55.62 ? 370 LEU S CD2 1 
ATOM   1359 N N   . TYR B 2 71 ? -7.941  14.051  -27.233 1.00 55.77 ? 371 TYR S N   1 
ATOM   1360 C CA  . TYR B 2 71 ? -7.150  14.858  -28.156 1.00 55.90 ? 371 TYR S CA  1 
ATOM   1361 C C   . TYR B 2 71 ? -7.038  14.168  -29.510 1.00 56.01 ? 371 TYR S C   1 
ATOM   1362 O O   . TYR B 2 71 ? -7.428  14.739  -30.517 1.00 55.84 ? 371 TYR S O   1 
ATOM   1363 C CB  . TYR B 2 71 ? -5.772  15.134  -27.580 1.00 55.16 ? 371 TYR S CB  1 
ATOM   1364 C CG  . TYR B 2 71 ? -4.852  15.901  -28.490 1.00 55.54 ? 371 TYR S CG  1 
ATOM   1365 C CD1 . TYR B 2 71 ? -4.917  17.289  -28.565 1.00 56.22 ? 371 TYR S CD1 1 
ATOM   1366 C CD2 . TYR B 2 71 ? -3.900  15.249  -29.276 1.00 57.02 ? 371 TYR S CD2 1 
ATOM   1367 C CE1 . TYR B 2 71 ? -4.056  18.019  -29.398 1.00 55.84 ? 371 TYR S CE1 1 
ATOM   1368 C CE2 . TYR B 2 71 ? -3.035  15.976  -30.130 1.00 55.10 ? 371 TYR S CE2 1 
ATOM   1369 C CZ  . TYR B 2 71 ? -3.115  17.357  -30.170 1.00 54.68 ? 371 TYR S CZ  1 
ATOM   1370 O OH  . TYR B 2 71 ? -2.292  18.099  -30.992 1.00 56.10 ? 371 TYR S OH  1 
ATOM   1371 N N   . THR B 2 72 ? -6.525  12.936  -29.520 1.00 56.55 ? 372 THR S N   1 
ATOM   1372 C CA  . THR B 2 72 ? -6.403  12.159  -30.756 1.00 56.92 ? 372 THR S CA  1 
ATOM   1373 C C   . THR B 2 72 ? -7.744  12.053  -31.496 1.00 57.00 ? 372 THR S C   1 
ATOM   1374 O O   . THR B 2 72 ? -7.797  12.258  -32.707 1.00 56.23 ? 372 THR S O   1 
ATOM   1375 C CB  . THR B 2 72 ? -5.906  10.734  -30.477 1.00 57.18 ? 372 THR S CB  1 
ATOM   1376 O OG1 . THR B 2 72 ? -4.944  10.767  -29.424 1.00 58.88 ? 372 THR S OG1 1 
ATOM   1377 C CG2 . THR B 2 72 ? -5.281  10.113  -31.722 1.00 56.69 ? 372 THR S CG2 1 
ATOM   1378 N N   . LYS B 2 73 ? -8.821  11.740  -30.766 1.00 57.23 ? 373 LYS S N   1 
ATOM   1379 C CA  . LYS B 2 73 ? -10.149 11.615  -31.381 1.00 57.69 ? 373 LYS S CA  1 
ATOM   1380 C C   . LYS B 2 73 ? -10.599 12.919  -32.061 1.00 57.73 ? 373 LYS S C   1 
ATOM   1381 O O   . LYS B 2 73 ? -11.130 12.895  -33.180 1.00 57.61 ? 373 LYS S O   1 
ATOM   1382 C CB  . LYS B 2 73 ? -11.191 11.203  -30.350 1.00 57.64 ? 373 LYS S CB  1 
ATOM   1383 C CG  . LYS B 2 73 ? -11.127 9.768   -29.917 1.00 58.33 ? 373 LYS S CG  1 
ATOM   1384 C CD  . LYS B 2 73 ? -11.857 9.605   -28.590 1.00 58.33 ? 373 LYS S CD  1 
ATOM   1385 C CE  . LYS B 2 73 ? -12.025 8.151   -28.202 1.00 59.35 ? 373 LYS S CE  1 
ATOM   1386 N NZ  . LYS B 2 73 ? -12.994 7.992   -27.088 1.00 60.01 ? 373 LYS S NZ  1 
ATOM   1387 N N   . LEU B 2 74 ? -10.384 14.047  -31.388 1.00 57.96 ? 374 LEU S N   1 
ATOM   1388 C CA  . LEU B 2 74 ? -10.793 15.343  -31.928 1.00 58.66 ? 374 LEU S CA  1 
ATOM   1389 C C   . LEU B 2 74 ? -9.943  15.735  -33.131 1.00 59.21 ? 374 LEU S C   1 
ATOM   1390 O O   . LEU B 2 74 ? -10.442 16.366  -34.078 1.00 58.04 ? 374 LEU S O   1 
ATOM   1391 C CB  . LEU B 2 74 ? -10.717 16.442  -30.864 1.00 58.39 ? 374 LEU S CB  1 
ATOM   1392 C CG  . LEU B 2 74 ? -11.808 16.431  -29.785 1.00 58.30 ? 374 LEU S CG  1 
ATOM   1393 C CD1 . LEU B 2 74 ? -11.487 17.457  -28.743 1.00 56.32 ? 374 LEU S CD1 1 
ATOM   1394 C CD2 . LEU B 2 74 ? -13.225 16.686  -30.374 1.00 54.60 ? 374 LEU S CD2 1 
ATOM   1395 N N   . MET B 2 75 ? -8.662  15.367  -33.063 1.00 60.11 ? 375 MET S N   1 
ATOM   1396 C CA  . MET B 2 75 ? -7.713  15.588  -34.146 1.00 60.90 ? 375 MET S CA  1 
ATOM   1397 C C   . MET B 2 75 ? -8.060  14.810  -35.417 1.00 61.57 ? 375 MET S C   1 
ATOM   1398 O O   . MET B 2 75 ? -7.899  15.342  -36.506 1.00 61.99 ? 375 MET S O   1 
ATOM   1399 C CB  . MET B 2 75 ? -6.283  15.237  -33.683 1.00 61.00 ? 375 MET S CB  1 
ATOM   1400 C CG  . MET B 2 75 ? -5.637  16.269  -32.759 1.00 60.71 ? 375 MET S CG  1 
ATOM   1401 S SD  . MET B 2 75 ? -5.584  17.903  -33.525 1.00 62.02 ? 375 MET S SD  1 
ATOM   1402 C CE  . MET B 2 75 ? -4.631  18.883  -32.364 1.00 60.71 ? 375 MET S CE  1 
ATOM   1403 N N   . ASN B 2 76 ? -8.540  13.570  -35.289 1.00 62.50 ? 376 ASN S N   1 
ATOM   1404 C CA  . ASN B 2 76 ? -8.873  12.751  -36.458 1.00 63.00 ? 376 ASN S CA  1 
ATOM   1405 C C   . ASN B 2 76 ? -10.303 13.011  -36.989 1.00 63.48 ? 376 ASN S C   1 
ATOM   1406 O O   . ASN B 2 76 ? -10.782 12.278  -37.855 1.00 63.40 ? 376 ASN S O   1 
ATOM   1407 C CB  . ASN B 2 76 ? -8.652  11.254  -36.155 1.00 62.83 ? 376 ASN S CB  1 
ATOM   1408 C CG  . ASN B 2 76 ? -8.513  10.379  -37.430 1.00 63.69 ? 376 ASN S CG  1 
ATOM   1409 O OD1 . ASN B 2 76 ? -8.500  10.870  -38.577 1.00 65.43 ? 376 ASN S OD1 1 
ATOM   1410 N ND2 . ASN B 2 76 ? -8.400  9.065   -37.223 1.00 64.38 ? 376 ASN S ND2 1 
ATOM   1411 N N   . GLU B 2 77 ? -10.983 14.049  -36.490 1.00 64.06 ? 377 GLU S N   1 
ATOM   1412 C CA  . GLU B 2 77 ? -12.305 14.426  -37.025 1.00 64.53 ? 377 GLU S CA  1 
ATOM   1413 C C   . GLU B 2 77 ? -12.163 15.391  -38.204 1.00 65.02 ? 377 GLU S C   1 
ATOM   1414 O O   . GLU B 2 77 ? -12.135 16.605  -38.024 1.00 65.75 ? 377 GLU S O   1 
ATOM   1415 C CB  . GLU B 2 77 ? -13.214 15.032  -35.946 1.00 64.63 ? 377 GLU S CB  1 
ATOM   1416 C CG  . GLU B 2 77 ? -13.857 13.997  -35.007 1.00 65.49 ? 377 GLU S CG  1 
ATOM   1417 C CD  . GLU B 2 77 ? -14.927 14.590  -34.066 1.00 65.28 ? 377 GLU S CD  1 
ATOM   1418 O OE1 . GLU B 2 77 ? -16.070 14.099  -34.106 1.00 65.91 ? 377 GLU S OE1 1 
ATOM   1419 O OE2 . GLU B 2 77 ? -14.638 15.534  -33.296 1.00 65.57 ? 377 GLU S OE2 1 
ATOM   1420 N N   . GLN C 2 38 ? -8.961  2.191   -14.413 1.00 79.49 ? 338 GLN C N   1 
ATOM   1421 C CA  . GLN C 2 38 ? -10.011 2.937   -13.645 1.00 79.83 ? 338 GLN C CA  1 
ATOM   1422 C C   . GLN C 2 38 ? -10.463 2.129   -12.414 1.00 79.05 ? 338 GLN C C   1 
ATOM   1423 O O   . GLN C 2 38 ? -10.715 2.685   -11.348 1.00 78.23 ? 338 GLN C O   1 
ATOM   1424 C CB  . GLN C 2 38 ? -11.206 3.327   -14.545 1.00 79.78 ? 338 GLN C CB  1 
ATOM   1425 C CG  . GLN C 2 38 ? -12.257 4.187   -13.819 1.00 80.58 ? 338 GLN C CG  1 
ATOM   1426 C CD  . GLN C 2 38 ? -13.082 5.113   -14.745 1.00 82.87 ? 338 GLN C CD  1 
ATOM   1427 O OE1 . GLN C 2 38 ? -12.528 5.928   -15.513 1.00 86.56 ? 338 GLN C OE1 1 
ATOM   1428 N NE2 . GLN C 2 38 ? -14.430 5.004   -14.653 1.00 86.31 ? 338 GLN C NE2 1 
ATOM   1429 N N   . MET C 2 39 ? -10.533 0.809   -12.560 1.00 78.99 ? 339 MET C N   1 
ATOM   1430 C CA  . MET C 2 39 ? -10.677 -0.095  -11.395 1.00 78.92 ? 339 MET C CA  1 
ATOM   1431 C C   . MET C 2 39 ? -9.528  0.100   -10.384 1.00 77.63 ? 339 MET C C   1 
ATOM   1432 O O   . MET C 2 39 ? -9.744  -0.001  -9.172  1.00 77.63 ? 339 MET C O   1 
ATOM   1433 C CB  . MET C 2 39 ? -10.770 -1.566  -11.854 1.00 79.13 ? 339 MET C CB  1 
ATOM   1434 C CG  . MET C 2 39 ? -12.044 -1.871  -12.682 1.00 80.95 ? 339 MET C CG  1 
ATOM   1435 S SD  . MET C 2 39 ? -12.313 -3.614  -13.179 1.00 82.23 ? 339 MET C SD  1 
ATOM   1436 C CE  . MET C 2 39 ? -13.267 -4.244  -11.773 1.00 85.80 ? 339 MET C CE  1 
ATOM   1437 N N   . GLY C 2 40 ? -8.327  0.396   -10.890 1.00 76.24 ? 340 GLY C N   1 
ATOM   1438 C CA  . GLY C 2 40 ? -7.150  0.707   -10.057 1.00 75.91 ? 340 GLY C CA  1 
ATOM   1439 C C   . GLY C 2 40 ? -7.333  1.646   -8.856  1.00 75.08 ? 340 GLY C C   1 
ATOM   1440 O O   . GLY C 2 40 ? -7.166  1.217   -7.700  1.00 74.68 ? 340 GLY C O   1 
ATOM   1441 N N   . PRO C 2 41 ? -7.648  2.937   -9.109  1.00 74.18 ? 341 PRO C N   1 
ATOM   1442 C CA  . PRO C 2 41 ? -7.801  3.895   -7.999  1.00 74.23 ? 341 PRO C CA  1 
ATOM   1443 C C   . PRO C 2 41 ? -8.835  3.502   -6.935  1.00 73.67 ? 341 PRO C C   1 
ATOM   1444 O O   . PRO C 2 41 ? -8.641  3.835   -5.765  1.00 73.20 ? 341 PRO C O   1 
ATOM   1445 C CB  . PRO C 2 41 ? -8.231  5.200   -8.691  1.00 73.85 ? 341 PRO C CB  1 
ATOM   1446 C CG  . PRO C 2 41 ? -7.867  5.039   -10.112 1.00 73.80 ? 341 PRO C CG  1 
ATOM   1447 C CD  . PRO C 2 41 ? -7.837  3.576   -10.423 1.00 74.23 ? 341 PRO C CD  1 
ATOM   1448 N N   . LEU C 2 42 ? -9.914  2.832   -7.356  1.00 73.46 ? 342 LEU C N   1 
ATOM   1449 C CA  . LEU C 2 42 ? -10.979 2.330   -6.454  1.00 73.82 ? 342 LEU C CA  1 
ATOM   1450 C C   . LEU C 2 42 ? -10.495 1.163   -5.591  1.00 73.39 ? 342 LEU C C   1 
ATOM   1451 O O   . LEU C 2 42 ? -10.836 1.065   -4.414  1.00 73.13 ? 342 LEU C O   1 
ATOM   1452 C CB  . LEU C 2 42 ? -12.217 1.869   -7.256  1.00 73.74 ? 342 LEU C CB  1 
ATOM   1453 C CG  . LEU C 2 42 ? -12.927 2.895   -8.158  1.00 74.61 ? 342 LEU C CG  1 
ATOM   1454 C CD1 . LEU C 2 42 ? -13.790 2.206   -9.244  1.00 74.20 ? 342 LEU C CD1 1 
ATOM   1455 C CD2 . LEU C 2 42 ? -13.754 3.885   -7.317  1.00 74.02 ? 342 LEU C CD2 1 
ATOM   1456 N N   . ILE C 2 43 ? -9.704  0.270   -6.180  1.00 73.72 ? 343 ILE C N   1 
ATOM   1457 C CA  . ILE C 2 43 ? -9.068  -0.803  -5.402  1.00 74.12 ? 343 ILE C CA  1 
ATOM   1458 C C   . ILE C 2 43 ? -8.140  -0.216  -4.327  1.00 74.21 ? 343 ILE C C   1 
ATOM   1459 O O   . ILE C 2 43 ? -8.200  -0.635  -3.164  1.00 73.85 ? 343 ILE C O   1 
ATOM   1460 C CB  . ILE C 2 43 ? -8.287  -1.787  -6.291  1.00 73.89 ? 343 ILE C CB  1 
ATOM   1461 C CG1 . ILE C 2 43 ? -9.255  -2.625  -7.121  1.00 73.72 ? 343 ILE C CG1 1 
ATOM   1462 C CG2 . ILE C 2 43 ? -7.391  -2.694  -5.434  1.00 74.04 ? 343 ILE C CG2 1 
ATOM   1463 C CD1 . ILE C 2 43 ? -8.589  -3.355  -8.291  1.00 74.68 ? 343 ILE C CD1 1 
ATOM   1464 N N   . ASP C 2 44 ? -7.322  0.770   -4.704  1.00 74.26 ? 344 ASP C N   1 
ATOM   1465 C CA  . ASP C 2 44 ? -6.469  1.469   -3.728  1.00 75.19 ? 344 ASP C CA  1 
ATOM   1466 C C   . ASP C 2 44 ? -7.282  2.070   -2.563  1.00 75.65 ? 344 ASP C C   1 
ATOM   1467 O O   . ASP C 2 44 ? -6.846  2.023   -1.396  1.00 75.47 ? 344 ASP C O   1 
ATOM   1468 C CB  . ASP C 2 44 ? -5.653  2.587   -4.396  1.00 74.98 ? 344 ASP C CB  1 
ATOM   1469 C CG  . ASP C 2 44 ? -4.664  2.075   -5.419  1.00 75.19 ? 344 ASP C CG  1 
ATOM   1470 O OD1 . ASP C 2 44 ? -4.010  1.041   -5.141  1.00 77.56 ? 344 ASP C OD1 1 
ATOM   1471 O OD2 . ASP C 2 44 ? -4.549  2.705   -6.500  1.00 74.30 ? 344 ASP C OD2 1 
ATOM   1472 N N   . GLU C 2 45 ? -8.436  2.654   -2.899  1.00 76.21 ? 345 GLU C N   1 
ATOM   1473 C CA  . GLU C 2 45 ? -9.369  3.208   -1.914  1.00 77.42 ? 345 GLU C CA  1 
ATOM   1474 C C   . GLU C 2 45 ? -9.908  2.156   -0.942  1.00 77.07 ? 345 GLU C C   1 
ATOM   1475 O O   . GLU C 2 45 ? -10.033 2.419   0.259   1.00 76.30 ? 345 GLU C O   1 
ATOM   1476 C CB  . GLU C 2 45 ? -10.581 3.820   -2.616  1.00 77.57 ? 345 GLU C CB  1 
ATOM   1477 C CG  . GLU C 2 45 ? -10.453 5.254   -3.057  1.00 79.83 ? 345 GLU C CG  1 
ATOM   1478 C CD  . GLU C 2 45 ? -11.686 5.650   -3.867  1.00 80.88 ? 345 GLU C CD  1 
ATOM   1479 O OE1 . GLU C 2 45 ? -12.804 5.651   -3.271  1.00 84.71 ? 345 GLU C OE1 1 
ATOM   1480 O OE2 . GLU C 2 45 ? -11.536 5.898   -5.097  1.00 84.00 ? 345 GLU C OE2 1 
ATOM   1481 N N   . LYS C 2 46 ? -10.276 0.994   -1.488  1.00 77.23 ? 346 LYS C N   1 
ATOM   1482 C CA  . LYS C 2 46 ? -10.780 -0.117  -0.676  1.00 77.84 ? 346 LYS C CA  1 
ATOM   1483 C C   . LYS C 2 46 ? -9.703  -0.658  0.262   1.00 77.58 ? 346 LYS C C   1 
ATOM   1484 O O   . LYS C 2 46 ? -10.000 -0.977  1.421   1.00 77.15 ? 346 LYS C O   1 
ATOM   1485 C CB  . LYS C 2 46 ? -11.381 -1.224  -1.563  1.00 77.98 ? 346 LYS C CB  1 
ATOM   1486 C CG  . LYS C 2 46 ? -12.668 -0.750  -2.296  1.00 79.44 ? 346 LYS C CG  1 
ATOM   1487 C CD  . LYS C 2 46 ? -13.779 -1.816  -2.420  1.00 79.77 ? 346 LYS C CD  1 
ATOM   1488 C CE  . LYS C 2 46 ? -15.161 -1.140  -2.631  1.00 80.89 ? 346 LYS C CE  1 
ATOM   1489 N NZ  . LYS C 2 46 ? -16.328 -2.079  -2.814  1.00 82.42 ? 346 LYS C NZ  1 
ATOM   1490 N N   . LEU C 2 47 ? -8.457  -0.721  -0.217  1.00 77.42 ? 347 LEU C N   1 
ATOM   1491 C CA  . LEU C 2 47 ? -7.321  -1.087  0.649   1.00 77.86 ? 347 LEU C CA  1 
ATOM   1492 C C   . LEU C 2 47 ? -7.069  -0.017  1.732   1.00 77.96 ? 347 LEU C C   1 
ATOM   1493 O O   . LEU C 2 47 ? -6.854  -0.345  2.899   1.00 77.75 ? 347 LEU C O   1 
ATOM   1494 C CB  . LEU C 2 47 ? -6.037  -1.356  -0.171  1.00 77.79 ? 347 LEU C CB  1 
ATOM   1495 C CG  . LEU C 2 47 ? -5.936  -2.703  -0.913  1.00 77.80 ? 347 LEU C CG  1 
ATOM   1496 C CD1 . LEU C 2 47 ? -4.857  -2.682  -2.015  1.00 76.81 ? 347 LEU C CD1 1 
ATOM   1497 C CD2 . LEU C 2 47 ? -5.689  -3.868  0.087   1.00 76.89 ? 347 LEU C CD2 1 
ATOM   1498 N N   . GLU C 2 48 ? -7.115  1.255   1.345   1.00 78.04 ? 348 GLU C N   1 
ATOM   1499 C CA  . GLU C 2 48 ? -6.912  2.355   2.288   1.00 78.53 ? 348 GLU C CA  1 
ATOM   1500 C C   . GLU C 2 48 ? -7.829  2.235   3.519   1.00 78.72 ? 348 GLU C C   1 
ATOM   1501 O O   . GLU C 2 48 ? -7.396  2.470   4.653   1.00 77.76 ? 348 GLU C O   1 
ATOM   1502 C CB  . GLU C 2 48 ? -7.151  3.686   1.572   1.00 78.36 ? 348 GLU C CB  1 
ATOM   1503 C CG  . GLU C 2 48 ? -6.915  4.955   2.402   1.00 78.35 ? 348 GLU C CG  1 
ATOM   1504 C CD  . GLU C 2 48 ? -7.575  6.191   1.766   1.00 79.17 ? 348 GLU C CD  1 
ATOM   1505 O OE1 . GLU C 2 48 ? -7.871  6.174   0.539   1.00 77.93 ? 348 GLU C OE1 1 
ATOM   1506 O OE2 . GLU C 2 48 ? -7.792  7.180   2.498   1.00 81.12 ? 348 GLU C OE2 1 
ATOM   1507 N N   . ASP C 2 49 ? -9.091  1.881   3.265   1.00 79.60 ? 349 ASP C N   1 
ATOM   1508 C CA  . ASP C 2 49 ? -10.109 1.674   4.305   1.00 80.33 ? 349 ASP C CA  1 
ATOM   1509 C C   . ASP C 2 49 ? -9.854  0.430   5.160   1.00 80.39 ? 349 ASP C C   1 
ATOM   1510 O O   . ASP C 2 49 ? -9.966  0.472   6.398   1.00 79.78 ? 349 ASP C O   1 
ATOM   1511 C CB  . ASP C 2 49 ? -11.499 1.548   3.653   1.00 81.09 ? 349 ASP C CB  1 
ATOM   1512 C CG  . ASP C 2 49 ? -12.025 2.882   3.102   1.00 83.42 ? 349 ASP C CG  1 
ATOM   1513 O OD1 . ASP C 2 49 ? -11.598 3.962   3.607   1.00 86.77 ? 349 ASP C OD1 1 
ATOM   1514 O OD2 . ASP C 2 49 ? -12.874 2.840   2.171   1.00 85.10 ? 349 ASP C OD2 1 
ATOM   1515 N N   . ILE C 2 50 ? -9.527  -0.674  4.486   1.00 80.74 ? 350 ILE C N   1 
ATOM   1516 C CA  . ILE C 2 50 ? -9.148  -1.920  5.150   1.00 81.21 ? 350 ILE C CA  1 
ATOM   1517 C C   . ILE C 2 50 ? -7.980  -1.680  6.095   1.00 81.69 ? 350 ILE C C   1 
ATOM   1518 O O   . ILE C 2 50 ? -7.991  -2.169  7.233   1.00 81.71 ? 350 ILE C O   1 
ATOM   1519 C CB  . ILE C 2 50 ? -8.804  -3.044  4.127   1.00 80.98 ? 350 ILE C CB  1 
ATOM   1520 C CG1 . ILE C 2 50 ? -10.087 -3.609  3.516   1.00 80.52 ? 350 ILE C CG1 1 
ATOM   1521 C CG2 . ILE C 2 50 ? -8.000  -4.188  4.782   1.00 80.42 ? 350 ILE C CG2 1 
ATOM   1522 C CD1 . ILE C 2 50 ? -9.873  -4.277  2.178   1.00 80.93 ? 350 ILE C CD1 1 
ATOM   1523 N N   . ASP C 2 51 ? -6.988  -0.920  5.632   1.00 82.43 ? 351 ASP C N   1 
ATOM   1524 C CA  . ASP C 2 51 ? -5.798  -0.630  6.452   1.00 83.47 ? 351 ASP C CA  1 
ATOM   1525 C C   . ASP C 2 51 ? -6.076  0.367   7.572   1.00 83.99 ? 351 ASP C C   1 
ATOM   1526 O O   . ASP C 2 51 ? -5.471  0.276   8.637   1.00 83.65 ? 351 ASP C O   1 
ATOM   1527 C CB  . ASP C 2 51 ? -4.623  -0.138  5.586   1.00 83.40 ? 351 ASP C CB  1 
ATOM   1528 C CG  . ASP C 2 51 ? -3.897  -1.288  4.867   1.00 84.01 ? 351 ASP C CG  1 
ATOM   1529 O OD1 . ASP C 2 51 ? -3.474  -2.259  5.557   1.00 85.19 ? 351 ASP C OD1 1 
ATOM   1530 O OD2 . ASP C 2 51 ? -3.750  -1.213  3.623   1.00 80.87 ? 351 ASP C OD2 1 
ATOM   1531 N N   . ARG C 2 52 ? -6.964  1.328   7.321   1.00 85.20 ? 352 ARG C N   1 
ATOM   1532 C CA  . ARG C 2 52 ? -7.425  2.248   8.370   1.00 86.22 ? 352 ARG C CA  1 
ATOM   1533 C C   . ARG C 2 52 ? -8.074  1.446   9.505   1.00 86.45 ? 352 ARG C C   1 
ATOM   1534 O O   . ARG C 2 52 ? -7.688  1.570   10.670  1.00 85.63 ? 352 ARG C O   1 
ATOM   1535 C CB  . ARG C 2 52 ? -8.435  3.255   7.809   1.00 86.03 ? 352 ARG C CB  1 
ATOM   1536 C CG  . ARG C 2 52 ? -8.852  4.344   8.801   1.00 86.67 ? 352 ARG C CG  1 
ATOM   1537 C CD  . ARG C 2 52 ? -9.921  5.272   8.212   1.00 88.81 ? 352 ARG C CD  1 
ATOM   1538 N NE  . ARG C 2 52 ? -11.070 4.522   7.687   1.00 91.65 ? 352 ARG C NE  1 
ATOM   1539 C CZ  . ARG C 2 52 ? -12.116 4.098   8.409   1.00 94.09 ? 352 ARG C CZ  1 
ATOM   1540 N NH1 . ARG C 2 52 ? -12.215 4.343   9.723   1.00 95.16 ? 352 ARG C NH1 1 
ATOM   1541 N NH2 . ARG C 2 52 ? -13.091 3.422   7.808   1.00 94.75 ? 352 ARG C NH2 1 
ATOM   1542 N N   . LYS C 2 53 ? -9.043  0.612   9.132   1.00 87.36 ? 353 LYS C N   1 
ATOM   1543 C CA  . LYS C 2 53 ? -9.765  -0.228  10.082  1.00 88.45 ? 353 LYS C CA  1 
ATOM   1544 C C   . LYS C 2 53 ? -8.846  -1.223  10.792  1.00 88.82 ? 353 LYS C C   1 
ATOM   1545 O O   . LYS C 2 53 ? -8.897  -1.350  12.020  1.00 88.60 ? 353 LYS C O   1 
ATOM   1546 C CB  . LYS C 2 53 ? -10.914 -0.962  9.382   1.00 88.87 ? 353 LYS C CB  1 
ATOM   1547 C CG  . LYS C 2 53 ? -12.102 -0.043  9.050   1.00 90.01 ? 353 LYS C CG  1 
ATOM   1548 C CD  . LYS C 2 53 ? -13.322 -0.812  8.513   1.00 89.77 ? 353 LYS C CD  1 
ATOM   1549 C CE  . LYS C 2 53 ? -14.505 0.140   8.281   1.00 90.92 ? 353 LYS C CE  1 
ATOM   1550 N NZ  . LYS C 2 53 ? -15.553 -0.462  7.410   1.00 91.51 ? 353 LYS C NZ  1 
ATOM   1551 N N   . HIS C 2 54 ? -7.997  -1.909  10.024  1.00 89.45 ? 354 HIS C N   1 
ATOM   1552 C CA  . HIS C 2 54 ? -7.045  -2.865  10.606  1.00 89.81 ? 354 HIS C CA  1 
ATOM   1553 C C   . HIS C 2 54 ? -6.070  -2.189  11.592  1.00 90.08 ? 354 HIS C C   1 
ATOM   1554 O O   . HIS C 2 54 ? -5.678  -2.801  12.586  1.00 90.08 ? 354 HIS C O   1 
ATOM   1555 C CB  . HIS C 2 54 ? -6.263  -3.611  9.508   1.00 89.89 ? 354 HIS C CB  1 
ATOM   1556 C CG  . HIS C 2 54 ? -5.493  -4.793  10.018  1.00 89.90 ? 354 HIS C CG  1 
ATOM   1557 N ND1 . HIS C 2 54 ? -4.227  -4.685  10.554  1.00 90.38 ? 354 HIS C ND1 1 
ATOM   1558 C CD2 . HIS C 2 54 ? -5.820  -6.106  10.095  1.00 91.18 ? 354 HIS C CD2 1 
ATOM   1559 C CE1 . HIS C 2 54 ? -3.800  -5.879  10.924  1.00 90.72 ? 354 HIS C CE1 1 
ATOM   1560 N NE2 . HIS C 2 54 ? -4.749  -6.759  10.658  1.00 91.72 ? 354 HIS C NE2 1 
ATOM   1561 N N   . SER C 2 55 ? -5.685  -0.941  11.318  1.00 90.32 ? 355 SER C N   1 
ATOM   1562 C CA  . SER C 2 55 ? -4.833  -0.179  12.238  1.00 91.07 ? 355 SER C CA  1 
ATOM   1563 C C   . SER C 2 55 ? -5.506  0.026   13.607  1.00 91.75 ? 355 SER C C   1 
ATOM   1564 O O   . SER C 2 55 ? -4.843  -0.026  14.650  1.00 91.52 ? 355 SER C O   1 
ATOM   1565 C CB  . SER C 2 55 ? -4.479  1.190   11.646  1.00 91.00 ? 355 SER C CB  1 
ATOM   1566 O OG  . SER C 2 55 ? -3.338  1.732   12.288  1.00 90.97 ? 355 SER C OG  1 
ATOM   1567 N N   . GLU C 2 56 ? -6.821  0.259   13.582  1.00 92.35 ? 356 GLU C N   1 
ATOM   1568 C CA  . GLU C 2 56 ? -7.588  0.561   14.788  1.00 93.03 ? 356 GLU C CA  1 
ATOM   1569 C C   . GLU C 2 56 ? -7.853  -0.690  15.643  1.00 93.13 ? 356 GLU C C   1 
ATOM   1570 O O   . GLU C 2 56 ? -7.693  -0.648  16.876  1.00 93.03 ? 356 GLU C O   1 
ATOM   1571 C CB  . GLU C 2 56 ? -8.903  1.283   14.415  1.00 93.29 ? 356 GLU C CB  1 
ATOM   1572 C CG  . GLU C 2 56 ? -8.657  2.646   13.712  1.00 94.38 ? 356 GLU C CG  1 
ATOM   1573 C CD  . GLU C 2 56 ? -9.915  3.505   13.569  1.00 94.66 ? 356 GLU C CD  1 
ATOM   1574 O OE1 . GLU C 2 56 ? -10.574 3.748   14.610  1.00 97.37 ? 356 GLU C OE1 1 
ATOM   1575 O OE2 . GLU C 2 56 ? -10.225 3.954   12.430  1.00 95.08 ? 356 GLU C OE2 1 
ATOM   1576 N N   . LEU C 2 57 ? -8.242  -1.790  14.994  1.00 93.06 ? 357 LEU C N   1 
ATOM   1577 C CA  . LEU C 2 57 ? -8.513  -3.048  15.699  1.00 93.45 ? 357 LEU C CA  1 
ATOM   1578 C C   . LEU C 2 57 ? -7.249  -3.709  16.287  1.00 93.55 ? 357 LEU C C   1 
ATOM   1579 O O   . LEU C 2 57 ? -7.279  -4.236  17.406  1.00 93.38 ? 357 LEU C O   1 
ATOM   1580 C CB  . LEU C 2 57 ? -9.265  -4.031  14.788  1.00 93.64 ? 357 LEU C CB  1 
ATOM   1581 C CG  . LEU C 2 57 ? -10.736 -3.690  14.475  1.00 94.03 ? 357 LEU C CG  1 
ATOM   1582 C CD1 . LEU C 2 57 ? -11.468 -4.933  13.944  1.00 94.58 ? 357 LEU C CD1 1 
ATOM   1583 C CD2 . LEU C 2 57 ? -11.469 -3.126  15.694  1.00 93.94 ? 357 LEU C CD2 1 
ATOM   1584 N N   . SER C 2 58 ? -6.151  -3.665  15.539  1.00 93.64 ? 358 SER C N   1 
ATOM   1585 C CA  . SER C 2 58 ? -4.849  -4.134  16.023  1.00 93.80 ? 358 SER C CA  1 
ATOM   1586 C C   . SER C 2 58 ? -4.287  -3.273  17.157  1.00 93.88 ? 358 SER C C   1 
ATOM   1587 O O   . SER C 2 58 ? -3.539  -3.777  18.004  1.00 93.72 ? 358 SER C O   1 
ATOM   1588 C CB  . SER C 2 58 ? -3.837  -4.178  14.868  1.00 93.73 ? 358 SER C CB  1 
ATOM   1589 O OG  . SER C 2 58 ? -4.252  -5.120  13.901  1.00 93.82 ? 358 SER C OG  1 
ATOM   1590 N N   . GLU C 2 59 ? -4.624  -1.978  17.145  1.00 94.24 ? 359 GLU C N   1 
ATOM   1591 C CA  . GLU C 2 59 ? -4.255  -1.033  18.222  1.00 94.52 ? 359 GLU C CA  1 
ATOM   1592 C C   . GLU C 2 59 ? -4.988  -1.381  19.525  1.00 94.19 ? 359 GLU C C   1 
ATOM   1593 O O   . GLU C 2 59 ? -4.449  -1.170  20.610  1.00 93.91 ? 359 GLU C O   1 
ATOM   1594 C CB  . GLU C 2 59 ? -4.544  0.422   17.804  1.00 94.46 ? 359 GLU C CB  1 
ATOM   1595 C CG  . GLU C 2 59 ? -3.871  1.513   18.659  1.00 95.05 ? 359 GLU C CG  1 
ATOM   1596 C CD  . GLU C 2 59 ? -4.037  2.950   18.063  1.00 96.58 ? 359 GLU C CD  1 
ATOM   1597 O OE1 . GLU C 2 59 ? -4.531  3.084   16.900  1.00 97.64 ? 359 GLU C OE1 1 
ATOM   1598 O OE2 . GLU C 2 59 ? -3.668  3.943   18.764  1.00 98.57 ? 359 GLU C OE2 1 
ATOM   1599 N N   . LEU C 2 60 ? -6.201  -1.924  19.402  1.00 94.05 ? 360 LEU C N   1 
ATOM   1600 C CA  . LEU C 2 60 ? -6.890  -2.552  20.539  1.00 94.20 ? 360 LEU C CA  1 
ATOM   1601 C C   . LEU C 2 60 ? -6.217  -3.878  20.914  1.00 93.84 ? 360 LEU C C   1 
ATOM   1602 O O   . LEU C 2 60 ? -5.988  -4.147  22.098  1.00 93.67 ? 360 LEU C O   1 
ATOM   1603 C CB  . LEU C 2 60 ? -8.400  -2.765  20.265  1.00 94.50 ? 360 LEU C CB  1 
ATOM   1604 C CG  . LEU C 2 60 ? -9.373  -1.878  21.070  1.00 95.50 ? 360 LEU C CG  1 
ATOM   1605 C CD1 . LEU C 2 60 ? -10.821 -2.015  20.559  1.00 96.09 ? 360 LEU C CD1 1 
ATOM   1606 C CD2 . LEU C 2 60 ? -9.303  -2.189  22.574  1.00 95.67 ? 360 LEU C CD2 1 
ATOM   1607 N N   . ASN C 2 61 ? -5.893  -4.690  19.909  1.00 93.50 ? 361 ASN C N   1 
ATOM   1608 C CA  . ASN C 2 61 ? -5.181  -5.956  20.130  1.00 93.41 ? 361 ASN C CA  1 
ATOM   1609 C C   . ASN C 2 61 ? -3.694  -5.774  20.478  1.00 93.19 ? 361 ASN C C   1 
ATOM   1610 O O   . ASN C 2 61 ? -3.322  -5.059  21.413  1.00 92.70 ? 361 ASN C O   1 
ATOM   1611 C CB  . ASN C 2 61 ? -5.302  -6.845  18.892  1.00 93.22 ? 361 ASN C CB  1 
ATOM   1612 C CG  . ASN C 2 61 ? -5.092  -8.318  19.205  1.00 93.34 ? 361 ASN C CG  1 
ATOM   1613 O OD1 . ASN C 2 61 ? -5.837  -8.909  19.991  1.00 91.69 ? 361 ASN C OD1 1 
ATOM   1614 N ND2 . ASN C 2 61 ? -4.082  -8.921  18.581  1.00 92.39 ? 361 ASN C ND2 1 
HETATM 1615 O O   . HOH D 3 .  ? -17.447 19.693  -18.462 1.00 42.76 ? 3   HOH H O   1 
HETATM 1616 O O   . HOH D 3 .  ? -16.551 22.173  -18.807 1.00 49.92 ? 4   HOH H O   1 
HETATM 1617 O O   . HOH D 3 .  ? -0.354  -9.618  2.638   1.00 82.79 ? 7   HOH H O   1 
HETATM 1618 O O   . HOH D 3 .  ? 2.696   -20.448 24.196  1.00 57.00 ? 8   HOH H O   1 
HETATM 1619 O O   . HOH D 3 .  ? 8.875   16.295  -8.784  1.00 77.70 ? 10  HOH H O   1 
HETATM 1620 O O   . HOH D 3 .  ? -0.264  -23.186 25.281  1.00 56.88 ? 11  HOH H O   1 
HETATM 1621 O O   . HOH D 3 .  ? 9.599   -6.170  2.948   1.00 47.45 ? 12  HOH H O   1 
HETATM 1622 O O   . HOH D 3 .  ? -2.584  -21.488 19.471  1.00 61.45 ? 14  HOH H O   1 
HETATM 1623 O O   . HOH D 3 .  ? 0.768   -9.499  0.153   1.00 76.90 ? 16  HOH H O   1 
HETATM 1624 O O   . HOH D 3 .  ? -13.631 20.197  -32.044 1.00 64.78 ? 17  HOH H O   1 
HETATM 1625 O O   . HOH D 3 .  ? -7.122  24.039  -14.255 1.00 58.88 ? 18  HOH H O   1 
HETATM 1626 O O   . HOH D 3 .  ? 1.877   10.305  -22.886 1.00 67.50 ? 19  HOH H O   1 
HETATM 1627 O O   . HOH D 3 .  ? -7.157  13.988  -11.011 1.00 45.28 ? 20  HOH H O   1 
HETATM 1628 O O   . HOH D 3 .  ? 4.048   -26.785 28.536  1.00 76.81 ? 21  HOH H O   1 
HETATM 1629 O O   . HOH D 3 .  ? 8.521   15.480  -15.521 1.00 63.50 ? 22  HOH H O   1 
HETATM 1630 O O   . HOH D 3 .  ? 7.903   -10.920 3.780   1.00 63.30 ? 23  HOH H O   1 
HETATM 1631 O O   . HOH D 3 .  ? 9.986   4.269   -10.314 1.00 65.53 ? 24  HOH H O   1 
HETATM 1632 O O   . HOH D 3 .  ? -9.466  25.395  -20.328 1.00 62.90 ? 26  HOH H O   1 
HETATM 1633 O O   . HOH D 3 .  ? -11.484 26.474  -21.571 1.00 59.60 ? 27  HOH H O   1 
HETATM 1634 O O   . HOH D 3 .  ? 8.460   13.619  -16.903 1.00 59.96 ? 28  HOH H O   1 
HETATM 1635 O O   . HOH E 3 .  ? 15.149  -26.116 20.642  1.00 45.68 ? 1   HOH S O   1 
HETATM 1636 O O   . HOH E 3 .  ? 13.905  -25.021 22.497  1.00 43.15 ? 2   HOH S O   1 
HETATM 1637 O O   . HOH E 3 .  ? 6.460   -27.103 27.524  1.00 62.15 ? 5   HOH S O   1 
HETATM 1638 O O   . HOH E 3 .  ? 14.252  -2.724  9.187   1.00 61.99 ? 9   HOH S O   1 
HETATM 1639 O O   . HOH E 3 .  ? 13.917  -15.377 10.727  1.00 48.04 ? 13  HOH S O   1 
HETATM 1640 O O   . HOH E 3 .  ? -6.355  12.553  -8.428  1.00 62.54 ? 15  HOH S O   1 
HETATM 1641 O O   . HOH E 3 .  ? 12.499  -14.149 8.836   1.00 60.00 ? 25  HOH S O   1 
HETATM 1642 O O   . HOH F 3 .  ? -2.123  0.539   -3.250  1.00 69.67 ? 6   HOH C O   1 
# 
